data_6NUW
#
_entry.id   6NUW
#
_cell.length_a   1
_cell.length_b   1
_cell.length_c   1
_cell.angle_alpha   90.00
_cell.angle_beta   90.00
_cell.angle_gamma   90.00
#
_symmetry.space_group_name_H-M   'P 1'
#
loop_
_entity.id
_entity.type
_entity.pdbx_description
1 polymer 'Inner kinetochore subunit IML3'
2 polymer 'Inner kinetochore subunit MCM21'
3 polymer 'Inner kinetochore subunit CTF19'
4 polymer 'Inner kinetochore subunit CHL4'
5 polymer 'Inner kinetochore subunit OKP1'
6 polymer 'Inner kinetochore subunit NKP1'
7 polymer 'Inner kinetochore subunit AME1'
8 polymer 'Inner kinetochore subunit CTF3,Inner kinetochore subunit CTF3'
9 polymer 'Inner kinetochore subunit NKP2'
10 polymer 'Inner kinetochore subunit Mcm22'
11 polymer 'Inner kinetochore subunit Mcm16'
12 polymer 'Unknown (unassigned)'
#
loop_
_entity_poly.entity_id
_entity_poly.type
_entity_poly.pdbx_seq_one_letter_code
_entity_poly.pdbx_strand_id
1 'polypeptide(L)'
;SNAMPYTWKFLGISKQLSLENGIAKLNQLLNLEVDLDIQTIRVPSDPDGGTAADEYIRYEMRLDISNLDEGTYSKFIFLG
NSKMEVPMFLCYCGTDNRNEVVLQWLKAEYGVIMWPIKFEQKTMIKLADASIVHVTKENIEQITWFSSKLYFEPETQDKN
LRQFSIEIPRESCEGLALGYGNTMHPYNDAIVPYIYNETGMAVERLPLTSVILAGHTKIMRESIVTSTRSLRNRVLAVVL
QSIQFTSE
;
B
2 'polypeptide(L)'
;SNAMSRIDDLQQDIESLLSEINSLEESREKLKAKIKDKRKNEESANPIVQEFEDLFDQFPQLNNFLFNEHPELEETDDKD
ISRAQADIPATPIPYEPKKRAKLENEEILPEQEWVLKTQPMVQHQMFDPGVADLLDTDILTSPSKRKRKLKIDDISTSDR
SELEDYIVLENVYRMFGITFFPLVDPIDLKIKDASGEIFVDREMLGIRLEVFSERTSQFEKPHYVLLKKRIKSNSWFLFK
HTIPSFIDVQGIFDDTNGGLVISHDDAYLFAKRVFLQLVEVQKRRQIFKDLEAKKIIHDLDLDLESSMVSFFVKDIKVEL
FVKQNEIVSCSILDDIHDFSQNNKSKWEIALLGSLDDLELKLNHSFATIFK
;
C
3 'polypeptide(L)'
;MDFTSDTTNSHDTSNSHLSLEDAVGTHHAGEADVNIDGDEKQQLSLLDDDQVRALKLQEEKDALLTRRNTLLQEIQTYQN
ILMKENNSKTKNGDILQNDITQDFLNLISISSSNPNSAISDRKRVERINGLTNLQKELVTKYDTLPLLNMNLRLSYLRDH
TYPHLQVSVQSRDRVHNDGIEVLVVNYKFCRNTMNPFEIQFKMFYKFEDSTLLKWEILRISTNVRLKAKQLLATRNFQKC
LLSLYEFDKIKSKKTGIFQNLINLLKRKTRCYLMNNSDSLIVERVIREGRLTTIKLQINFIITMPGERGKPRNCFLPMSK
ISIALWKGGERFNQIDLDEICYGLIKEYGVKTGLKEICNVCLFPDMYAR
;
D
4 'polypeptide(L)'
;SNAMSNELRLEDNYVPTSDTLVVFKQLMKLPVTVLYDLTLSWFAKFGGSFDGDIYLLTETLDLLIEKGVRRNVIVNRILY
VYWPDGLNVFQLAEIDCHLMISKPEKFKWLPSKALRGDGKPYVVKLQPAKFIENLQTDLAKIYHCHVYMFKHPSLPVLIT
RIQLFDSNNLFLSTPNIGSINKESLYNKLDKFQGKPLISRRPYYVAFPLNSPIIFHSVDKDIYARLVLQSISRTISERET
IIFKPVQKIPVKSIHNIMTLLGPSRFAESMGPWECYASANFERSPLHDYKKHQGLTGKKVMVREFDDSFLNDDENFYGKE
EPEIRRLRLEKNMIKFKGSANGVMDQKYNDLKEFNEHVHNIRNGKKNEDSGEPVYISRYSSLVPIEKVGFTLKNEINSRI
ITIKLKFNGNDIFGGLHELCDKNLINIDKVPGWLAGENGSFSGTIMNGDFQREQVAKGGLL
;
E
5 'polypeptide(L)'
;MAADRDNFLQNIENDSINNGQAMDLSPNRSSSESDSSILMNVNDIKTLRLDVAPEAKSTQSKKSLFYENSDDAEEGEIEE
RTNKEEGQYHHKGSKQLRFEVGKESTGKLQSHLSDGSATSGEGNVRPWEFRKVIQAEYRERLPRNYELKHWKKPSKIMIG
SILRLLETNTVSALDSVFEKYEKEMNQMTHGDNNEVKRIYSKKERLLEIILTKIKKKLRQAKFPSRISERDLDIEYIYSK
RQFIQNRYSQELQNNERLEAILSREQNLLEETRKLCMNLKTNNKKRLTEKLIQKDLHPVLNKAMEYTYGLESTNGFMHPD
GPVTFRNDSHELNLMLNDPIKSTADVRLDKEEVLSLLPSLKEYTKKSKELKETMGQMISDSHEEEIKEVFVPHHESHQDK
TEEDIH
;
F
6 'polypeptide(L)'
;SNAMTDTYNSISNFIENELTALLSSDDYLMDDLAGELPNEVCRLLKAQVIEKRKDAMSRGKQDLLSKEIYDNESELRASQ
SQQIMELVGDIPKYSLGSELRNRVEGEPQSTSIERLIEDVLKLPQMEVADEEEVEVENDLKVLSEYSNLRKDLILKCQAL
QIGESKLSDILSQTNSINSLTTSIKEASEDDDISEYFATYNGKLVVALEEMKLLLEEAVKTFGNSPEKREKIKKILSELK
K
;
G
7 'polypeptide(L)'
;MDRDTKLAFRLRGSHSRRTDDIDDDVIVFKTPNAVYREENSPIQSPVQPILSSPKLANSFEFPITTNNVNAQDRHEHGYQ
PLDAEDYPMIDSENKSLISESPQNVRNDEDLTTRYNFDDIPIRQLSSSITSVTTIDVLSSLFINLFENDLIPQALKDFNK
SDDDQFRKLLYKLDLRLFQTISDQMTRDLKDILDINVSNNELCYQLKQVLARKEDLNQQIISVRNEIQELKAGKDWHDLQ
NEQAKLNDKVKLNKRLNDLTSTLLGKYEGDRKIMSQDSEDDSIRDDSNILDIAHFVDLMDPYNGLLKKINKINENLSNEL
QPSLHHHHHH
;
I
8 'polypeptide(L)'
;SNAMSLILDDIILSLTNANERTPPQALKTTLSLLYEKSKQYGLSSPQLQALVRLLCETSIIDTVTKVYIVENCFLPDGYL
TKELLLEIINHLGTPTVFSRYRIQTPPVLQSALCKWLVHVYFLFPVHSEREHNISSSIWLHLWQFSFLQKWITPLVIWQA
TTPVDVKPWKLSIIKRCAMHPGYRDAPGSATLILQRFQCLVGASSQITESIITINCNRKTLKSHRNLKLDAHFLSILKRI
LSRAHPANFPADTVQNTIDMYLSEIHQLGADSIYPLRLQSLPEYVPSDSTVSLWDVTSLEQLAQNWPQLHIPNDVDYMMK
PSLNSNVLLPRKVMSRDSLKHLYSSIILIKNSRDESSSPYEWCIWQLKRCFAHQIETPQEVIPIIISVSSMDNKLSSRII
QTFCNLKYLKLDELTLKKVCGGILPLWKPELISGTREFFVKFMASIFMWSTRDGHDNNCTFSETCFYVLQMITNWVLDDK
LIALGLTLLHDMQSLLTLDKIFNNATSNRFSTMAFISSLDILTQLSKQTKSDYAIQYLIVGPDIMNKVFSSDDPLLLSAA
CRYLVATKNKLMQYPSTNKFVRMQNQYIMDLTNYLYRNKVLSSKSLFGVSPDFFKQILENLYIPTADFKNAKFFTITGIP
ALSYICIIILRRLETAENTKIKFTSGIINEETFNNFFRVHHDEIGQHGWIKGVNNIHDLRVKILMHLSNTANPYRDIAAF
LFTYLKSLSKYSVQNS(UNK)(UNK)(UNK)(UNK)(UNK)(UNK)(UNK)(UNK)(UNK)(UNK)(UNK)(UNK)
(UNK)(UNK)(UNK)(UNK)(UNK)(UNK)(UNK)(UNK)(UNK)(UNK)(UNK)(UNK)(UNK)(UNK)(UNK)(UNK)
(UNK)(UNK)(UNK)(UNK)(UNK)(UNK)(UNK)(UNK)(UNK)
;
H,Y
9 'polypeptide(L)'
;MNSEQLLHNYVSDSLLTTLISFQEFKQQLQSYTSDEQQLQHWYELLQARDARVTSELEARIKQFFITLRSRLLRFLESEQ
LSHSLSLETLIDALYKINDLLQQRLQILDDAIQEKTSELAEFENMVRSPSAGDNAIPGLLQIIQSYINLLEEN
;
J
10 'polypeptide(L)'
;(UNK)(UNK)(UNK)(UNK)(UNK)(UNK)(UNK)(UNK)(UNK)(UNK)(UNK)(UNK)(UNK)(UNK)(UNK)(UNK)
(UNK)(UNK)(UNK)(UNK)(UNK)(UNK)(UNK)(UNK)(UNK)(UNK)(UNK)(UNK)(UNK)(UNK)(UNK)(UNK)
(UNK)(UNK)(UNK)(UNK)(UNK)(UNK)(UNK)(UNK)(UNK)(UNK)(UNK)(UNK)(UNK)(UNK)(UNK)(UNK)
(UNK)(UNK)(UNK)(UNK)(UNK)(UNK)(UNK)(UNK)(UNK)(UNK)(UNK)(UNK)(UNK)(UNK)(UNK)(UNK)
(UNK)(UNK)(UNK)(UNK)(UNK)(UNK)(UNK)(UNK)(UNK)(UNK)(UNK)(UNK)(UNK)(UNK)(UNK)(UNK)
(UNK)(UNK)(UNK)(UNK)(UNK)(UNK)(UNK)(UNK)(UNK)(UNK)(UNK)(UNK)(UNK)(UNK)(UNK)(UNK)
(UNK)(UNK)(UNK)(UNK)(UNK)(UNK)(UNK)(UNK)(UNK)(UNK)(UNK)(UNK)(UNK)(UNK)(UNK)(UNK)
(UNK)(UNK)(UNK)(UNK)(UNK)(UNK)(UNK)(UNK)(UNK)(UNK)(UNK)(UNK)(UNK)(UNK)
;
X
11 'polypeptide(L)'
;(UNK)(UNK)(UNK)(UNK)(UNK)(UNK)(UNK)(UNK)(UNK)(UNK)(UNK)(UNK)(UNK)(UNK)(UNK)(UNK)
(UNK)(UNK)(UNK)(UNK)(UNK)(UNK)(UNK)(UNK)(UNK)(UNK)(UNK)(UNK)(UNK)(UNK)(UNK)(UNK)
(UNK)(UNK)(UNK)(UNK)(UNK)(UNK)(UNK)(UNK)(UNK)(UNK)(UNK)(UNK)(UNK)(UNK)(UNK)(UNK)
(UNK)(UNK)(UNK)(UNK)(UNK)(UNK)(UNK)(UNK)(UNK)(UNK)(UNK)(UNK)(UNK)(UNK)(UNK)(UNK)
(UNK)(UNK)(UNK)(UNK)(UNK)(UNK)(UNK)(UNK)(UNK)(UNK)(UNK)
;
M
12 'polypeptide(L)'
;(UNK)(UNK)(UNK)(UNK)(UNK)(UNK)(UNK)(UNK)(UNK)(UNK)(UNK)(UNK)(UNK)(UNK)(UNK)(UNK)
(UNK)(UNK)(UNK)(UNK)(UNK)(UNK)(UNK)
;
U
#
# COMPACT_ATOMS: atom_id res chain seq x y z
N ASN A 2 1.65 -25.59 16.07
CA ASN A 2 2.81 -26.39 15.73
C ASN A 2 3.94 -26.34 16.76
N ALA A 3 3.64 -26.86 17.96
CA ALA A 3 4.64 -27.16 18.98
C ALA A 3 4.29 -28.42 19.78
N MET A 4 3.34 -29.22 19.30
CA MET A 4 2.66 -30.32 19.99
C MET A 4 2.81 -31.59 19.17
N PRO A 5 2.97 -32.75 19.80
CA PRO A 5 3.49 -33.90 19.07
C PRO A 5 2.47 -34.77 18.35
N TYR A 6 1.26 -34.87 18.89
CA TYR A 6 0.38 -35.98 18.54
C TYR A 6 -0.32 -35.69 17.23
N THR A 7 0.17 -36.30 16.16
CA THR A 7 -0.33 -36.04 14.83
C THR A 7 -1.30 -37.13 14.43
N TRP A 8 -2.49 -36.76 14.03
CA TRP A 8 -3.58 -37.71 13.97
C TRP A 8 -4.21 -37.79 12.60
N LYS A 9 -3.45 -38.11 11.56
CA LYS A 9 -4.02 -38.34 10.25
C LYS A 9 -5.21 -39.30 10.29
N PHE A 10 -6.21 -39.03 9.47
CA PHE A 10 -7.47 -39.75 9.53
C PHE A 10 -7.70 -40.59 8.30
N LEU A 11 -8.65 -41.53 8.42
CA LEU A 11 -8.85 -42.50 7.36
C LEU A 11 -10.24 -43.09 7.51
N GLY A 12 -10.94 -43.25 6.40
CA GLY A 12 -12.27 -43.81 6.40
C GLY A 12 -12.31 -45.27 6.01
N ILE A 13 -13.41 -45.93 6.36
CA ILE A 13 -13.58 -47.37 6.17
C ILE A 13 -14.81 -47.60 5.31
N SER A 14 -14.67 -48.47 4.32
CA SER A 14 -15.81 -48.83 3.47
C SER A 14 -16.93 -49.47 4.26
N LYS A 15 -16.72 -50.66 4.80
CA LYS A 15 -17.77 -51.28 5.60
C LYS A 15 -17.21 -51.70 6.94
N GLN A 16 -18.08 -51.68 7.93
CA GLN A 16 -17.67 -52.02 9.28
C GLN A 16 -17.49 -53.51 9.37
N LEU A 17 -16.37 -53.94 9.91
CA LEU A 17 -16.26 -55.27 10.48
C LEU A 17 -15.69 -55.15 11.86
N SER A 18 -16.34 -55.83 12.80
CA SER A 18 -15.85 -55.87 14.16
C SER A 18 -14.54 -56.64 14.20
N LEU A 19 -13.80 -56.41 15.27
CA LEU A 19 -12.37 -56.59 15.17
C LEU A 19 -11.82 -57.66 16.08
N GLU A 20 -12.50 -57.96 17.19
CA GLU A 20 -12.02 -58.89 18.20
C GLU A 20 -11.89 -60.32 17.71
N ASN A 21 -12.45 -60.64 16.54
CA ASN A 21 -12.29 -61.97 15.98
C ASN A 21 -10.85 -62.26 15.58
N GLY A 22 -10.24 -61.35 14.83
CA GLY A 22 -8.94 -61.60 14.26
C GLY A 22 -7.86 -60.74 14.88
N ILE A 23 -8.08 -60.34 16.13
CA ILE A 23 -7.00 -59.67 16.83
C ILE A 23 -5.86 -60.64 17.10
N ALA A 24 -6.18 -61.93 17.20
CA ALA A 24 -5.15 -62.94 17.16
C ALA A 24 -4.41 -62.92 15.84
N LYS A 25 -5.09 -62.55 14.75
CA LYS A 25 -4.40 -62.55 13.46
C LYS A 25 -3.41 -61.40 13.36
N LEU A 26 -3.78 -60.23 13.84
CA LEU A 26 -2.83 -59.13 13.82
C LEU A 26 -1.70 -59.40 14.78
N ASN A 27 -2.04 -59.94 15.96
CA ASN A 27 -1.02 -60.22 16.95
C ASN A 27 -0.13 -61.36 16.49
N GLN A 28 -0.69 -62.23 15.65
CA GLN A 28 0.06 -63.25 14.97
C GLN A 28 1.05 -62.65 14.01
N LEU A 29 0.60 -61.76 13.13
CA LEU A 29 1.46 -61.33 12.04
C LEU A 29 2.56 -60.42 12.54
N LEU A 30 2.32 -59.64 13.57
CA LEU A 30 3.36 -58.72 13.99
C LEU A 30 3.97 -59.07 15.33
N ASN A 31 3.59 -60.20 15.92
CA ASN A 31 4.26 -60.85 17.04
C ASN A 31 4.30 -60.02 18.30
N LEU A 32 3.51 -58.96 18.38
CA LEU A 32 3.62 -58.02 19.48
C LEU A 32 2.23 -57.85 20.06
N GLU A 33 2.09 -58.18 21.34
CA GLU A 33 0.79 -58.14 21.99
C GLU A 33 0.27 -56.71 22.06
N VAL A 34 -0.90 -56.49 21.44
CA VAL A 34 -1.52 -55.18 21.34
C VAL A 34 -2.96 -55.31 21.79
N ASP A 35 -3.34 -54.55 22.82
CA ASP A 35 -4.71 -54.54 23.29
C ASP A 35 -5.66 -53.98 22.26
N LEU A 36 -6.78 -54.66 22.08
CA LEU A 36 -7.95 -54.06 21.47
C LEU A 36 -8.96 -53.80 22.57
N ASP A 37 -9.22 -52.54 22.83
CA ASP A 37 -10.31 -52.17 23.70
C ASP A 37 -11.56 -51.95 22.87
N ILE A 38 -12.71 -52.30 23.44
CA ILE A 38 -14.01 -52.13 22.81
C ILE A 38 -14.97 -51.56 23.85
N GLN A 39 -15.61 -50.45 23.54
CA GLN A 39 -16.50 -49.84 24.51
C GLN A 39 -17.58 -49.00 23.85
N THR A 40 -18.82 -49.22 24.27
CA THR A 40 -19.93 -48.41 23.81
C THR A 40 -19.90 -47.06 24.49
N ILE A 41 -20.06 -46.00 23.71
CA ILE A 41 -20.38 -44.69 24.24
C ILE A 41 -21.59 -44.17 23.50
N ARG A 42 -22.54 -43.62 24.22
CA ARG A 42 -23.71 -43.02 23.58
C ARG A 42 -23.58 -41.50 23.53
N VAL A 43 -22.56 -41.06 22.84
CA VAL A 43 -22.44 -39.64 22.51
C VAL A 43 -23.51 -39.30 21.48
N PRO A 44 -24.25 -38.16 21.57
CA PRO A 44 -24.22 -36.98 22.43
C PRO A 44 -24.50 -37.32 23.86
N SER A 45 -23.45 -37.27 24.66
CA SER A 45 -23.53 -37.72 26.04
C SER A 45 -24.31 -36.74 26.87
N ASP A 46 -24.32 -35.47 26.48
CA ASP A 46 -25.40 -34.57 26.83
C ASP A 46 -26.40 -34.76 25.69
N PRO A 47 -27.63 -35.26 25.96
CA PRO A 47 -28.39 -35.94 24.90
C PRO A 47 -29.04 -35.05 23.85
N ASP A 48 -28.63 -33.79 23.76
CA ASP A 48 -29.19 -32.87 22.77
C ASP A 48 -28.66 -33.17 21.37
N GLY A 49 -29.03 -34.32 20.83
CA GLY A 49 -28.73 -34.67 19.47
C GLY A 49 -29.89 -35.41 18.84
N GLY A 50 -30.96 -35.60 19.62
CA GLY A 50 -32.15 -36.29 19.17
C GLY A 50 -32.21 -37.76 19.52
N THR A 51 -31.12 -38.33 20.04
CA THR A 51 -30.96 -39.75 20.38
C THR A 51 -31.22 -40.62 19.14
N ALA A 52 -30.29 -40.50 18.19
CA ALA A 52 -30.38 -41.18 16.90
C ALA A 52 -29.10 -41.97 16.66
N ALA A 53 -29.16 -43.28 16.96
CA ALA A 53 -28.14 -44.27 16.61
C ALA A 53 -26.78 -43.92 17.20
N ASP A 54 -26.75 -43.78 18.53
CA ASP A 54 -25.53 -43.43 19.23
C ASP A 54 -24.69 -44.65 19.57
N GLU A 55 -24.91 -45.77 18.90
CA GLU A 55 -24.11 -46.96 19.18
C GLU A 55 -22.73 -46.70 18.63
N TYR A 56 -21.89 -46.18 19.50
CA TYR A 56 -20.57 -45.75 19.13
C TYR A 56 -19.60 -46.59 19.93
N ILE A 57 -18.89 -47.46 19.24
CA ILE A 57 -18.06 -48.45 19.87
C ILE A 57 -16.62 -48.21 19.39
N ARG A 58 -15.91 -47.32 20.08
CA ARG A 58 -14.58 -46.98 19.60
C ARG A 58 -13.64 -48.12 19.89
N TYR A 59 -13.14 -48.70 18.84
CA TYR A 59 -12.20 -49.78 18.99
C TYR A 59 -10.84 -49.16 19.16
N GLU A 60 -10.10 -49.62 20.16
CA GLU A 60 -8.87 -48.95 20.55
C GLU A 60 -7.76 -49.98 20.40
N MET A 61 -7.11 -49.98 19.25
CA MET A 61 -5.92 -50.78 19.07
C MET A 61 -4.85 -50.13 19.92
N ARG A 62 -4.71 -50.64 21.12
CA ARG A 62 -3.93 -49.97 22.14
C ARG A 62 -2.54 -50.58 22.07
N LEU A 63 -1.68 -49.96 21.28
CA LEU A 63 -0.33 -50.48 21.08
C LEU A 63 0.46 -50.10 22.34
N ASP A 64 0.30 -50.93 23.38
CA ASP A 64 0.81 -50.65 24.71
C ASP A 64 2.08 -51.49 24.92
N ILE A 65 3.21 -50.94 24.49
CA ILE A 65 4.51 -51.57 24.69
C ILE A 65 5.33 -50.55 25.48
N SER A 66 6.62 -50.85 25.67
CA SER A 66 7.52 -49.97 26.40
C SER A 66 7.58 -48.59 25.76
N ASN A 67 7.04 -47.60 26.48
CA ASN A 67 6.71 -46.29 25.92
C ASN A 67 8.00 -45.52 25.70
N LEU A 68 8.50 -45.55 24.46
CA LEU A 68 9.68 -44.80 24.09
C LEU A 68 9.47 -43.87 22.92
N ASP A 69 8.29 -43.87 22.30
CA ASP A 69 8.05 -43.09 21.09
C ASP A 69 6.54 -43.08 20.86
N GLU A 70 6.11 -42.30 19.88
CA GLU A 70 4.82 -42.55 19.24
C GLU A 70 4.87 -43.75 18.32
N GLY A 71 6.05 -44.21 17.95
CA GLY A 71 6.26 -45.54 17.42
C GLY A 71 6.27 -46.64 18.46
N THR A 72 6.08 -46.30 19.74
CA THR A 72 5.89 -47.27 20.82
C THR A 72 4.50 -47.19 21.43
N TYR A 73 4.09 -46.01 21.86
CA TYR A 73 2.69 -45.71 22.11
C TYR A 73 2.07 -45.26 20.79
N SER A 74 1.31 -46.14 20.15
CA SER A 74 0.71 -45.81 18.86
C SER A 74 -0.75 -46.22 18.83
N LYS A 75 -1.50 -45.73 19.81
CA LYS A 75 -2.91 -46.04 19.96
C LYS A 75 -3.70 -45.67 18.72
N PHE A 76 -4.64 -46.51 18.35
CA PHE A 76 -5.56 -46.18 17.29
C PHE A 76 -6.95 -46.09 17.89
N ILE A 77 -7.85 -45.39 17.20
CA ILE A 77 -9.25 -45.31 17.58
C ILE A 77 -10.08 -45.58 16.34
N PHE A 78 -11.04 -46.49 16.43
CA PHE A 78 -11.87 -46.90 15.31
C PHE A 78 -13.32 -46.70 15.75
N LEU A 79 -13.97 -45.62 15.37
CA LEU A 79 -15.33 -45.40 15.84
C LEU A 79 -16.32 -45.87 14.81
N GLY A 80 -17.33 -46.60 15.27
CA GLY A 80 -18.28 -47.23 14.37
C GLY A 80 -19.71 -46.96 14.74
N ASN A 81 -20.55 -46.87 13.72
CA ASN A 81 -21.99 -46.86 13.87
C ASN A 81 -22.57 -47.56 12.65
N SER A 82 -23.27 -48.66 12.88
CA SER A 82 -23.83 -49.43 11.78
C SER A 82 -24.97 -48.69 11.12
N LYS A 83 -25.74 -47.93 11.88
CA LYS A 83 -26.94 -47.29 11.35
C LYS A 83 -26.63 -45.96 10.67
N MET A 84 -25.37 -45.71 10.37
CA MET A 84 -24.98 -44.62 9.51
C MET A 84 -24.27 -45.20 8.31
N GLU A 85 -24.36 -44.51 7.19
CA GLU A 85 -24.12 -45.11 5.88
C GLU A 85 -22.66 -45.50 5.71
N VAL A 86 -21.75 -44.54 5.67
CA VAL A 86 -20.37 -44.91 5.95
C VAL A 86 -20.26 -45.23 7.43
N PRO A 87 -19.81 -46.38 7.80
CA PRO A 87 -20.08 -46.87 9.14
C PRO A 87 -19.03 -46.53 10.17
N MET A 88 -17.83 -46.18 9.72
CA MET A 88 -16.67 -46.43 10.56
C MET A 88 -15.52 -45.66 9.99
N PHE A 89 -14.69 -45.07 10.84
CA PHE A 89 -13.44 -44.56 10.31
C PHE A 89 -12.29 -45.07 11.17
N LEU A 90 -11.10 -44.75 10.68
CA LEU A 90 -9.86 -45.10 11.33
C LEU A 90 -9.11 -43.83 11.63
N CYS A 91 -8.82 -43.56 12.88
CA CYS A 91 -7.79 -42.58 13.14
C CYS A 91 -6.49 -43.34 13.28
N TYR A 92 -5.39 -42.59 13.30
CA TYR A 92 -4.15 -43.13 13.82
C TYR A 92 -3.24 -42.01 14.20
N CYS A 93 -2.57 -42.16 15.33
CA CYS A 93 -1.64 -41.15 15.79
C CYS A 93 -0.29 -41.33 15.11
N GLY A 94 0.73 -40.71 15.68
CA GLY A 94 2.16 -40.84 15.56
C GLY A 94 2.69 -41.04 14.16
N THR A 95 3.82 -41.74 14.10
CA THR A 95 4.61 -41.90 12.88
C THR A 95 5.23 -43.28 12.74
N ASP A 96 4.63 -44.29 13.35
CA ASP A 96 5.22 -45.62 13.37
C ASP A 96 5.18 -46.25 11.98
N ASN A 97 6.09 -47.19 11.75
CA ASN A 97 6.06 -47.99 10.54
C ASN A 97 5.25 -49.26 10.72
N ARG A 98 4.85 -49.58 11.95
CA ARG A 98 3.98 -50.72 12.15
C ARG A 98 2.59 -50.47 11.60
N ASN A 99 2.17 -49.20 11.56
CA ASN A 99 0.80 -48.87 11.20
C ASN A 99 0.52 -49.23 9.76
N GLU A 100 1.57 -49.22 8.95
CA GLU A 100 1.48 -49.52 7.53
C GLU A 100 1.05 -50.95 7.31
N VAL A 101 1.69 -51.88 8.00
CA VAL A 101 1.23 -53.24 7.83
C VAL A 101 -0.07 -53.47 8.58
N VAL A 102 -0.36 -52.67 9.62
CA VAL A 102 -1.65 -52.77 10.28
C VAL A 102 -2.77 -52.46 9.31
N LEU A 103 -2.69 -51.31 8.67
CA LEU A 103 -3.72 -50.91 7.70
C LEU A 103 -3.70 -51.80 6.47
N GLN A 104 -2.52 -52.30 6.09
CA GLN A 104 -2.43 -53.19 4.96
C GLN A 104 -3.20 -54.47 5.23
N TRP A 105 -2.99 -55.03 6.42
CA TRP A 105 -3.78 -56.16 6.86
C TRP A 105 -5.26 -55.81 7.00
N LEU A 106 -5.55 -54.58 7.43
CA LEU A 106 -6.95 -54.15 7.55
C LEU A 106 -7.65 -54.16 6.23
N LYS A 107 -6.98 -53.70 5.18
CA LYS A 107 -7.47 -53.90 3.83
C LYS A 107 -7.68 -55.39 3.58
N ALA A 108 -6.66 -56.19 3.94
CA ALA A 108 -6.56 -57.55 3.46
C ALA A 108 -7.64 -58.45 4.03
N GLU A 109 -7.68 -58.57 5.34
CA GLU A 109 -8.39 -59.67 5.96
C GLU A 109 -9.88 -59.42 5.97
N TYR A 110 -10.29 -58.19 5.82
CA TYR A 110 -11.71 -57.90 5.82
C TYR A 110 -12.24 -57.58 4.43
N GLY A 111 -11.37 -57.19 3.50
CA GLY A 111 -11.85 -56.75 2.22
C GLY A 111 -12.63 -55.45 2.36
N VAL A 112 -11.94 -54.39 2.77
CA VAL A 112 -12.53 -53.07 2.88
C VAL A 112 -11.63 -52.10 2.17
N ILE A 113 -12.21 -51.01 1.70
CA ILE A 113 -11.44 -50.07 0.90
C ILE A 113 -11.44 -48.70 1.56
N MET A 114 -10.37 -47.97 1.32
CA MET A 114 -9.87 -46.94 2.19
C MET A 114 -9.75 -45.63 1.46
N TRP A 115 -9.83 -44.52 2.21
CA TRP A 115 -9.64 -43.20 1.64
C TRP A 115 -9.39 -42.23 2.78
N PRO A 116 -8.59 -41.23 2.57
CA PRO A 116 -8.34 -40.22 3.60
C PRO A 116 -9.45 -39.19 3.56
N ILE A 117 -9.36 -38.20 4.44
CA ILE A 117 -10.40 -37.19 4.56
C ILE A 117 -9.74 -35.82 4.51
N LYS A 118 -9.74 -35.20 3.34
CA LYS A 118 -9.37 -33.78 3.23
C LYS A 118 -10.64 -32.99 3.53
N PHE A 119 -10.97 -32.88 4.81
CA PHE A 119 -12.25 -32.32 5.16
C PHE A 119 -12.25 -30.79 5.04
N GLU A 120 -13.34 -30.17 5.45
CA GLU A 120 -13.70 -28.87 4.91
C GLU A 120 -13.95 -27.83 5.99
N GLN A 121 -14.57 -26.73 5.59
CA GLN A 121 -14.73 -25.58 6.47
C GLN A 121 -15.74 -25.81 7.58
N LYS A 122 -16.96 -26.21 7.20
CA LYS A 122 -17.98 -26.48 8.20
C LYS A 122 -17.54 -27.55 9.15
N THR A 123 -16.80 -28.54 8.62
CA THR A 123 -16.13 -29.53 9.42
C THR A 123 -15.20 -28.90 10.43
N MET A 124 -14.34 -28.00 9.97
CA MET A 124 -13.30 -27.48 10.84
C MET A 124 -13.90 -26.68 11.95
N ILE A 125 -14.94 -25.94 11.65
CA ILE A 125 -15.56 -25.15 12.70
C ILE A 125 -16.29 -26.04 13.67
N LYS A 126 -17.02 -27.02 13.15
CA LYS A 126 -17.80 -27.89 14.01
C LYS A 126 -16.90 -28.64 14.98
N LEU A 127 -15.82 -29.23 14.48
CA LEU A 127 -15.01 -29.96 15.43
C LEU A 127 -14.13 -29.03 16.21
N ALA A 128 -13.94 -27.81 15.72
CA ALA A 128 -13.19 -26.84 16.47
C ALA A 128 -13.88 -26.55 17.78
N ASP A 129 -15.15 -26.20 17.73
CA ASP A 129 -15.74 -26.03 19.04
C ASP A 129 -16.21 -27.34 19.64
N ALA A 130 -16.08 -28.44 18.93
CA ALA A 130 -16.21 -29.69 19.65
C ALA A 130 -14.99 -29.99 20.49
N SER A 131 -13.86 -29.37 20.18
CA SER A 131 -12.66 -29.68 20.93
C SER A 131 -12.67 -29.09 22.33
N ILE A 132 -13.49 -28.07 22.59
CA ILE A 132 -13.37 -27.36 23.85
C ILE A 132 -14.34 -27.83 24.89
N VAL A 133 -15.34 -28.63 24.52
CA VAL A 133 -16.18 -29.22 25.55
C VAL A 133 -15.37 -30.30 26.25
N HIS A 134 -14.98 -30.04 27.48
CA HIS A 134 -14.17 -31.01 28.18
C HIS A 134 -15.04 -32.01 28.90
N VAL A 135 -14.62 -33.27 28.84
CA VAL A 135 -15.40 -34.36 29.39
C VAL A 135 -15.35 -34.29 30.91
N THR A 136 -16.52 -34.32 31.53
CA THR A 136 -16.62 -34.41 32.98
C THR A 136 -17.05 -35.81 33.39
N LYS A 137 -16.68 -36.18 34.62
CA LYS A 137 -17.10 -37.46 35.16
C LYS A 137 -18.58 -37.47 35.48
N GLU A 138 -19.15 -36.30 35.73
CA GLU A 138 -20.58 -36.18 35.94
C GLU A 138 -21.35 -36.28 34.63
N ASN A 139 -20.64 -36.10 33.51
CA ASN A 139 -21.06 -36.12 32.10
C ASN A 139 -21.92 -34.93 31.73
N ILE A 140 -22.29 -34.09 32.69
CA ILE A 140 -22.72 -32.73 32.41
C ILE A 140 -21.43 -31.92 32.26
N GLU A 141 -21.08 -31.63 31.01
CA GLU A 141 -19.72 -31.29 30.67
C GLU A 141 -19.55 -29.78 30.56
N GLN A 142 -18.60 -29.26 31.32
CA GLN A 142 -18.28 -27.85 31.34
C GLN A 142 -17.49 -27.46 30.10
N ILE A 143 -17.31 -26.16 29.93
CA ILE A 143 -16.82 -25.60 28.68
C ILE A 143 -15.49 -24.93 28.95
N THR A 144 -14.43 -25.51 28.42
CA THR A 144 -13.15 -24.86 28.49
C THR A 144 -13.08 -23.73 27.48
N TRP A 145 -12.00 -22.96 27.55
CA TRP A 145 -11.78 -21.88 26.60
C TRP A 145 -10.31 -21.75 26.32
N PHE A 146 -10.00 -21.31 25.11
CA PHE A 146 -8.63 -21.00 24.75
C PHE A 146 -8.65 -19.84 23.77
N SER A 147 -7.61 -19.72 22.96
CA SER A 147 -7.45 -18.54 22.12
C SER A 147 -7.21 -18.98 20.68
N SER A 148 -8.18 -18.69 19.82
CA SER A 148 -8.17 -19.11 18.43
C SER A 148 -7.15 -18.33 17.63
N LYS A 149 -6.64 -18.94 16.57
CA LYS A 149 -5.72 -18.22 15.71
C LYS A 149 -5.94 -18.61 14.25
N LEU A 150 -7.13 -18.38 13.75
CA LEU A 150 -7.59 -19.02 12.53
C LEU A 150 -6.84 -18.64 11.27
N TYR A 151 -5.56 -19.00 11.19
CA TYR A 151 -4.72 -18.81 10.00
C TYR A 151 -5.42 -19.23 8.76
N PHE A 152 -5.38 -18.40 7.77
CA PHE A 152 -5.86 -18.80 6.47
C PHE A 152 -4.67 -18.93 5.59
N GLU A 153 -4.93 -19.16 4.32
CA GLU A 153 -3.99 -18.83 3.27
C GLU A 153 -4.77 -18.77 1.96
N PRO A 154 -5.50 -17.69 1.70
CA PRO A 154 -6.11 -17.57 0.39
C PRO A 154 -5.04 -17.16 -0.60
N GLU A 155 -4.81 -18.00 -1.58
CA GLU A 155 -4.17 -17.48 -2.77
C GLU A 155 -5.12 -16.51 -3.43
N THR A 156 -4.58 -15.44 -3.95
CA THR A 156 -5.27 -14.65 -4.91
C THR A 156 -4.42 -14.61 -6.15
N GLN A 157 -4.73 -13.72 -7.05
CA GLN A 157 -3.82 -13.48 -8.13
C GLN A 157 -2.56 -12.85 -7.58
N ASP A 158 -1.42 -13.30 -8.10
CA ASP A 158 -0.13 -12.63 -7.95
C ASP A 158 0.37 -12.61 -6.51
N LYS A 159 -0.07 -13.59 -5.70
CA LYS A 159 0.33 -13.78 -4.31
C LYS A 159 0.12 -12.54 -3.47
N ASN A 160 -0.88 -11.75 -3.81
CA ASN A 160 -0.93 -10.39 -3.30
C ASN A 160 -1.31 -10.39 -1.84
N LEU A 161 -2.50 -10.85 -1.52
CA LEU A 161 -2.68 -11.44 -0.22
C LEU A 161 -1.99 -12.78 -0.24
N ARG A 162 -1.34 -13.14 0.85
CA ARG A 162 -1.03 -14.55 1.05
C ARG A 162 -1.75 -15.12 2.24
N GLN A 163 -1.70 -14.44 3.36
CA GLN A 163 -1.91 -15.12 4.62
C GLN A 163 -2.41 -14.12 5.61
N PHE A 164 -3.52 -14.42 6.27
CA PHE A 164 -3.98 -13.43 7.21
C PHE A 164 -4.69 -14.04 8.40
N SER A 165 -4.18 -13.72 9.56
CA SER A 165 -4.60 -14.33 10.80
C SER A 165 -5.88 -13.70 11.28
N ILE A 166 -6.54 -14.38 12.20
CA ILE A 166 -7.59 -13.83 13.04
C ILE A 166 -7.37 -14.46 14.40
N GLU A 167 -7.03 -13.67 15.38
CA GLU A 167 -6.70 -14.19 16.69
C GLU A 167 -7.67 -13.62 17.69
N ILE A 168 -8.09 -14.43 18.65
CA ILE A 168 -9.11 -14.04 19.61
C ILE A 168 -8.59 -14.35 20.99
N PRO A 169 -8.46 -13.39 21.88
CA PRO A 169 -8.22 -13.72 23.27
C PRO A 169 -9.37 -14.46 23.92
N ARG A 170 -8.94 -15.34 24.84
CA ARG A 170 -9.79 -16.24 25.61
C ARG A 170 -10.92 -15.49 26.28
N GLU A 171 -10.62 -14.29 26.75
CA GLU A 171 -11.59 -13.36 27.30
C GLU A 171 -12.71 -13.09 26.31
N SER A 172 -12.35 -12.81 25.07
CA SER A 172 -13.38 -12.49 24.10
C SER A 172 -14.15 -13.72 23.69
N CYS A 173 -13.51 -14.89 23.76
CA CYS A 173 -14.25 -16.12 23.57
C CYS A 173 -15.39 -16.22 24.58
N GLU A 174 -15.07 -16.01 25.85
CA GLU A 174 -16.14 -16.07 26.84
C GLU A 174 -17.10 -14.90 26.69
N GLY A 175 -16.60 -13.78 26.20
CA GLY A 175 -17.47 -12.63 26.01
C GLY A 175 -18.56 -12.93 25.01
N LEU A 176 -18.17 -13.43 23.85
CA LEU A 176 -19.17 -13.73 22.85
C LEU A 176 -19.95 -14.96 23.21
N ALA A 177 -19.40 -15.80 24.08
CA ALA A 177 -20.19 -16.89 24.61
C ALA A 177 -21.35 -16.37 25.42
N LEU A 178 -21.06 -15.64 26.48
CA LEU A 178 -22.09 -15.22 27.41
C LEU A 178 -23.01 -14.19 26.79
N GLY A 179 -22.51 -13.43 25.85
CA GLY A 179 -23.38 -12.50 25.16
C GLY A 179 -24.26 -13.13 24.13
N TYR A 180 -24.11 -14.43 23.88
CA TYR A 180 -24.97 -15.03 22.87
C TYR A 180 -26.40 -15.30 23.34
N GLY A 181 -26.65 -16.03 24.46
CA GLY A 181 -25.80 -16.53 25.53
C GLY A 181 -25.44 -17.99 25.49
N ASN A 182 -26.09 -18.81 26.33
CA ASN A 182 -25.61 -20.16 26.60
C ASN A 182 -25.75 -21.08 25.41
N THR A 183 -24.72 -21.89 25.19
CA THR A 183 -24.73 -22.90 24.16
C THR A 183 -23.75 -24.00 24.54
N MET A 184 -23.73 -25.01 23.68
CA MET A 184 -22.63 -25.94 23.58
C MET A 184 -22.02 -25.89 22.20
N HIS A 185 -22.43 -24.93 21.39
CA HIS A 185 -21.83 -24.71 20.07
C HIS A 185 -21.40 -23.26 19.95
N PRO A 186 -20.34 -22.88 20.65
CA PRO A 186 -19.99 -21.46 20.70
C PRO A 186 -19.52 -20.89 19.40
N TYR A 187 -18.84 -21.67 18.56
CA TYR A 187 -18.28 -21.04 17.37
C TYR A 187 -19.34 -20.70 16.35
N ASN A 188 -19.99 -21.69 15.77
CA ASN A 188 -21.08 -21.44 14.86
C ASN A 188 -22.23 -20.69 15.49
N ASP A 189 -22.37 -20.72 16.81
CA ASP A 189 -23.44 -19.93 17.38
C ASP A 189 -23.04 -18.46 17.53
N ALA A 190 -21.81 -18.17 17.90
CA ALA A 190 -21.46 -16.79 18.23
C ALA A 190 -20.35 -16.23 17.36
N ILE A 191 -19.24 -16.93 17.30
CA ILE A 191 -17.98 -16.32 16.90
C ILE A 191 -17.96 -16.06 15.42
N VAL A 192 -18.21 -17.08 14.62
CA VAL A 192 -18.39 -16.79 13.20
C VAL A 192 -19.61 -15.92 12.91
N PRO A 193 -20.74 -16.02 13.63
CA PRO A 193 -21.74 -14.93 13.48
C PRO A 193 -21.23 -13.59 13.94
N TYR A 194 -20.40 -13.56 14.98
CA TYR A 194 -19.80 -12.31 15.39
C TYR A 194 -18.95 -11.72 14.30
N ILE A 195 -18.02 -12.49 13.76
CA ILE A 195 -17.13 -11.82 12.84
C ILE A 195 -17.78 -11.66 11.50
N TYR A 196 -18.84 -12.39 11.19
CA TYR A 196 -19.57 -12.00 10.01
C TYR A 196 -20.21 -10.65 10.22
N ASN A 197 -20.75 -10.42 11.40
CA ASN A 197 -21.37 -9.14 11.63
C ASN A 197 -20.33 -8.03 11.76
N GLU A 198 -19.11 -8.35 12.19
CA GLU A 198 -18.08 -7.32 12.20
C GLU A 198 -17.39 -7.18 10.86
N THR A 199 -16.58 -8.13 10.48
CA THR A 199 -15.78 -7.87 9.30
C THR A 199 -16.38 -8.37 8.04
N GLY A 200 -17.60 -8.90 8.07
CA GLY A 200 -18.23 -9.33 6.84
C GLY A 200 -17.50 -10.45 6.15
N MET A 201 -16.84 -11.29 6.92
CA MET A 201 -16.04 -12.37 6.37
C MET A 201 -16.76 -13.68 6.62
N ALA A 202 -17.32 -14.25 5.57
CA ALA A 202 -18.03 -15.51 5.73
C ALA A 202 -17.01 -16.61 5.86
N VAL A 203 -16.56 -16.83 7.10
CA VAL A 203 -15.46 -17.73 7.35
C VAL A 203 -15.86 -19.17 7.07
N GLU A 204 -17.15 -19.45 7.03
CA GLU A 204 -17.62 -20.66 6.43
C GLU A 204 -17.18 -20.72 4.97
N ARG A 205 -17.46 -19.68 4.22
CA ARG A 205 -17.21 -19.75 2.79
C ARG A 205 -15.76 -19.57 2.45
N LEU A 206 -15.01 -18.92 3.34
CA LEU A 206 -13.59 -18.59 3.21
C LEU A 206 -12.71 -19.75 2.81
N PRO A 207 -11.65 -19.50 2.11
CA PRO A 207 -10.62 -20.52 2.00
C PRO A 207 -9.80 -20.59 3.28
N LEU A 208 -10.38 -21.21 4.29
CA LEU A 208 -9.63 -21.47 5.50
C LEU A 208 -8.56 -22.48 5.18
N THR A 209 -7.46 -22.42 5.92
CA THR A 209 -6.54 -23.54 5.85
C THR A 209 -6.37 -24.22 7.19
N SER A 210 -6.14 -23.48 8.26
CA SER A 210 -5.82 -24.18 9.49
C SER A 210 -6.12 -23.35 10.72
N VAL A 211 -7.25 -23.63 11.37
CA VAL A 211 -7.49 -23.10 12.69
C VAL A 211 -6.51 -23.71 13.68
N ILE A 212 -5.85 -22.86 14.44
CA ILE A 212 -5.19 -23.30 15.65
C ILE A 212 -6.06 -22.88 16.81
N LEU A 213 -6.27 -23.77 17.74
CA LEU A 213 -6.76 -23.40 19.04
C LEU A 213 -5.61 -23.57 20.03
N ALA A 214 -5.66 -22.84 21.14
CA ALA A 214 -4.43 -22.47 21.85
C ALA A 214 -3.89 -23.60 22.68
N GLY A 215 -2.66 -24.03 22.35
CA GLY A 215 -1.93 -25.00 23.15
C GLY A 215 -2.58 -26.34 23.21
N HIS A 216 -3.48 -26.60 22.31
CA HIS A 216 -4.42 -27.67 22.52
C HIS A 216 -4.72 -28.45 21.26
N THR A 217 -4.57 -27.85 20.08
CA THR A 217 -4.75 -28.47 18.78
C THR A 217 -4.24 -27.57 17.68
N LYS A 218 -3.94 -28.19 16.55
CA LYS A 218 -3.67 -27.48 15.31
C LYS A 218 -4.48 -28.21 14.27
N ILE A 219 -5.78 -27.92 14.23
CA ILE A 219 -6.62 -28.48 13.20
C ILE A 219 -6.14 -28.00 11.85
N MET A 220 -5.97 -28.91 10.91
CA MET A 220 -5.36 -28.47 9.67
C MET A 220 -6.30 -28.82 8.54
N ARG A 221 -5.83 -28.81 7.30
CA ARG A 221 -6.67 -29.06 6.14
C ARG A 221 -7.26 -30.45 6.19
N GLU A 222 -6.49 -31.42 6.65
CA GLU A 222 -6.97 -32.77 6.74
C GLU A 222 -6.52 -33.47 7.99
N SER A 223 -5.70 -32.86 8.81
CA SER A 223 -4.91 -33.64 9.75
C SER A 223 -4.88 -32.91 11.08
N ILE A 224 -5.88 -33.17 11.90
CA ILE A 224 -5.86 -32.71 13.28
C ILE A 224 -4.62 -33.17 14.00
N VAL A 225 -3.96 -32.25 14.66
CA VAL A 225 -2.80 -32.53 15.52
C VAL A 225 -3.17 -32.03 16.90
N THR A 226 -2.75 -32.75 17.94
CA THR A 226 -3.10 -32.34 19.29
C THR A 226 -1.93 -32.34 20.28
N SER A 227 -2.27 -32.15 21.54
CA SER A 227 -1.37 -32.26 22.68
C SER A 227 -2.03 -33.08 23.77
N THR A 228 -2.55 -34.24 23.40
CA THR A 228 -3.16 -35.17 24.34
C THR A 228 -2.97 -36.55 23.76
N ARG A 229 -2.75 -37.55 24.61
CA ARG A 229 -2.69 -38.91 24.11
C ARG A 229 -4.07 -39.50 23.90
N SER A 230 -5.00 -38.76 23.32
CA SER A 230 -6.40 -39.15 23.23
C SER A 230 -7.10 -38.08 22.44
N LEU A 231 -8.27 -38.43 21.94
CA LEU A 231 -9.14 -37.49 21.29
C LEU A 231 -10.47 -37.54 22.02
N ARG A 232 -11.09 -36.37 22.20
CA ARG A 232 -12.35 -36.31 22.89
C ARG A 232 -13.44 -36.96 22.06
N ASN A 233 -14.37 -37.59 22.76
CA ASN A 233 -15.24 -38.52 22.07
C ASN A 233 -16.26 -37.80 21.22
N ARG A 234 -16.69 -36.62 21.65
CA ARG A 234 -17.62 -35.87 20.82
C ARG A 234 -16.92 -35.32 19.59
N VAL A 235 -15.62 -35.07 19.68
CA VAL A 235 -14.82 -34.75 18.52
C VAL A 235 -14.81 -35.91 17.54
N LEU A 236 -14.62 -37.11 18.07
CA LEU A 236 -14.65 -38.28 17.21
C LEU A 236 -16.02 -38.50 16.61
N ALA A 237 -17.05 -38.12 17.35
CA ALA A 237 -18.41 -38.24 16.85
C ALA A 237 -18.63 -37.31 15.68
N VAL A 238 -18.16 -36.08 15.79
CA VAL A 238 -18.46 -35.18 14.71
C VAL A 238 -17.58 -35.46 13.52
N VAL A 239 -16.40 -36.04 13.73
CA VAL A 239 -15.63 -36.34 12.54
C VAL A 239 -16.19 -37.56 11.86
N LEU A 240 -16.85 -38.43 12.59
CA LEU A 240 -17.64 -39.44 11.91
C LEU A 240 -18.82 -38.81 11.21
N GLN A 241 -19.37 -37.76 11.81
CA GLN A 241 -20.55 -37.14 11.25
C GLN A 241 -20.23 -36.45 9.95
N SER A 242 -19.00 -35.99 9.83
CA SER A 242 -18.54 -35.17 8.72
C SER A 242 -18.67 -35.89 7.38
N ILE A 243 -18.06 -37.06 7.26
CA ILE A 243 -17.99 -37.77 6.00
C ILE A 243 -19.31 -38.31 5.52
N GLN A 244 -20.34 -38.22 6.33
CA GLN A 244 -21.54 -39.00 6.10
C GLN A 244 -22.39 -38.26 5.06
N PHE A 245 -23.67 -38.57 4.96
CA PHE A 245 -24.46 -37.98 3.88
C PHE A 245 -25.82 -37.46 4.31
N SER B 156 -37.57 14.63 -16.51
CA SER B 156 -38.42 15.47 -17.33
C SER B 156 -37.78 16.83 -17.57
N THR B 157 -38.58 17.76 -18.06
CA THR B 157 -38.21 19.17 -18.10
C THR B 157 -39.18 20.01 -17.29
N SER B 158 -40.05 19.36 -16.53
CA SER B 158 -40.98 20.08 -15.66
C SER B 158 -40.23 20.83 -14.56
N ASP B 159 -39.37 20.13 -13.83
CA ASP B 159 -38.54 20.76 -12.82
C ASP B 159 -37.06 20.59 -13.12
N ARG B 160 -36.73 20.28 -14.37
CA ARG B 160 -35.33 20.34 -14.76
C ARG B 160 -34.83 21.76 -14.71
N SER B 161 -35.69 22.73 -15.02
CA SER B 161 -35.34 24.12 -14.78
C SER B 161 -35.19 24.41 -13.30
N GLU B 162 -36.00 23.77 -12.47
CA GLU B 162 -35.86 23.95 -11.02
C GLU B 162 -34.52 23.41 -10.54
N LEU B 163 -34.11 22.26 -11.07
CA LEU B 163 -32.81 21.73 -10.70
C LEU B 163 -31.69 22.62 -11.18
N GLU B 164 -31.83 23.19 -12.39
CA GLU B 164 -30.73 24.01 -12.86
C GLU B 164 -30.67 25.31 -12.07
N ASP B 165 -31.81 25.79 -11.59
CA ASP B 165 -31.82 26.92 -10.69
C ASP B 165 -31.14 26.59 -9.39
N TYR B 166 -31.41 25.40 -8.87
CA TYR B 166 -30.78 25.01 -7.63
C TYR B 166 -29.29 24.85 -7.78
N ILE B 167 -28.83 24.34 -8.91
CA ILE B 167 -27.39 24.17 -8.98
C ILE B 167 -26.70 25.47 -9.30
N VAL B 168 -27.39 26.45 -9.86
CA VAL B 168 -26.72 27.72 -9.98
C VAL B 168 -26.70 28.44 -8.65
N LEU B 169 -27.74 28.24 -7.84
CA LEU B 169 -27.69 28.69 -6.46
C LEU B 169 -26.54 28.04 -5.71
N GLU B 170 -26.30 26.78 -6.02
CA GLU B 170 -25.16 26.08 -5.48
C GLU B 170 -23.86 26.70 -5.95
N ASN B 171 -23.78 27.07 -7.21
CA ASN B 171 -22.54 27.63 -7.74
C ASN B 171 -22.20 28.96 -7.11
N VAL B 172 -23.20 29.79 -6.84
CA VAL B 172 -22.85 31.04 -6.19
C VAL B 172 -22.50 30.78 -4.73
N TYR B 173 -23.23 29.88 -4.09
CA TYR B 173 -22.90 29.46 -2.75
C TYR B 173 -21.54 28.81 -2.64
N ARG B 174 -20.98 28.26 -3.69
CA ARG B 174 -19.64 27.75 -3.53
C ARG B 174 -18.59 28.70 -4.03
N MET B 175 -18.95 29.77 -4.74
CA MET B 175 -17.92 30.79 -4.76
C MET B 175 -17.88 31.59 -3.49
N PHE B 176 -18.89 31.43 -2.63
CA PHE B 176 -18.73 31.88 -1.25
C PHE B 176 -17.55 31.22 -0.53
N GLY B 177 -17.08 30.06 -0.97
CA GLY B 177 -15.77 29.57 -0.57
C GLY B 177 -15.77 28.32 0.27
N ILE B 178 -15.61 28.50 1.57
CA ILE B 178 -16.03 27.50 2.52
C ILE B 178 -17.48 27.20 2.28
N THR B 179 -17.83 25.92 2.13
CA THR B 179 -19.23 25.55 2.24
C THR B 179 -19.31 24.26 3.02
N PHE B 180 -20.52 23.90 3.40
CA PHE B 180 -20.73 22.56 3.91
C PHE B 180 -21.63 21.85 2.94
N PHE B 181 -21.76 20.56 3.09
CA PHE B 181 -22.53 19.75 2.16
C PHE B 181 -22.69 18.39 2.80
N PRO B 182 -23.89 17.84 2.88
CA PRO B 182 -24.05 16.59 3.59
C PRO B 182 -23.54 15.42 2.78
N LEU B 183 -23.09 14.41 3.51
CA LEU B 183 -22.75 13.12 2.96
C LEU B 183 -22.88 12.12 4.07
N VAL B 184 -23.08 10.86 3.71
CA VAL B 184 -23.13 9.79 4.70
C VAL B 184 -22.38 8.60 4.12
N ASP B 185 -21.42 8.13 4.83
CA ASP B 185 -20.69 6.90 4.61
C ASP B 185 -21.51 5.70 5.06
N PRO B 186 -21.45 4.59 4.34
CA PRO B 186 -22.42 3.51 4.57
C PRO B 186 -22.21 2.73 5.84
N ILE B 187 -22.36 3.39 6.96
CA ILE B 187 -22.49 2.76 8.27
C ILE B 187 -23.80 3.27 8.82
N ASP B 188 -24.88 2.56 8.54
CA ASP B 188 -26.22 3.05 8.83
C ASP B 188 -27.19 1.87 8.91
N LEU B 189 -27.47 1.43 10.13
CA LEU B 189 -28.34 0.29 10.39
C LEU B 189 -29.78 0.77 10.43
N LYS B 190 -30.69 -0.08 10.92
CA LYS B 190 -32.09 0.32 11.06
C LYS B 190 -32.84 -0.45 12.14
N GLY B 196 -38.64 0.50 4.95
CA GLY B 196 -37.42 1.15 4.49
C GLY B 196 -36.96 2.23 5.44
N GLU B 197 -37.45 2.16 6.66
CA GLU B 197 -36.98 3.03 7.72
C GLU B 197 -35.51 2.76 7.99
N ILE B 198 -34.74 3.82 8.18
CA ILE B 198 -33.29 3.73 8.16
C ILE B 198 -32.64 4.69 9.16
N PHE B 199 -31.98 4.12 10.16
CA PHE B 199 -31.19 4.95 11.06
C PHE B 199 -29.97 5.48 10.33
N VAL B 200 -29.46 6.60 10.80
CA VAL B 200 -28.10 7.02 10.57
C VAL B 200 -27.53 7.40 11.92
N ASP B 201 -26.55 6.64 12.40
CA ASP B 201 -25.99 6.93 13.71
C ASP B 201 -24.61 7.55 13.66
N ARG B 202 -24.09 7.84 12.48
CA ARG B 202 -22.88 8.62 12.36
C ARG B 202 -23.05 9.55 11.18
N GLU B 203 -22.86 10.82 11.41
CA GLU B 203 -23.15 11.82 10.42
C GLU B 203 -21.92 12.65 10.15
N MET B 204 -21.85 13.15 8.93
CA MET B 204 -20.65 13.78 8.41
C MET B 204 -21.00 15.21 8.08
N LEU B 205 -20.24 16.18 8.57
CA LEU B 205 -20.48 17.46 7.94
C LEU B 205 -19.87 17.51 6.58
N GLY B 206 -18.57 17.55 6.49
CA GLY B 206 -18.02 17.59 5.15
C GLY B 206 -17.95 19.02 4.72
N ILE B 207 -16.74 19.53 4.52
CA ILE B 207 -16.52 20.93 4.31
C ILE B 207 -15.68 21.00 3.06
N ARG B 208 -16.27 21.41 1.97
CA ARG B 208 -15.43 21.59 0.81
C ARG B 208 -14.70 22.91 0.96
N LEU B 209 -13.56 23.01 0.32
CA LEU B 209 -12.60 24.06 0.56
C LEU B 209 -12.09 24.58 -0.77
N GLU B 210 -12.55 25.76 -1.16
CA GLU B 210 -12.35 26.28 -2.50
C GLU B 210 -11.69 27.64 -2.48
N VAL B 211 -10.74 27.80 -3.38
CA VAL B 211 -9.90 28.98 -3.44
C VAL B 211 -10.06 29.60 -4.81
N PHE B 212 -10.12 30.92 -4.87
CA PHE B 212 -10.18 31.65 -6.12
C PHE B 212 -8.79 32.13 -6.49
N SER B 213 -8.32 31.74 -7.66
CA SER B 213 -7.09 32.31 -8.17
C SER B 213 -7.33 33.70 -8.69
N GLU B 214 -6.24 34.38 -9.01
CA GLU B 214 -6.33 35.59 -9.80
C GLU B 214 -5.61 35.42 -11.12
N ARG B 215 -4.47 34.73 -11.11
CA ARG B 215 -3.61 34.62 -12.29
C ARG B 215 -4.34 33.96 -13.44
N THR B 216 -5.27 33.08 -13.14
CA THR B 216 -6.18 32.58 -14.13
C THR B 216 -7.57 33.07 -13.82
N SER B 217 -7.75 33.61 -12.62
CA SER B 217 -9.04 33.95 -12.05
C SER B 217 -9.98 32.76 -12.16
N GLN B 218 -9.50 31.62 -11.71
CA GLN B 218 -10.28 30.40 -11.70
C GLN B 218 -10.51 29.96 -10.27
N PHE B 219 -11.08 28.78 -10.14
CA PHE B 219 -11.07 28.03 -8.90
C PHE B 219 -10.15 26.84 -9.09
N GLU B 220 -9.64 26.30 -8.00
CA GLU B 220 -8.65 25.25 -8.12
C GLU B 220 -9.25 23.88 -7.91
N LYS B 221 -8.38 22.90 -7.87
CA LYS B 221 -8.64 21.70 -7.13
C LYS B 221 -9.09 22.16 -5.76
N PRO B 222 -10.30 21.86 -5.35
CA PRO B 222 -10.75 22.23 -4.03
C PRO B 222 -10.13 21.30 -3.00
N HIS B 223 -9.92 21.82 -1.81
CA HIS B 223 -9.61 20.86 -0.80
C HIS B 223 -10.88 20.38 -0.16
N TYR B 224 -10.74 19.41 0.72
CA TYR B 224 -11.87 18.78 1.34
C TYR B 224 -11.45 18.40 2.72
N VAL B 225 -12.32 18.66 3.66
CA VAL B 225 -12.09 18.33 5.05
C VAL B 225 -13.41 17.80 5.53
N LEU B 226 -13.43 16.57 5.96
CA LEU B 226 -14.68 15.98 6.34
C LEU B 226 -14.51 15.32 7.67
N LEU B 227 -15.20 15.84 8.65
CA LEU B 227 -15.20 15.26 9.96
C LEU B 227 -16.47 14.48 10.17
N LYS B 228 -16.62 13.93 11.36
CA LYS B 228 -17.78 13.10 11.62
C LYS B 228 -18.14 13.14 13.08
N LYS B 229 -19.38 12.75 13.34
CA LYS B 229 -19.89 12.67 14.68
C LYS B 229 -19.14 11.60 15.45
N ARG B 230 -18.54 11.99 16.57
CA ARG B 230 -17.99 11.02 17.47
C ARG B 230 -19.13 10.22 18.10
N ILE B 231 -18.86 8.94 18.37
CA ILE B 231 -19.86 8.00 18.83
C ILE B 231 -20.47 8.42 20.15
N LYS B 232 -19.65 8.86 21.08
CA LYS B 232 -20.10 9.07 22.43
C LYS B 232 -20.99 10.29 22.54
N SER B 233 -20.45 11.47 22.27
CA SER B 233 -21.21 12.65 22.69
C SER B 233 -20.99 13.78 21.70
N ASN B 234 -21.88 13.84 20.69
CA ASN B 234 -22.30 15.04 19.97
C ASN B 234 -21.15 15.95 19.53
N SER B 235 -19.97 15.37 19.34
CA SER B 235 -18.77 16.12 19.04
C SER B 235 -18.59 16.13 17.54
N TRP B 236 -17.47 16.65 17.09
CA TRP B 236 -17.11 16.53 15.69
C TRP B 236 -15.61 16.40 15.68
N PHE B 237 -15.09 15.19 15.71
CA PHE B 237 -13.66 15.13 15.61
C PHE B 237 -13.30 14.59 14.25
N LEU B 238 -12.03 14.76 13.92
CA LEU B 238 -11.60 14.66 12.55
C LEU B 238 -11.70 13.25 12.01
N PHE B 239 -11.65 13.20 10.70
CA PHE B 239 -11.75 12.00 9.95
C PHE B 239 -10.84 12.30 8.79
N LYS B 240 -10.95 11.54 7.74
CA LYS B 240 -10.08 11.72 6.61
C LYS B 240 -10.35 13.05 5.95
N HIS B 241 -9.30 13.64 5.41
CA HIS B 241 -9.40 14.94 4.80
C HIS B 241 -8.29 15.01 3.77
N THR B 242 -8.18 16.14 3.11
CA THR B 242 -6.96 16.38 2.37
C THR B 242 -6.69 17.88 2.25
N ILE B 243 -5.85 18.38 3.13
CA ILE B 243 -5.08 19.55 2.77
C ILE B 243 -3.67 19.06 2.99
N PRO B 244 -2.67 19.53 2.27
CA PRO B 244 -1.35 18.93 2.39
C PRO B 244 -0.76 19.26 3.73
N SER B 245 -0.04 18.30 4.28
CA SER B 245 0.21 18.34 5.71
C SER B 245 1.20 19.38 6.13
N PHE B 246 1.72 20.23 5.23
CA PHE B 246 2.51 21.34 5.71
C PHE B 246 1.65 22.30 6.51
N ILE B 247 0.36 22.37 6.18
CA ILE B 247 -0.61 22.92 7.10
C ILE B 247 -1.07 21.81 8.00
N ASP B 248 -1.04 22.05 9.29
CA ASP B 248 -1.69 21.15 10.23
C ASP B 248 -3.19 21.23 10.04
N VAL B 249 -3.86 20.10 10.19
CA VAL B 249 -5.26 20.21 10.52
C VAL B 249 -5.49 20.09 12.01
N GLN B 250 -4.76 19.18 12.65
CA GLN B 250 -5.24 18.64 13.90
C GLN B 250 -5.10 19.64 15.03
N GLY B 251 -3.94 20.27 15.13
CA GLY B 251 -3.73 21.21 16.21
C GLY B 251 -4.55 22.47 16.03
N ILE B 252 -4.59 23.01 14.81
CA ILE B 252 -5.41 24.19 14.58
C ILE B 252 -6.87 23.83 14.63
N PHE B 253 -7.18 22.58 14.51
CA PHE B 253 -8.51 22.16 14.75
C PHE B 253 -8.79 22.24 16.23
N ASP B 254 -8.13 21.41 17.00
CA ASP B 254 -8.60 21.22 18.35
C ASP B 254 -8.25 22.38 19.26
N ASP B 255 -7.35 23.24 18.80
CA ASP B 255 -7.19 24.59 19.30
C ASP B 255 -8.51 25.30 19.47
N THR B 256 -9.34 25.23 18.44
CA THR B 256 -10.60 25.93 18.51
C THR B 256 -11.51 25.21 19.48
N ASN B 257 -11.85 25.91 20.56
CA ASN B 257 -12.84 25.48 21.56
C ASN B 257 -12.43 24.16 22.20
N GLY B 258 -11.13 24.04 22.46
CA GLY B 258 -10.57 22.94 23.22
C GLY B 258 -10.76 21.59 22.58
N GLY B 259 -10.93 21.56 21.27
CA GLY B 259 -11.32 20.32 20.62
C GLY B 259 -12.74 19.91 20.89
N LEU B 260 -13.51 20.77 21.49
CA LEU B 260 -14.83 20.38 21.94
C LEU B 260 -15.70 21.25 21.06
N VAL B 261 -15.92 20.76 19.85
CA VAL B 261 -16.56 21.53 18.81
C VAL B 261 -17.88 20.87 18.47
N ILE B 262 -18.94 21.61 18.62
CA ILE B 262 -20.23 20.96 18.62
C ILE B 262 -21.11 21.60 17.58
N SER B 263 -21.25 22.92 17.65
CA SER B 263 -22.15 23.63 16.77
C SER B 263 -21.67 23.63 15.34
N HIS B 264 -22.39 24.32 14.47
CA HIS B 264 -21.85 24.48 13.14
C HIS B 264 -21.06 25.78 12.96
N ASP B 265 -21.27 26.80 13.78
CA ASP B 265 -20.59 28.06 13.52
C ASP B 265 -19.13 28.00 13.94
N ASP B 266 -18.85 27.34 15.05
CA ASP B 266 -17.48 27.08 15.44
C ASP B 266 -16.78 26.20 14.43
N ALA B 267 -17.52 25.24 13.87
CA ALA B 267 -17.03 24.49 12.73
C ALA B 267 -16.76 25.40 11.55
N TYR B 268 -17.64 26.39 11.35
CA TYR B 268 -17.45 27.29 10.23
C TYR B 268 -16.17 28.07 10.39
N LEU B 269 -15.95 28.63 11.56
CA LEU B 269 -14.75 29.44 11.70
C LEU B 269 -13.51 28.58 11.75
N PHE B 270 -13.66 27.32 12.12
CA PHE B 270 -12.59 26.36 11.89
C PHE B 270 -12.19 26.34 10.43
N ALA B 271 -13.16 26.10 9.57
CA ALA B 271 -12.80 25.99 8.16
C ALA B 271 -12.38 27.33 7.61
N LYS B 272 -12.85 28.40 8.21
CA LYS B 272 -12.40 29.73 7.84
C LYS B 272 -10.93 29.88 8.13
N ARG B 273 -10.50 29.40 9.30
CA ARG B 273 -9.12 29.52 9.70
C ARG B 273 -8.24 28.73 8.75
N VAL B 274 -8.68 27.51 8.44
CA VAL B 274 -8.03 26.68 7.45
C VAL B 274 -7.98 27.39 6.12
N PHE B 275 -9.04 28.08 5.78
CA PHE B 275 -9.18 28.62 4.46
C PHE B 275 -8.22 29.75 4.23
N LEU B 276 -8.20 30.72 5.13
CA LEU B 276 -7.33 31.83 4.83
C LEU B 276 -5.90 31.43 5.03
N GLN B 277 -5.69 30.46 5.92
CA GLN B 277 -4.40 29.85 6.09
C GLN B 277 -3.92 29.25 4.79
N LEU B 278 -4.84 28.67 4.04
CA LEU B 278 -4.51 28.15 2.73
C LEU B 278 -4.30 29.27 1.75
N VAL B 279 -5.07 30.33 1.90
CA VAL B 279 -5.19 31.18 0.75
C VAL B 279 -4.04 32.14 0.68
N GLU B 280 -3.38 32.44 1.78
CA GLU B 280 -2.28 33.37 1.53
C GLU B 280 -1.08 32.63 0.99
N VAL B 281 -1.04 31.32 1.21
CA VAL B 281 -0.13 30.48 0.45
C VAL B 281 -0.40 30.63 -1.02
N GLN B 282 -1.69 30.55 -1.37
CA GLN B 282 -2.05 30.76 -2.77
C GLN B 282 -1.73 32.17 -3.24
N LYS B 283 -1.84 33.14 -2.35
CA LYS B 283 -1.58 34.52 -2.70
C LYS B 283 -0.10 34.74 -2.97
N ARG B 284 0.77 34.17 -2.17
CA ARG B 284 2.17 34.47 -2.38
C ARG B 284 2.77 33.65 -3.50
N ARG B 285 2.27 32.44 -3.75
CA ARG B 285 2.65 31.78 -4.99
C ARG B 285 2.11 32.56 -6.18
N GLN B 286 0.96 33.18 -6.01
CA GLN B 286 0.39 33.97 -7.08
C GLN B 286 1.18 35.26 -7.29
N ILE B 287 1.87 35.73 -6.25
CA ILE B 287 2.81 36.83 -6.45
C ILE B 287 4.00 36.33 -7.24
N PHE B 288 4.69 35.33 -6.71
CA PHE B 288 6.00 35.00 -7.22
C PHE B 288 5.92 34.39 -8.60
N LYS B 289 5.20 33.28 -8.73
CA LYS B 289 5.20 32.49 -9.95
C LYS B 289 4.54 33.22 -11.11
N ASP B 290 3.85 34.32 -10.84
CA ASP B 290 3.27 35.07 -11.93
C ASP B 290 4.00 36.37 -12.20
N LEU B 291 4.03 37.26 -11.20
CA LEU B 291 4.16 38.68 -11.53
C LEU B 291 5.59 39.05 -11.89
N GLU B 292 6.50 38.93 -10.95
CA GLU B 292 7.89 39.13 -11.29
C GLU B 292 8.51 37.90 -11.92
N ALA B 293 7.79 36.79 -12.00
CA ALA B 293 8.29 35.70 -12.81
C ALA B 293 8.15 36.01 -14.28
N LYS B 294 7.13 36.77 -14.66
CA LYS B 294 6.84 36.97 -16.07
C LYS B 294 7.09 38.39 -16.55
N LYS B 295 6.79 39.39 -15.72
CA LYS B 295 7.23 40.75 -15.99
C LYS B 295 8.75 40.82 -16.03
N ILE B 296 9.38 40.55 -14.92
CA ILE B 296 10.82 40.38 -14.91
C ILE B 296 11.12 39.02 -15.51
N ILE B 297 12.13 38.94 -16.37
CA ILE B 297 12.67 37.64 -16.73
C ILE B 297 13.46 37.11 -15.54
N HIS B 298 13.17 35.91 -15.12
CA HIS B 298 13.49 35.72 -13.72
C HIS B 298 14.18 34.40 -13.41
N ASP B 299 13.88 33.35 -14.16
CA ASP B 299 14.43 31.99 -13.98
C ASP B 299 14.24 31.52 -12.54
N LEU B 300 12.98 31.37 -12.16
CA LEU B 300 12.56 31.15 -10.80
C LEU B 300 12.43 29.67 -10.49
N ASP B 301 12.58 29.33 -9.21
CA ASP B 301 12.05 28.07 -8.73
C ASP B 301 11.62 28.22 -7.28
N LEU B 302 10.90 27.24 -6.74
CA LEU B 302 10.47 27.40 -5.35
C LEU B 302 9.98 26.13 -4.67
N ASP B 303 9.65 26.28 -3.38
CA ASP B 303 9.17 25.18 -2.58
C ASP B 303 7.68 24.96 -2.76
N LEU B 304 7.15 23.93 -2.11
CA LEU B 304 5.73 23.60 -2.21
C LEU B 304 4.84 24.68 -1.63
N GLU B 305 5.31 25.34 -0.57
CA GLU B 305 4.55 26.39 0.07
C GLU B 305 5.23 27.76 -0.03
N SER B 306 6.17 27.88 -0.97
CA SER B 306 6.94 29.10 -1.24
C SER B 306 7.67 29.62 0.01
N SER B 307 8.82 29.03 0.33
CA SER B 307 9.51 29.43 1.53
C SER B 307 11.01 29.46 1.39
N MET B 308 11.60 28.57 0.63
CA MET B 308 12.90 28.82 0.04
C MET B 308 12.63 29.18 -1.41
N VAL B 309 12.82 30.44 -1.74
CA VAL B 309 12.58 30.87 -3.10
C VAL B 309 13.86 31.46 -3.66
N SER B 310 14.27 30.97 -4.81
CA SER B 310 15.56 31.33 -5.38
C SER B 310 15.43 31.39 -6.88
N PHE B 311 16.22 32.26 -7.49
CA PHE B 311 15.97 32.75 -8.84
C PHE B 311 17.16 33.56 -9.31
N PHE B 312 17.07 34.03 -10.54
CA PHE B 312 17.86 35.19 -10.96
C PHE B 312 17.02 36.39 -10.59
N VAL B 313 17.68 37.47 -10.20
CA VAL B 313 16.97 38.75 -10.25
C VAL B 313 16.74 39.04 -11.72
N LYS B 314 17.81 39.32 -12.46
CA LYS B 314 17.95 38.98 -13.87
C LYS B 314 19.32 38.32 -13.94
N ASP B 315 20.20 38.80 -13.07
CA ASP B 315 21.60 38.41 -13.09
C ASP B 315 21.87 37.20 -12.20
N ILE B 316 21.63 37.36 -10.90
CA ILE B 316 22.30 36.53 -9.91
C ILE B 316 21.35 35.84 -8.94
N LYS B 317 21.88 34.87 -8.21
CA LYS B 317 21.07 33.98 -7.41
C LYS B 317 20.78 34.61 -6.05
N VAL B 318 19.50 34.75 -5.75
CA VAL B 318 19.06 35.31 -4.48
C VAL B 318 18.05 34.37 -3.85
N GLU B 319 18.38 33.86 -2.68
CA GLU B 319 17.45 33.11 -1.84
C GLU B 319 16.85 34.09 -0.83
N LEU B 320 15.63 33.82 -0.43
CA LEU B 320 14.98 34.52 0.66
C LEU B 320 13.98 33.60 1.31
N PHE B 321 13.81 33.74 2.61
CA PHE B 321 12.87 32.94 3.37
C PHE B 321 11.68 33.78 3.75
N VAL B 322 10.50 33.18 3.64
CA VAL B 322 9.25 33.89 3.78
C VAL B 322 8.54 33.32 5.01
N LYS B 323 7.63 34.12 5.56
CA LYS B 323 6.82 33.77 6.72
C LYS B 323 5.52 34.48 6.36
N GLN B 324 4.69 34.89 7.32
CA GLN B 324 3.35 35.39 7.07
C GLN B 324 3.45 36.71 6.31
N ASN B 325 3.55 36.55 4.98
CA ASN B 325 3.88 37.48 3.90
C ASN B 325 4.84 38.58 4.32
N GLU B 326 5.92 38.18 4.97
CA GLU B 326 6.95 39.09 5.43
C GLU B 326 8.28 38.38 5.23
N ILE B 327 9.19 39.01 4.51
CA ILE B 327 10.47 38.39 4.20
C ILE B 327 11.36 38.44 5.44
N VAL B 328 12.02 37.34 5.73
CA VAL B 328 12.98 37.27 6.83
C VAL B 328 14.41 37.13 6.33
N SER B 329 14.71 36.07 5.60
CA SER B 329 16.09 35.87 5.17
C SER B 329 16.34 36.48 3.81
N CYS B 330 17.61 36.54 3.44
CA CYS B 330 18.02 37.03 2.13
C CYS B 330 19.42 36.54 1.82
N SER B 331 19.75 36.43 0.54
CA SER B 331 21.09 36.04 0.14
C SER B 331 21.64 36.95 -0.96
N SER B 340 26.16 41.19 1.18
CA SER B 340 26.19 42.64 1.03
C SER B 340 25.20 43.32 1.97
N GLN B 341 25.67 44.40 2.61
CA GLN B 341 24.80 45.20 3.47
C GLN B 341 23.68 45.85 2.67
N ASN B 342 24.00 46.27 1.44
CA ASN B 342 23.02 46.73 0.46
C ASN B 342 21.91 45.71 0.27
N ASN B 343 22.29 44.49 -0.09
CA ASN B 343 21.35 43.40 -0.37
C ASN B 343 20.48 43.11 0.85
N LYS B 344 21.13 42.89 2.01
CA LYS B 344 20.40 42.42 3.18
C LYS B 344 19.41 43.47 3.67
N SER B 345 19.83 44.73 3.72
CA SER B 345 18.93 45.73 4.26
C SER B 345 17.86 46.12 3.26
N LYS B 346 18.12 45.95 1.96
CA LYS B 346 17.06 46.19 1.00
C LYS B 346 16.01 45.10 1.08
N TRP B 347 16.38 43.92 1.54
CA TRP B 347 15.39 42.86 1.43
C TRP B 347 14.88 42.25 2.74
N GLU B 348 15.30 42.67 3.93
CA GLU B 348 14.50 42.21 5.08
C GLU B 348 13.28 43.12 5.21
N ILE B 349 12.27 42.83 4.38
CA ILE B 349 11.16 43.74 4.12
C ILE B 349 9.82 43.00 4.13
N ALA B 350 8.74 43.74 3.89
CA ALA B 350 7.44 43.14 3.71
C ALA B 350 7.21 42.80 2.24
N LEU B 351 6.24 41.92 2.00
CA LEU B 351 6.01 41.37 0.66
C LEU B 351 5.64 42.41 -0.37
N LEU B 352 4.87 43.42 0.02
CA LEU B 352 4.55 44.45 -0.95
C LEU B 352 5.77 45.33 -1.20
N GLY B 353 6.70 45.35 -0.28
CA GLY B 353 7.94 46.03 -0.58
C GLY B 353 8.88 45.23 -1.44
N SER B 354 8.62 43.94 -1.63
CA SER B 354 9.57 43.09 -2.34
C SER B 354 9.59 43.41 -3.83
N LEU B 355 8.41 43.45 -4.44
CA LEU B 355 8.33 43.78 -5.86
C LEU B 355 8.76 45.22 -6.11
N ASP B 356 8.49 46.11 -5.17
CA ASP B 356 8.90 47.50 -5.34
C ASP B 356 10.42 47.64 -5.22
N ASP B 357 11.04 46.84 -4.36
CA ASP B 357 12.47 46.96 -4.22
C ASP B 357 13.20 46.28 -5.36
N LEU B 358 12.57 45.30 -6.00
CA LEU B 358 13.21 44.84 -7.23
C LEU B 358 12.96 45.79 -8.39
N GLU B 359 11.89 46.57 -8.35
CA GLU B 359 11.75 47.67 -9.29
C GLU B 359 12.86 48.70 -9.11
N LEU B 360 13.22 48.97 -7.87
CA LEU B 360 14.13 50.08 -7.60
C LEU B 360 15.59 49.68 -7.82
N LYS B 361 15.95 48.45 -7.49
CA LYS B 361 17.37 48.09 -7.42
C LYS B 361 18.00 47.98 -8.80
N LEU B 362 17.33 47.27 -9.71
CA LEU B 362 17.75 47.08 -11.11
C LEU B 362 19.15 46.45 -11.23
N VAL C 125 -34.21 -6.76 -7.81
CA VAL C 125 -33.10 -6.00 -7.24
C VAL C 125 -32.72 -4.92 -8.23
N GLU C 126 -33.39 -3.78 -8.15
CA GLU C 126 -33.53 -2.89 -9.28
C GLU C 126 -32.27 -2.06 -9.50
N ARG C 127 -32.34 -1.14 -10.45
CA ARG C 127 -31.17 -0.33 -10.77
C ARG C 127 -31.59 0.98 -11.42
N ILE C 128 -32.22 1.83 -10.63
CA ILE C 128 -32.67 3.12 -11.11
C ILE C 128 -31.63 4.20 -10.84
N ASN C 129 -31.72 5.30 -11.59
CA ASN C 129 -30.81 6.42 -11.40
C ASN C 129 -31.31 7.29 -10.25
N GLY C 130 -30.48 8.21 -9.78
CA GLY C 130 -30.93 9.01 -8.65
C GLY C 130 -30.65 10.50 -8.55
N LEU C 131 -31.67 11.31 -8.78
CA LEU C 131 -31.52 12.76 -8.71
C LEU C 131 -32.13 13.37 -7.45
N THR C 132 -33.15 12.72 -6.89
CA THR C 132 -33.79 13.26 -5.68
C THR C 132 -34.40 12.20 -4.77
N ASN C 133 -35.09 12.66 -3.74
CA ASN C 133 -35.75 11.84 -2.71
C ASN C 133 -34.83 10.95 -1.88
N LEU C 134 -34.35 11.50 -0.77
CA LEU C 134 -33.43 10.85 0.17
C LEU C 134 -33.61 9.34 0.39
N GLN C 135 -34.82 8.96 0.77
CA GLN C 135 -35.14 7.57 1.07
C GLN C 135 -34.62 6.53 0.08
N LYS C 136 -34.81 6.81 -1.21
CA LYS C 136 -34.37 5.90 -2.24
C LYS C 136 -32.85 5.74 -2.18
N GLU C 137 -32.13 6.83 -2.42
CA GLU C 137 -30.68 6.75 -2.41
C GLU C 137 -30.14 6.55 -1.01
N LEU C 138 -30.85 7.01 0.01
CA LEU C 138 -30.33 6.83 1.34
C LEU C 138 -30.35 5.36 1.72
N VAL C 139 -31.26 4.61 1.12
CA VAL C 139 -31.06 3.17 1.06
C VAL C 139 -29.87 2.86 0.19
N THR C 140 -29.88 3.29 -1.04
CA THR C 140 -28.94 2.74 -2.01
C THR C 140 -27.69 3.62 -2.13
N LYS C 141 -27.16 4.00 -0.98
CA LYS C 141 -25.89 4.72 -0.93
C LYS C 141 -24.86 3.72 -0.46
N TYR C 142 -24.18 3.14 -1.41
CA TYR C 142 -23.11 2.21 -1.12
C TYR C 142 -21.77 2.81 -1.42
N ASP C 143 -21.76 4.04 -1.87
CA ASP C 143 -20.56 4.78 -2.22
C ASP C 143 -20.13 5.56 -1.01
N THR C 144 -19.33 6.58 -1.26
CA THR C 144 -19.31 7.76 -0.40
C THR C 144 -18.92 8.96 -1.24
N LEU C 145 -19.89 9.78 -1.49
CA LEU C 145 -19.78 10.93 -2.37
C LEU C 145 -20.50 12.05 -1.63
N PRO C 146 -20.56 13.28 -2.16
CA PRO C 146 -21.58 14.20 -1.69
C PRO C 146 -22.95 13.60 -1.90
N LEU C 147 -23.86 13.87 -0.96
CA LEU C 147 -25.02 13.01 -0.84
C LEU C 147 -25.97 13.04 -2.02
N LEU C 148 -26.75 14.12 -2.19
CA LEU C 148 -27.26 14.77 -3.41
C LEU C 148 -28.21 15.88 -3.00
N ASN C 149 -28.88 16.51 -3.95
CA ASN C 149 -29.37 17.88 -3.83
C ASN C 149 -30.36 18.08 -2.72
N MET C 150 -31.34 17.21 -2.68
CA MET C 150 -32.77 17.52 -2.76
C MET C 150 -33.01 18.91 -2.19
N ASN C 151 -32.83 19.11 -0.90
CA ASN C 151 -32.59 20.41 -0.36
C ASN C 151 -31.48 20.34 0.64
N LEU C 152 -31.09 19.13 1.02
CA LEU C 152 -30.24 18.92 2.16
C LEU C 152 -28.85 19.41 1.88
N ARG C 153 -28.49 19.50 0.61
CA ARG C 153 -27.46 20.44 0.22
C ARG C 153 -27.83 21.84 0.65
N LEU C 154 -28.85 22.42 0.04
CA LEU C 154 -29.08 23.84 0.14
C LEU C 154 -29.65 24.22 1.48
N SER C 155 -30.27 23.29 2.17
CA SER C 155 -30.66 23.54 3.55
C SER C 155 -29.44 23.70 4.42
N TYR C 156 -28.46 22.81 4.28
CA TYR C 156 -27.21 22.97 5.02
C TYR C 156 -26.50 24.25 4.66
N LEU C 157 -26.54 24.62 3.39
CA LEU C 157 -25.96 25.86 2.92
C LEU C 157 -26.57 27.05 3.63
N ARG C 158 -27.86 27.27 3.41
CA ARG C 158 -28.54 28.44 3.92
C ARG C 158 -28.62 28.42 5.43
N ASP C 159 -28.99 27.28 5.99
CA ASP C 159 -29.15 27.17 7.42
C ASP C 159 -27.81 27.17 8.15
N HIS C 160 -26.70 26.98 7.44
CA HIS C 160 -25.39 27.08 8.05
C HIS C 160 -24.52 28.04 7.26
N THR C 161 -25.19 29.09 6.78
CA THR C 161 -24.62 30.41 6.48
C THR C 161 -25.81 31.37 6.49
N TYR C 162 -25.98 32.11 7.59
CA TYR C 162 -27.31 32.59 7.97
C TYR C 162 -27.95 33.71 7.12
N PRO C 163 -27.26 34.77 6.69
CA PRO C 163 -27.91 35.69 5.75
C PRO C 163 -27.92 35.22 4.31
N HIS C 164 -28.97 35.63 3.61
CA HIS C 164 -29.52 34.88 2.49
C HIS C 164 -28.93 35.34 1.16
N LEU C 165 -29.61 34.99 0.07
CA LEU C 165 -29.08 35.04 -1.29
C LEU C 165 -30.22 34.75 -2.26
N GLN C 166 -30.28 35.50 -3.36
CA GLN C 166 -31.23 35.24 -4.45
C GLN C 166 -30.62 35.58 -5.80
N VAL C 167 -31.28 35.12 -6.88
CA VAL C 167 -30.74 35.21 -8.23
C VAL C 167 -31.78 35.47 -9.32
N SER C 168 -31.30 35.36 -10.55
CA SER C 168 -31.98 34.92 -11.77
C SER C 168 -30.87 34.63 -12.78
N VAL C 169 -31.13 33.75 -13.73
CA VAL C 169 -30.03 33.02 -14.39
C VAL C 169 -29.43 33.82 -15.53
N GLN C 170 -30.25 34.19 -16.51
CA GLN C 170 -29.88 34.97 -17.70
C GLN C 170 -28.77 34.29 -18.51
N SER C 171 -29.12 33.15 -19.08
CA SER C 171 -28.12 32.39 -19.82
C SER C 171 -27.74 33.09 -21.11
N ARG C 172 -26.61 32.67 -21.67
CA ARG C 172 -26.18 33.09 -23.00
C ARG C 172 -25.49 31.89 -23.63
N ASP C 173 -25.66 31.74 -24.94
CA ASP C 173 -25.25 30.57 -25.73
C ASP C 173 -25.80 29.27 -25.14
N ASN C 177 -19.31 34.14 -21.03
CA ASN C 177 -20.42 33.68 -21.83
C ASN C 177 -21.68 33.51 -21.04
N ASP C 178 -21.70 33.98 -19.80
CA ASP C 178 -22.92 34.01 -19.01
C ASP C 178 -22.89 35.20 -18.06
N GLY C 179 -23.48 36.30 -18.50
CA GLY C 179 -23.88 37.31 -17.54
C GLY C 179 -24.88 36.73 -16.56
N ILE C 180 -24.71 37.05 -15.28
CA ILE C 180 -25.50 36.45 -14.22
C ILE C 180 -25.74 37.49 -13.14
N GLU C 181 -26.89 37.41 -12.50
CA GLU C 181 -27.12 38.30 -11.38
C GLU C 181 -27.05 37.53 -10.08
N VAL C 182 -27.16 38.26 -8.98
CA VAL C 182 -27.31 37.68 -7.66
C VAL C 182 -27.96 38.74 -6.80
N LEU C 183 -28.57 38.31 -5.72
CA LEU C 183 -29.14 39.24 -4.76
C LEU C 183 -28.67 38.76 -3.40
N VAL C 184 -27.49 39.22 -3.00
CA VAL C 184 -26.93 38.82 -1.73
C VAL C 184 -27.69 39.42 -0.58
N VAL C 185 -28.66 38.70 -0.03
CA VAL C 185 -29.45 39.26 1.06
C VAL C 185 -28.58 39.21 2.31
N ASN C 186 -27.89 40.30 2.60
CA ASN C 186 -27.26 40.40 3.90
C ASN C 186 -28.35 40.69 4.91
N TYR C 187 -28.31 39.95 6.00
CA TYR C 187 -29.52 39.72 6.77
C TYR C 187 -29.03 39.45 8.19
N LYS C 188 -28.87 40.48 8.93
CA LYS C 188 -28.84 40.28 10.36
C LYS C 188 -29.95 41.05 11.05
N PHE C 189 -30.01 42.36 10.85
CA PHE C 189 -31.22 43.14 11.04
C PHE C 189 -31.53 44.09 9.90
N CYS C 190 -30.54 44.69 9.28
CA CYS C 190 -30.75 45.73 8.28
C CYS C 190 -30.04 45.28 7.02
N ARG C 191 -30.75 45.31 5.90
CA ARG C 191 -30.33 44.68 4.67
C ARG C 191 -29.10 45.37 4.07
N ASN C 192 -28.57 44.73 3.03
CA ASN C 192 -27.37 45.11 2.29
C ASN C 192 -27.26 44.11 1.14
N THR C 193 -26.82 44.52 -0.04
CA THR C 193 -26.74 43.58 -1.15
C THR C 193 -25.70 44.01 -2.18
N MET C 194 -25.77 43.40 -3.36
CA MET C 194 -24.70 43.36 -4.35
C MET C 194 -25.28 42.64 -5.56
N ASN C 195 -24.59 42.77 -6.70
CA ASN C 195 -24.91 42.05 -7.95
C ASN C 195 -23.72 42.02 -8.92
N PRO C 196 -23.47 40.85 -9.54
CA PRO C 196 -22.25 40.60 -10.33
C PRO C 196 -22.37 40.81 -11.82
N PHE C 197 -21.36 40.34 -12.54
CA PHE C 197 -21.36 40.31 -14.01
C PHE C 197 -20.74 38.97 -14.43
N GLU C 198 -20.34 38.84 -15.69
CA GLU C 198 -20.32 37.60 -16.45
C GLU C 198 -19.19 36.64 -16.11
N ILE C 199 -19.39 35.38 -16.53
CA ILE C 199 -18.48 34.25 -16.34
C ILE C 199 -18.23 33.60 -17.70
N GLN C 200 -17.47 32.50 -17.72
CA GLN C 200 -17.50 31.56 -18.84
C GLN C 200 -17.63 30.13 -18.37
N PHE C 201 -18.32 29.33 -19.16
CA PHE C 201 -18.22 27.88 -19.10
C PHE C 201 -17.10 27.37 -19.98
N SER C 210 -12.12 27.16 -16.70
CA SER C 210 -12.64 27.98 -17.78
C SER C 210 -13.55 29.01 -17.20
N THR C 211 -13.61 29.06 -15.88
CA THR C 211 -14.54 29.96 -15.21
C THR C 211 -13.77 31.24 -14.88
N LEU C 212 -13.49 32.03 -15.91
CA LEU C 212 -12.63 33.18 -15.71
C LEU C 212 -13.08 34.45 -16.42
N LEU C 213 -14.16 35.07 -15.97
CA LEU C 213 -14.57 36.32 -16.59
C LEU C 213 -14.95 37.32 -15.52
N LYS C 214 -15.52 38.42 -15.98
CA LYS C 214 -15.32 39.66 -15.27
C LYS C 214 -16.64 40.15 -14.73
N TRP C 215 -16.53 41.01 -13.75
CA TRP C 215 -17.54 41.10 -12.74
C TRP C 215 -17.69 42.55 -12.32
N GLU C 216 -18.90 42.90 -11.95
CA GLU C 216 -19.24 44.28 -11.69
C GLU C 216 -19.98 44.30 -10.39
N ILE C 217 -20.22 45.51 -9.90
CA ILE C 217 -21.18 45.78 -8.85
C ILE C 217 -22.21 46.74 -9.41
N LEU C 218 -23.48 46.40 -9.27
CA LEU C 218 -24.51 47.21 -9.88
C LEU C 218 -25.54 47.70 -8.88
N ARG C 219 -25.52 47.23 -7.65
CA ARG C 219 -26.44 47.75 -6.65
C ARG C 219 -25.84 47.60 -5.26
N ILE C 220 -25.78 48.69 -4.53
CA ILE C 220 -25.21 48.70 -3.20
C ILE C 220 -26.30 49.24 -2.29
N SER C 221 -26.33 48.75 -1.06
CA SER C 221 -27.08 49.47 -0.06
C SER C 221 -26.18 50.50 0.60
N THR C 222 -26.78 51.62 0.97
CA THR C 222 -26.01 52.78 1.36
C THR C 222 -25.52 52.73 2.79
N ASN C 223 -25.73 51.63 3.51
CA ASN C 223 -25.13 51.46 4.82
C ASN C 223 -23.63 51.44 4.75
N VAL C 224 -23.08 51.00 3.63
CA VAL C 224 -21.68 51.19 3.27
C VAL C 224 -21.65 51.69 1.84
N ARG C 225 -21.00 52.83 1.61
CA ARG C 225 -20.88 53.36 0.26
C ARG C 225 -19.50 53.15 -0.33
N LEU C 226 -18.47 53.63 0.36
CA LEU C 226 -17.13 53.73 -0.19
C LEU C 226 -16.15 52.79 0.47
N LYS C 227 -16.46 52.24 1.64
CA LYS C 227 -15.64 51.17 2.18
C LYS C 227 -15.78 49.91 1.34
N ALA C 228 -16.96 49.70 0.76
CA ALA C 228 -17.15 48.62 -0.19
C ALA C 228 -16.32 48.85 -1.45
N LYS C 229 -16.12 50.11 -1.82
CA LYS C 229 -15.30 50.42 -2.98
C LYS C 229 -13.82 50.41 -2.64
N GLN C 230 -13.48 50.60 -1.37
CA GLN C 230 -12.15 50.24 -0.88
C GLN C 230 -11.89 48.77 -1.12
N LEU C 231 -12.87 47.93 -0.80
CA LEU C 231 -12.74 46.49 -1.02
C LEU C 231 -12.67 46.15 -2.50
N LEU C 232 -13.73 46.48 -3.22
CA LEU C 232 -13.93 46.17 -4.62
C LEU C 232 -13.13 47.04 -5.54
N ALA C 233 -12.28 47.91 -4.99
CA ALA C 233 -11.17 48.46 -5.74
C ALA C 233 -10.34 47.35 -6.35
N THR C 234 -10.04 46.34 -5.56
CA THR C 234 -9.44 45.14 -6.08
C THR C 234 -10.53 44.19 -6.56
N ARG C 235 -10.09 43.06 -7.12
CA ARG C 235 -11.03 42.05 -7.58
C ARG C 235 -11.16 41.07 -6.43
N ASN C 236 -11.17 39.78 -6.75
CA ASN C 236 -11.26 38.68 -5.79
C ASN C 236 -12.46 38.63 -4.84
N PHE C 237 -13.57 38.14 -5.36
CA PHE C 237 -14.85 38.10 -4.66
C PHE C 237 -14.91 37.19 -3.44
N GLN C 238 -14.01 36.22 -3.37
CA GLN C 238 -14.04 35.30 -2.23
C GLN C 238 -13.85 36.13 -0.96
N LYS C 239 -12.67 36.73 -0.85
CA LYS C 239 -12.32 37.57 0.28
C LYS C 239 -13.39 38.62 0.52
N CYS C 240 -13.75 39.34 -0.53
CA CYS C 240 -14.76 40.37 -0.44
C CYS C 240 -16.06 39.85 0.18
N LEU C 241 -16.64 38.82 -0.40
CA LEU C 241 -17.88 38.28 0.13
C LEU C 241 -17.74 37.84 1.58
N LEU C 242 -16.65 37.15 1.89
CA LEU C 242 -16.44 36.68 3.24
C LEU C 242 -16.44 37.85 4.23
N SER C 243 -15.66 38.89 3.91
CA SER C 243 -15.59 40.06 4.79
C SER C 243 -16.98 40.64 4.96
N LEU C 244 -17.67 40.82 3.84
CA LEU C 244 -19.03 41.36 3.88
C LEU C 244 -19.87 40.44 4.74
N TYR C 245 -19.55 39.16 4.74
CA TYR C 245 -20.28 38.20 5.55
C TYR C 245 -19.84 38.27 7.00
N GLU C 246 -18.55 38.04 7.22
CA GLU C 246 -18.05 38.12 8.58
C GLU C 246 -18.16 39.54 9.11
N PHE C 247 -18.15 40.54 8.23
CA PHE C 247 -18.35 41.91 8.65
C PHE C 247 -19.74 42.12 9.23
N ASP C 248 -20.73 41.45 8.63
CA ASP C 248 -22.07 41.48 9.21
C ASP C 248 -22.06 40.82 10.58
N LYS C 249 -21.35 39.72 10.70
CA LYS C 249 -21.27 39.10 12.02
C LYS C 249 -20.52 39.97 13.01
N ILE C 250 -19.61 40.81 12.52
CA ILE C 250 -18.88 41.72 13.39
C ILE C 250 -19.80 42.81 13.92
N LYS C 251 -20.58 43.42 13.02
CA LYS C 251 -21.59 44.39 13.44
C LYS C 251 -22.54 43.79 14.46
N SER C 252 -22.93 42.53 14.23
CA SER C 252 -23.84 41.86 15.13
C SER C 252 -23.22 41.63 16.50
N LYS C 253 -21.96 41.20 16.55
CA LYS C 253 -21.36 40.96 17.85
C LYS C 253 -20.99 42.25 18.55
N LYS C 254 -20.70 43.30 17.79
CA LYS C 254 -20.51 44.64 18.32
C LYS C 254 -21.74 45.09 19.10
N THR C 255 -22.90 44.96 18.48
CA THR C 255 -24.14 45.26 19.17
C THR C 255 -24.41 44.29 20.30
N GLY C 256 -24.11 43.01 20.10
CA GLY C 256 -24.37 42.00 21.12
C GLY C 256 -23.53 42.16 22.36
N ILE C 257 -22.40 42.85 22.25
CA ILE C 257 -21.65 43.24 23.43
C ILE C 257 -22.21 44.52 24.03
N PHE C 258 -22.58 45.46 23.16
CA PHE C 258 -22.97 46.77 23.67
C PHE C 258 -24.28 46.74 24.44
N GLN C 259 -25.20 45.87 24.07
CA GLN C 259 -26.48 45.86 24.77
C GLN C 259 -26.35 45.30 26.18
N ASN C 260 -25.64 44.19 26.33
CA ASN C 260 -25.43 43.65 27.67
C ASN C 260 -24.20 44.21 28.36
N LEU C 261 -23.65 45.32 27.87
CA LEU C 261 -22.95 46.19 28.81
C LEU C 261 -23.78 47.40 29.22
N ILE C 262 -24.66 47.90 28.34
CA ILE C 262 -25.61 48.95 28.71
C ILE C 262 -26.59 48.47 29.76
N ASN C 263 -26.81 47.16 29.87
CA ASN C 263 -27.74 46.55 30.83
C ASN C 263 -27.54 46.99 32.28
N LEU C 264 -26.31 47.33 32.67
CA LEU C 264 -26.04 47.83 34.02
C LEU C 264 -26.71 49.19 34.19
N LEU C 265 -27.43 49.36 35.30
CA LEU C 265 -28.33 50.50 35.49
C LEU C 265 -27.74 51.58 36.38
N LYS C 266 -26.42 51.73 36.38
CA LYS C 266 -25.71 52.84 37.02
C LYS C 266 -25.67 54.05 36.11
N ARG C 267 -24.68 54.91 36.31
CA ARG C 267 -24.48 56.17 35.61
C ARG C 267 -24.23 56.11 34.09
N LYS C 268 -24.38 54.93 33.49
CA LYS C 268 -24.17 54.69 32.06
C LYS C 268 -24.85 55.70 31.15
N THR C 269 -24.09 56.19 30.19
CA THR C 269 -24.53 57.10 29.16
C THR C 269 -24.05 56.57 27.82
N ARG C 270 -24.51 57.19 26.74
CA ARG C 270 -24.43 56.60 25.41
C ARG C 270 -23.61 57.45 24.44
N CYS C 271 -22.94 56.77 23.51
CA CYS C 271 -22.01 57.40 22.57
C CYS C 271 -22.29 56.90 21.17
N TYR C 272 -21.47 57.38 20.21
CA TYR C 272 -21.71 57.13 18.80
C TYR C 272 -21.28 55.71 18.41
N SER C 279 -18.03 55.31 17.61
CA SER C 279 -18.70 54.11 18.11
C SER C 279 -17.95 53.52 19.31
N LEU C 280 -18.39 53.87 20.51
CA LEU C 280 -17.77 53.38 21.74
C LEU C 280 -18.73 53.46 22.91
N ILE C 281 -18.26 54.05 24.01
CA ILE C 281 -19.06 54.18 25.21
C ILE C 281 -18.97 55.61 25.72
N VAL C 282 -19.96 56.00 26.51
CA VAL C 282 -19.95 57.28 27.19
C VAL C 282 -20.00 56.96 28.67
N GLU C 283 -18.82 56.76 29.24
CA GLU C 283 -18.61 56.63 30.67
C GLU C 283 -17.15 56.95 30.93
N ARG C 284 -16.87 57.66 32.02
CA ARG C 284 -15.57 58.26 32.34
C ARG C 284 -15.04 59.11 31.19
N GLN C 297 -14.13 55.99 27.58
CA GLN C 297 -14.21 56.21 26.15
C GLN C 297 -13.60 55.03 25.40
N ILE C 298 -14.06 53.84 25.76
CA ILE C 298 -13.58 52.62 25.15
C ILE C 298 -14.13 52.49 23.74
N ASN C 299 -13.38 52.99 22.78
CA ASN C 299 -13.71 52.77 21.38
C ASN C 299 -12.93 51.59 20.84
N PHE C 300 -13.30 51.17 19.63
CA PHE C 300 -12.54 50.19 18.88
C PHE C 300 -12.91 50.32 17.42
N ILE C 301 -11.91 50.22 16.57
CA ILE C 301 -12.13 50.36 15.15
C ILE C 301 -12.75 49.09 14.59
N ILE C 302 -13.34 49.22 13.41
CA ILE C 302 -13.53 48.10 12.51
C ILE C 302 -12.77 48.45 11.25
N THR C 303 -11.50 48.07 11.21
CA THR C 303 -10.76 48.20 9.98
C THR C 303 -11.19 47.09 9.06
N MET C 304 -11.33 47.42 7.79
CA MET C 304 -11.65 46.44 6.77
C MET C 304 -10.55 46.55 5.72
N PRO C 305 -9.36 46.09 6.05
CA PRO C 305 -8.13 46.71 5.56
C PRO C 305 -7.76 46.25 4.15
N GLY C 306 -6.61 46.74 3.70
CA GLY C 306 -5.99 46.31 2.46
C GLY C 306 -4.65 45.67 2.73
N GLU C 307 -4.57 44.86 3.79
CA GLU C 307 -3.39 44.08 4.11
C GLU C 307 -3.65 42.57 4.09
N ARG C 308 -4.55 42.07 4.95
CA ARG C 308 -4.71 40.64 5.17
C ARG C 308 -6.02 40.10 4.61
N GLY C 309 -6.90 40.96 4.11
CA GLY C 309 -8.10 40.54 3.45
C GLY C 309 -9.28 40.25 4.34
N LYS C 310 -9.09 40.15 5.66
CA LYS C 310 -10.19 39.80 6.54
C LYS C 310 -10.16 40.76 7.71
N PRO C 311 -11.28 41.38 8.07
CA PRO C 311 -11.27 42.56 8.95
C PRO C 311 -10.90 42.22 10.38
N ARG C 312 -9.94 42.96 10.93
CA ARG C 312 -9.44 42.77 12.28
C ARG C 312 -9.68 44.02 13.08
N ASN C 313 -9.83 43.89 14.41
CA ASN C 313 -10.34 44.99 15.24
C ASN C 313 -9.54 45.18 16.51
N CYS C 314 -8.53 46.04 16.48
CA CYS C 314 -7.82 46.37 17.71
C CYS C 314 -8.69 47.30 18.57
N PHE C 315 -8.28 47.47 19.82
CA PHE C 315 -9.12 48.13 20.80
C PHE C 315 -8.53 49.45 21.27
N LEU C 316 -9.35 50.18 22.02
CA LEU C 316 -8.92 51.36 22.76
C LEU C 316 -9.69 51.41 24.07
N PRO C 317 -9.01 51.85 25.11
CA PRO C 317 -9.62 51.94 26.42
C PRO C 317 -9.51 53.37 26.96
N ASN C 333 -2.60 57.99 33.45
CA ASN C 333 -3.81 57.18 33.35
C ASN C 333 -4.30 57.04 31.93
N GLN C 334 -3.38 56.95 30.97
CA GLN C 334 -3.80 56.63 29.61
C GLN C 334 -3.10 55.38 29.05
N ILE C 335 -1.76 55.42 28.98
CA ILE C 335 -0.99 54.27 28.51
C ILE C 335 -1.06 53.16 29.53
N ASP C 336 -1.17 53.55 30.80
CA ASP C 336 -1.40 52.64 31.91
C ASP C 336 -2.64 51.80 31.67
N LEU C 337 -3.75 52.47 31.30
CA LEU C 337 -4.99 51.79 30.94
C LEU C 337 -4.81 50.89 29.73
N ASP C 338 -3.94 51.32 28.79
CA ASP C 338 -3.72 50.52 27.58
C ASP C 338 -3.09 49.17 27.91
N GLU C 339 -1.99 49.17 28.67
CA GLU C 339 -1.38 47.88 29.00
C GLU C 339 -2.22 47.07 29.98
N ILE C 340 -3.01 47.73 30.83
CA ILE C 340 -3.86 46.97 31.75
C ILE C 340 -4.99 46.27 30.99
N CYS C 341 -5.60 46.95 30.02
CA CYS C 341 -6.70 46.32 29.29
C CYS C 341 -6.19 45.21 28.38
N TYR C 342 -5.04 45.43 27.75
CA TYR C 342 -4.37 44.36 27.00
C TYR C 342 -4.01 43.18 27.89
N GLY C 343 -3.67 43.44 29.16
CA GLY C 343 -3.48 42.34 30.07
C GLY C 343 -4.75 41.58 30.35
N LEU C 344 -5.79 42.29 30.79
CA LEU C 344 -7.00 41.64 31.29
C LEU C 344 -7.82 41.02 30.18
N ILE C 345 -7.48 41.29 28.92
CA ILE C 345 -8.20 40.71 27.80
C ILE C 345 -7.54 39.37 27.45
N LYS C 346 -6.73 38.83 28.37
CA LYS C 346 -6.19 37.50 28.18
C LYS C 346 -6.62 36.51 29.26
N GLU C 347 -7.49 36.89 30.17
CA GLU C 347 -7.94 35.92 31.17
C GLU C 347 -9.42 35.63 31.10
N TYR C 348 -10.26 36.63 31.27
CA TYR C 348 -11.68 36.44 31.44
C TYR C 348 -12.37 37.09 30.25
N GLY C 349 -13.18 36.30 29.53
CA GLY C 349 -13.64 36.53 28.16
C GLY C 349 -14.17 37.90 27.79
N VAL C 350 -14.15 38.23 26.48
CA VAL C 350 -14.58 39.53 25.96
C VAL C 350 -15.97 39.90 26.45
N LYS C 351 -16.87 38.92 26.48
CA LYS C 351 -18.21 39.12 27.01
C LYS C 351 -18.21 39.43 28.51
N THR C 352 -17.10 39.16 29.19
CA THR C 352 -16.93 39.51 30.59
C THR C 352 -15.90 40.61 30.79
N GLY C 353 -15.27 41.08 29.72
CA GLY C 353 -14.36 42.19 29.85
C GLY C 353 -15.08 43.47 30.19
N LEU C 354 -16.30 43.62 29.69
CA LEU C 354 -17.18 44.67 30.15
C LEU C 354 -17.52 44.52 31.62
N LYS C 355 -17.67 43.27 32.09
CA LYS C 355 -17.95 43.04 33.50
C LYS C 355 -16.74 43.40 34.36
N GLU C 356 -15.55 43.20 33.82
CA GLU C 356 -14.34 43.61 34.52
C GLU C 356 -14.25 45.12 34.57
N ILE C 357 -14.51 45.79 33.45
CA ILE C 357 -14.47 47.24 33.44
C ILE C 357 -15.58 47.81 34.31
N CYS C 358 -16.69 47.09 34.43
CA CYS C 358 -17.70 47.40 35.42
C CYS C 358 -17.12 47.33 36.83
N ASN C 359 -16.26 46.35 37.09
CA ASN C 359 -15.71 46.16 38.43
C ASN C 359 -14.78 47.30 38.79
N VAL C 360 -14.00 47.80 37.82
CA VAL C 360 -13.20 49.00 38.10
C VAL C 360 -14.00 50.28 37.94
N CYS C 361 -15.29 50.18 37.65
CA CYS C 361 -16.20 51.31 37.75
C CYS C 361 -17.11 51.21 38.97
N LEU C 362 -17.46 49.99 39.38
CA LEU C 362 -18.48 49.82 40.42
C LEU C 362 -17.93 50.16 41.80
N PHE C 363 -16.90 49.43 42.25
CA PHE C 363 -16.38 49.73 43.58
C PHE C 363 -15.45 50.94 43.52
N PRO C 364 -14.36 50.96 42.71
CA PRO C 364 -13.66 52.25 42.83
C PRO C 364 -14.08 53.21 41.71
N ASP D 19 35.84 -5.59 -4.14
CA ASP D 19 35.44 -4.23 -4.43
C ASP D 19 35.01 -4.14 -5.86
N THR D 20 35.85 -4.66 -6.75
CA THR D 20 35.55 -4.58 -8.18
C THR D 20 34.38 -5.49 -8.55
N LEU D 21 34.24 -6.64 -7.87
CA LEU D 21 33.05 -7.45 -8.05
C LEU D 21 31.81 -6.71 -7.60
N VAL D 22 31.89 -6.04 -6.46
CA VAL D 22 30.74 -5.33 -5.92
C VAL D 22 30.35 -4.20 -6.85
N VAL D 23 31.34 -3.45 -7.33
CA VAL D 23 31.05 -2.35 -8.21
C VAL D 23 30.61 -2.87 -9.57
N PHE D 24 30.97 -4.10 -9.92
CA PHE D 24 30.48 -4.63 -11.18
C PHE D 24 29.03 -5.08 -11.06
N LYS D 25 28.67 -5.63 -9.89
CA LYS D 25 27.27 -5.93 -9.61
C LYS D 25 26.43 -4.66 -9.64
N GLN D 26 26.98 -3.56 -9.18
CA GLN D 26 26.25 -2.30 -9.30
C GLN D 26 26.16 -1.85 -10.75
N LEU D 27 27.29 -1.75 -11.42
CA LEU D 27 27.33 -1.12 -12.71
C LEU D 27 26.76 -1.98 -13.82
N MET D 28 26.46 -3.25 -13.54
CA MET D 28 25.70 -4.00 -14.51
C MET D 28 24.22 -3.66 -14.45
N LYS D 29 23.72 -3.22 -13.29
CA LYS D 29 22.31 -2.88 -13.15
C LYS D 29 21.94 -1.63 -13.94
N LEU D 30 22.92 -0.84 -14.31
CA LEU D 30 22.70 0.42 -15.01
C LEU D 30 22.30 0.19 -16.45
N PRO D 31 21.53 1.11 -17.02
CA PRO D 31 21.48 1.24 -18.47
C PRO D 31 22.68 2.07 -18.90
N VAL D 32 22.83 2.25 -20.20
CA VAL D 32 24.09 2.80 -20.68
C VAL D 32 24.03 4.27 -21.07
N THR D 33 22.88 4.73 -21.54
CA THR D 33 22.76 5.48 -22.79
C THR D 33 23.76 6.61 -23.00
N VAL D 34 23.62 7.69 -22.23
CA VAL D 34 24.63 8.73 -22.13
C VAL D 34 24.93 9.05 -20.69
N LEU D 35 24.26 8.37 -19.77
CA LEU D 35 24.51 8.57 -18.36
C LEU D 35 25.91 8.12 -17.99
N TYR D 36 26.40 7.03 -18.60
CA TYR D 36 27.79 6.65 -18.41
C TYR D 36 28.72 7.72 -18.94
N ASP D 37 28.32 8.35 -20.04
CA ASP D 37 29.14 9.40 -20.61
C ASP D 37 29.26 10.58 -19.67
N LEU D 38 28.16 10.96 -19.01
CA LEU D 38 28.22 12.12 -18.13
C LEU D 38 28.94 11.80 -16.82
N THR D 39 28.73 10.57 -16.31
CA THR D 39 29.49 10.11 -15.16
C THR D 39 30.96 10.24 -15.41
N LEU D 40 31.44 9.58 -16.48
CA LEU D 40 32.86 9.57 -16.77
C LEU D 40 33.36 10.94 -17.16
N SER D 41 32.46 11.80 -17.66
CA SER D 41 32.81 13.17 -17.96
C SER D 41 33.26 13.92 -16.71
N TRP D 42 32.38 14.02 -15.71
CA TRP D 42 32.84 14.73 -14.52
C TRP D 42 33.78 13.90 -13.66
N PHE D 43 33.81 12.58 -13.85
CA PHE D 43 34.80 11.78 -13.13
C PHE D 43 36.19 12.12 -13.65
N ALA D 44 36.30 12.37 -14.96
CA ALA D 44 37.50 12.92 -15.53
C ALA D 44 37.58 14.44 -15.38
N LYS D 45 36.55 15.05 -14.81
CA LYS D 45 36.46 16.48 -14.50
C LYS D 45 36.46 17.31 -15.78
N ASP D 53 44.15 16.38 -21.90
CA ASP D 53 43.58 15.12 -22.35
C ASP D 53 42.09 15.32 -22.61
N ILE D 54 41.47 16.15 -21.76
CA ILE D 54 40.02 16.24 -21.71
C ILE D 54 39.41 16.85 -22.96
N TYR D 55 40.18 17.63 -23.72
CA TYR D 55 39.72 18.05 -25.03
C TYR D 55 39.51 16.84 -25.94
N LEU D 56 40.57 16.06 -26.17
CA LEU D 56 40.40 14.88 -27.00
C LEU D 56 39.83 13.70 -26.24
N LEU D 57 39.63 13.80 -24.93
CA LEU D 57 38.79 12.81 -24.29
C LEU D 57 37.34 12.91 -24.75
N THR D 58 36.91 14.12 -25.16
CA THR D 58 35.60 14.25 -25.79
C THR D 58 35.54 13.43 -27.06
N GLU D 59 36.64 13.38 -27.82
CA GLU D 59 36.69 12.52 -29.00
C GLU D 59 37.05 11.08 -28.70
N THR D 60 37.50 10.76 -27.49
CA THR D 60 37.45 9.36 -27.10
C THR D 60 36.00 8.95 -26.88
N LEU D 61 35.27 9.76 -26.12
CA LEU D 61 33.93 9.36 -25.75
C LEU D 61 32.94 9.51 -26.89
N ASP D 62 33.23 10.31 -27.90
CA ASP D 62 32.35 10.34 -29.07
C ASP D 62 32.37 8.99 -29.78
N LEU D 63 33.56 8.46 -30.00
CA LEU D 63 33.70 7.16 -30.63
C LEU D 63 33.14 6.07 -29.74
N LEU D 64 33.36 6.19 -28.42
CA LEU D 64 32.80 5.21 -27.52
C LEU D 64 31.30 5.40 -27.34
N ILE D 65 30.75 6.53 -27.77
CA ILE D 65 29.30 6.64 -27.90
C ILE D 65 28.84 5.86 -29.12
N GLU D 66 29.55 6.00 -30.25
CA GLU D 66 29.16 5.15 -31.35
C GLU D 66 29.65 3.72 -31.15
N LYS D 67 30.69 3.53 -30.36
CA LYS D 67 31.02 2.20 -29.85
C LYS D 67 30.48 1.99 -28.45
N GLY D 68 29.29 2.50 -28.18
CA GLY D 68 28.54 2.05 -27.02
C GLY D 68 27.89 0.73 -27.32
N VAL D 69 28.71 -0.31 -27.44
CA VAL D 69 28.27 -1.64 -27.84
C VAL D 69 28.74 -2.69 -26.85
N ARG D 70 30.05 -2.73 -26.57
CA ARG D 70 30.63 -3.69 -25.65
C ARG D 70 30.32 -3.20 -24.24
N ARG D 71 29.14 -3.56 -23.77
CA ARG D 71 28.44 -2.85 -22.71
C ARG D 71 29.04 -3.12 -21.33
N ASN D 72 29.35 -4.36 -21.00
CA ASN D 72 29.75 -4.66 -19.63
C ASN D 72 31.20 -4.25 -19.42
N VAL D 73 32.03 -4.35 -20.45
CA VAL D 73 33.44 -4.06 -20.30
C VAL D 73 33.77 -2.59 -20.48
N ILE D 74 32.74 -1.73 -20.56
CA ILE D 74 32.97 -0.31 -20.33
C ILE D 74 33.49 -0.09 -18.93
N VAL D 75 32.95 -0.88 -17.98
CA VAL D 75 33.17 -0.72 -16.54
C VAL D 75 34.65 -0.80 -16.21
N ASN D 76 35.27 -1.95 -16.49
CA ASN D 76 36.66 -2.11 -16.12
C ASN D 76 37.58 -1.29 -17.00
N ARG D 77 37.16 -0.93 -18.22
CA ARG D 77 38.10 -0.18 -19.04
C ARG D 77 38.20 1.26 -18.57
N ILE D 78 37.10 1.89 -18.17
CA ILE D 78 37.28 3.21 -17.57
C ILE D 78 37.82 3.08 -16.18
N LEU D 79 37.47 1.99 -15.49
CA LEU D 79 37.90 1.69 -14.13
C LEU D 79 39.38 1.36 -14.08
N TYR D 80 40.03 1.19 -15.21
CA TYR D 80 41.46 1.01 -15.30
C TYR D 80 42.16 2.15 -16.01
N VAL D 81 41.54 2.79 -17.01
CA VAL D 81 42.16 3.93 -17.68
C VAL D 81 42.05 5.15 -16.78
N TYR D 82 40.83 5.62 -16.53
CA TYR D 82 40.74 6.70 -15.58
C TYR D 82 39.98 6.16 -14.38
N TRP D 83 40.34 4.94 -14.01
CA TRP D 83 40.25 4.41 -12.65
C TRP D 83 38.98 4.63 -11.85
N LEU D 87 39.49 4.81 -2.41
CA LEU D 87 38.60 4.83 -1.25
C LEU D 87 39.05 5.92 -0.29
N ASN D 88 39.55 7.02 -0.82
CA ASN D 88 39.91 8.17 0.03
C ASN D 88 39.16 9.43 -0.37
N VAL D 89 39.28 9.82 -1.64
CA VAL D 89 38.49 10.91 -2.25
C VAL D 89 37.57 10.36 -3.34
N PHE D 90 37.76 9.08 -3.70
CA PHE D 90 37.03 8.35 -4.72
C PHE D 90 35.52 8.19 -4.44
N GLN D 91 35.06 8.62 -3.27
CA GLN D 91 33.71 8.29 -2.80
C GLN D 91 32.64 8.92 -3.67
N LEU D 92 32.79 10.18 -4.04
CA LEU D 92 31.82 10.78 -4.93
C LEU D 92 31.92 10.17 -6.31
N ALA D 93 33.10 9.67 -6.68
CA ALA D 93 33.24 9.01 -7.97
C ALA D 93 32.53 7.68 -7.98
N GLU D 94 32.25 7.10 -6.80
CA GLU D 94 31.37 5.94 -6.85
C GLU D 94 29.95 6.25 -6.43
N ILE D 95 29.67 7.37 -5.80
CA ILE D 95 28.36 7.48 -5.18
C ILE D 95 27.30 7.87 -6.18
N ASP D 96 27.72 8.22 -7.40
CA ASP D 96 26.75 8.39 -8.46
C ASP D 96 26.14 7.08 -8.87
N CYS D 97 26.74 5.94 -8.52
CA CYS D 97 26.05 4.67 -8.64
C CYS D 97 24.78 4.69 -7.79
N HIS D 98 24.85 5.21 -6.57
CA HIS D 98 23.64 5.37 -5.79
C HIS D 98 22.69 6.38 -6.39
N LEU D 99 23.25 7.49 -6.89
CA LEU D 99 22.47 8.49 -7.63
C LEU D 99 21.68 7.89 -8.78
N MET D 100 22.19 6.86 -9.41
CA MET D 100 21.48 6.33 -10.56
C MET D 100 20.82 4.98 -10.30
N ILE D 101 21.11 4.31 -9.19
CA ILE D 101 20.25 3.20 -8.80
C ILE D 101 19.14 3.69 -7.91
N SER D 102 19.09 4.99 -7.65
CA SER D 102 17.82 5.58 -7.29
C SER D 102 16.81 5.53 -8.43
N LYS D 103 17.29 5.22 -9.64
CA LYS D 103 16.41 5.07 -10.79
C LYS D 103 15.44 3.99 -10.33
N PRO D 104 15.95 2.75 -10.20
CA PRO D 104 15.01 1.75 -9.67
C PRO D 104 14.56 2.05 -8.26
N GLU D 105 13.84 1.11 -7.67
CA GLU D 105 13.14 1.35 -6.42
C GLU D 105 13.61 0.48 -5.27
N LYS D 106 14.30 -0.63 -5.55
CA LYS D 106 14.38 -1.88 -4.79
C LYS D 106 14.36 -1.78 -3.28
N PHE D 107 15.05 -0.79 -2.72
CA PHE D 107 15.26 -0.73 -1.28
C PHE D 107 14.09 -0.11 -0.55
N LYS D 108 14.22 -0.04 0.78
CA LYS D 108 13.13 0.12 1.72
C LYS D 108 13.32 1.39 2.53
N TRP D 109 12.43 1.63 3.51
CA TRP D 109 12.40 2.86 4.32
C TRP D 109 11.77 2.60 5.67
N LEU D 110 11.37 3.67 6.36
CA LEU D 110 10.42 3.75 7.46
C LEU D 110 10.32 5.21 7.80
N PRO D 111 9.17 5.72 8.21
CA PRO D 111 9.01 7.15 8.42
C PRO D 111 9.20 7.52 9.88
N SER D 112 9.25 8.83 10.11
CA SER D 112 9.52 9.36 11.44
C SER D 112 9.08 10.81 11.49
N LYS D 113 8.26 11.14 12.47
CA LYS D 113 7.75 12.50 12.57
C LYS D 113 8.84 13.41 13.08
N ALA D 114 8.49 14.66 13.29
CA ALA D 114 9.45 15.62 13.81
C ALA D 114 8.70 16.54 14.74
N LEU D 115 8.71 16.21 16.03
CA LEU D 115 7.90 16.95 16.96
C LEU D 115 8.66 18.13 17.52
N ARG D 116 8.03 18.86 18.45
CA ARG D 116 8.67 19.98 19.11
C ARG D 116 8.30 20.08 20.58
N GLY D 117 7.87 19.00 21.21
CA GLY D 117 7.39 19.09 22.58
C GLY D 117 5.97 19.59 22.70
N ASP D 118 5.30 19.79 21.58
CA ASP D 118 3.90 20.18 21.57
C ASP D 118 3.09 19.43 20.53
N GLY D 119 3.71 18.66 19.66
CA GLY D 119 3.00 18.09 18.54
C GLY D 119 2.95 18.97 17.33
N LYS D 120 3.55 20.16 17.40
CA LYS D 120 3.70 20.98 16.22
C LYS D 120 4.94 20.49 15.49
N PRO D 121 4.86 20.24 14.25
CA PRO D 121 6.07 19.94 13.48
C PRO D 121 6.56 21.09 12.64
N TYR D 122 7.66 20.85 11.92
CA TYR D 122 8.15 21.64 10.79
C TYR D 122 9.30 20.86 10.21
N VAL D 123 9.61 21.08 8.93
CA VAL D 123 10.97 20.78 8.48
C VAL D 123 11.46 21.83 7.48
N VAL D 124 10.98 23.07 7.61
CA VAL D 124 11.36 24.14 6.68
C VAL D 124 12.87 24.38 6.72
N LYS D 125 13.52 24.20 5.57
CA LYS D 125 14.95 23.94 5.57
C LYS D 125 15.61 24.44 4.31
N LEU D 126 16.70 25.19 4.48
CA LEU D 126 17.56 25.54 3.36
C LEU D 126 18.47 24.37 3.03
N GLN D 127 18.70 24.16 1.74
CA GLN D 127 19.43 22.98 1.30
C GLN D 127 20.87 22.91 1.78
N PRO D 128 21.79 23.86 1.44
CA PRO D 128 23.23 23.53 1.54
C PRO D 128 23.76 23.49 2.95
N ALA D 129 22.91 23.66 3.94
CA ALA D 129 23.35 23.69 5.33
C ALA D 129 23.56 22.29 5.89
N LYS D 130 24.30 21.46 5.15
CA LYS D 130 24.53 20.08 5.50
C LYS D 130 25.99 19.81 5.79
N PHE D 131 26.82 20.80 5.50
CA PHE D 131 28.13 20.89 6.14
C PHE D 131 28.02 20.88 7.65
N ILE D 132 26.89 21.38 8.19
CA ILE D 132 26.67 21.41 9.62
C ILE D 132 26.76 20.01 10.22
N GLU D 133 25.93 19.08 9.73
CA GLU D 133 26.03 17.76 10.31
C GLU D 133 27.25 17.02 9.77
N ASN D 134 27.80 17.47 8.64
CA ASN D 134 29.07 16.91 8.19
C ASN D 134 30.14 17.14 9.23
N LEU D 135 30.25 18.37 9.68
CA LEU D 135 31.19 18.69 10.73
C LEU D 135 30.77 18.10 12.05
N GLN D 136 29.47 17.92 12.26
CA GLN D 136 29.07 17.48 13.57
C GLN D 136 29.34 15.99 13.77
N THR D 137 29.13 15.17 12.74
CA THR D 137 29.56 13.79 12.86
C THR D 137 31.06 13.67 12.73
N ASP D 138 31.70 14.62 12.05
CA ASP D 138 33.14 14.56 11.95
C ASP D 138 33.80 14.84 13.28
N LEU D 139 33.11 15.54 14.17
CA LEU D 139 33.57 15.64 15.54
C LEU D 139 33.54 14.28 16.24
N ALA D 140 32.69 13.36 15.80
CA ALA D 140 32.49 12.12 16.51
C ALA D 140 32.89 10.86 15.77
N LYS D 141 32.86 10.85 14.45
CA LYS D 141 33.48 9.77 13.69
C LYS D 141 34.25 10.34 12.51
N ILE D 142 35.11 9.52 11.94
CA ILE D 142 36.26 9.97 11.16
C ILE D 142 35.79 10.48 9.80
N TYR D 143 36.70 11.14 9.06
CA TYR D 143 36.44 11.90 7.82
C TYR D 143 35.63 11.09 6.81
N HIS D 144 34.87 11.81 6.00
CA HIS D 144 33.53 11.32 5.72
C HIS D 144 32.91 12.11 4.57
N CYS D 145 31.96 11.49 3.86
CA CYS D 145 31.23 12.21 2.84
C CYS D 145 29.79 11.74 2.76
N HIS D 146 29.01 12.54 2.04
CA HIS D 146 27.60 12.26 1.74
C HIS D 146 27.12 13.22 0.66
N VAL D 147 26.79 12.70 -0.48
CA VAL D 147 26.21 13.55 -1.49
C VAL D 147 24.77 13.78 -1.08
N TYR D 148 24.23 14.93 -1.40
CA TYR D 148 22.79 15.05 -1.38
C TYR D 148 22.29 14.56 -2.72
N MET D 149 20.98 14.49 -2.86
CA MET D 149 20.43 14.22 -4.16
C MET D 149 19.23 15.08 -4.37
N PHE D 150 18.52 14.75 -5.43
CA PHE D 150 17.20 15.28 -5.70
C PHE D 150 16.59 14.29 -6.67
N LYS D 151 15.56 13.59 -6.26
CA LYS D 151 14.80 12.75 -7.14
C LYS D 151 14.11 13.65 -8.16
N HIS D 152 13.90 13.15 -9.37
CA HIS D 152 13.23 14.12 -10.24
C HIS D 152 11.85 13.77 -10.75
N PRO D 153 11.04 12.91 -10.14
CA PRO D 153 9.59 13.11 -10.22
C PRO D 153 8.89 13.59 -8.96
N SER D 154 9.53 13.64 -7.81
CA SER D 154 8.69 13.51 -6.63
C SER D 154 9.01 14.48 -5.51
N LEU D 155 10.04 15.27 -5.68
CA LEU D 155 10.39 16.40 -4.83
C LEU D 155 10.72 16.13 -3.36
N PRO D 156 11.52 15.11 -2.99
CA PRO D 156 12.38 15.30 -1.83
C PRO D 156 13.78 15.62 -2.26
N VAL D 157 14.63 15.90 -1.32
CA VAL D 157 16.01 15.60 -1.45
C VAL D 157 16.27 14.40 -0.57
N LEU D 158 17.31 13.64 -0.89
CA LEU D 158 17.66 12.50 -0.09
C LEU D 158 19.16 12.53 0.16
N ILE D 159 19.56 11.95 1.27
CA ILE D 159 20.94 12.02 1.72
C ILE D 159 21.48 10.60 1.76
N THR D 160 22.09 10.17 0.67
CA THR D 160 22.99 9.04 0.71
C THR D 160 24.14 9.43 1.59
N ARG D 161 24.44 8.59 2.55
CA ARG D 161 25.24 9.11 3.60
C ARG D 161 26.08 7.91 4.04
N ILE D 162 27.31 7.84 3.54
CA ILE D 162 28.18 6.72 3.83
C ILE D 162 29.01 7.03 5.05
N GLN D 163 28.93 6.17 6.05
CA GLN D 163 29.77 6.30 7.23
C GLN D 163 31.10 5.61 6.97
N LEU D 164 32.13 6.41 6.74
CA LEU D 164 33.50 5.92 6.77
C LEU D 164 33.90 5.78 8.21
N PHE D 165 34.09 4.54 8.66
CA PHE D 165 34.24 4.31 10.08
C PHE D 165 35.61 3.77 10.47
N ASP D 166 36.04 2.63 9.92
CA ASP D 166 37.15 1.88 10.49
C ASP D 166 38.19 1.58 9.42
N SER D 167 39.28 0.95 9.87
CA SER D 167 40.34 0.51 8.97
C SER D 167 40.98 -0.81 9.36
N ASN D 168 40.51 -1.47 10.43
CA ASN D 168 41.27 -2.58 10.99
C ASN D 168 41.10 -3.85 10.18
N ASN D 169 42.04 -4.79 10.39
CA ASN D 169 42.09 -6.08 9.70
C ASN D 169 42.11 -7.26 10.66
N LEU D 170 42.88 -7.18 11.74
CA LEU D 170 42.92 -8.25 12.71
C LEU D 170 41.71 -8.16 13.64
N GLY D 194 47.88 -2.63 3.00
CA GLY D 194 46.67 -2.39 3.76
C GLY D 194 46.73 -1.03 4.46
N LYS D 195 46.14 -0.01 3.84
CA LYS D 195 46.07 1.31 4.45
C LYS D 195 44.75 2.01 4.27
N PRO D 196 43.77 1.42 3.58
CA PRO D 196 42.51 2.09 3.29
C PRO D 196 41.56 2.02 4.48
N LEU D 197 40.46 2.74 4.37
CA LEU D 197 39.44 2.80 5.39
C LEU D 197 38.15 2.13 4.90
N ILE D 198 37.31 1.75 5.86
CA ILE D 198 36.10 0.99 5.56
C ILE D 198 34.92 1.92 5.32
N SER D 199 34.27 1.74 4.18
CA SER D 199 32.98 2.36 3.91
C SER D 199 31.93 1.30 4.20
N ARG D 200 31.39 1.34 5.42
CA ARG D 200 30.65 0.17 5.87
C ARG D 200 29.24 0.10 5.30
N ARG D 201 28.42 1.11 5.52
CA ARG D 201 26.97 0.92 5.38
C ARG D 201 26.32 2.23 5.00
N PRO D 202 25.95 2.39 3.74
CA PRO D 202 25.31 3.63 3.34
C PRO D 202 23.89 3.72 3.87
N TYR D 203 23.73 4.51 4.91
CA TYR D 203 22.43 4.78 5.52
C TYR D 203 21.83 5.98 4.82
N TYR D 204 20.55 5.91 4.51
CA TYR D 204 19.89 6.95 3.74
C TYR D 204 18.95 7.73 4.63
N VAL D 205 18.86 9.02 4.38
CA VAL D 205 17.82 9.86 4.94
C VAL D 205 17.25 10.66 3.80
N ALA D 206 16.00 10.41 3.47
CA ALA D 206 15.27 11.19 2.50
C ALA D 206 14.25 12.02 3.25
N PHE D 207 14.24 13.31 3.00
CA PHE D 207 13.10 14.04 3.48
C PHE D 207 12.48 14.92 2.41
N PRO D 208 11.16 14.96 2.38
CA PRO D 208 10.47 15.72 1.35
C PRO D 208 10.45 17.18 1.73
N LEU D 209 10.11 17.99 0.75
CA LEU D 209 10.04 19.42 0.96
C LEU D 209 8.83 19.75 1.83
N ASN D 210 9.11 20.32 3.00
CA ASN D 210 8.13 21.00 3.86
C ASN D 210 7.07 20.03 4.38
N SER D 211 7.50 19.12 5.18
CA SER D 211 6.64 18.09 5.72
C SER D 211 6.66 18.16 7.23
N PRO D 212 5.95 17.31 7.90
CA PRO D 212 6.31 16.98 9.27
C PRO D 212 7.22 15.78 9.29
N ILE D 213 7.26 15.06 8.19
CA ILE D 213 7.78 13.71 8.18
C ILE D 213 9.14 13.71 7.51
N ILE D 214 10.09 12.99 8.11
CA ILE D 214 11.15 12.44 7.29
C ILE D 214 11.02 10.93 7.36
N PHE D 215 11.55 10.29 6.36
CA PHE D 215 11.75 8.86 6.41
C PHE D 215 13.20 8.56 6.19
N HIS D 216 13.84 8.08 7.23
CA HIS D 216 15.18 7.58 7.15
C HIS D 216 15.13 6.12 6.77
N SER D 217 16.28 5.60 6.37
CA SER D 217 16.36 4.20 6.01
C SER D 217 16.37 3.33 7.25
N VAL D 218 16.29 2.03 7.01
CA VAL D 218 16.05 1.07 8.07
C VAL D 218 17.33 0.29 8.31
N ASP D 219 17.98 0.57 9.38
CA ASP D 219 19.08 -0.28 9.80
C ASP D 219 18.99 -0.69 11.25
N LYS D 220 18.59 0.23 12.13
CA LYS D 220 18.40 -0.01 13.55
C LYS D 220 19.72 -0.50 14.18
N ASP D 221 20.74 0.35 14.07
CA ASP D 221 22.10 0.05 14.53
C ASP D 221 22.62 1.17 15.43
N ILE D 222 23.80 0.92 15.98
CA ILE D 222 24.48 1.93 16.78
C ILE D 222 25.26 2.91 15.93
N TYR D 223 25.25 2.74 14.63
CA TYR D 223 25.63 3.84 13.77
C TYR D 223 24.43 4.50 13.14
N ALA D 224 23.40 3.71 12.88
CA ALA D 224 22.14 4.23 12.38
C ALA D 224 21.56 5.24 13.35
N ARG D 225 21.37 4.83 14.58
CA ARG D 225 20.84 5.72 15.58
C ARG D 225 21.79 6.85 15.89
N LEU D 226 23.09 6.66 15.65
CA LEU D 226 24.02 7.74 15.88
C LEU D 226 23.84 8.84 14.85
N VAL D 227 23.66 8.46 13.60
CA VAL D 227 23.49 9.47 12.58
C VAL D 227 22.14 10.14 12.71
N LEU D 228 21.15 9.38 13.16
CA LEU D 228 19.87 9.98 13.49
C LEU D 228 20.02 10.95 14.65
N GLN D 229 20.86 10.61 15.61
CA GLN D 229 21.05 11.45 16.78
C GLN D 229 21.73 12.75 16.40
N SER D 230 22.64 12.67 15.43
CA SER D 230 23.27 13.87 14.92
C SER D 230 22.26 14.73 14.18
N ILE D 231 21.54 14.12 13.25
CA ILE D 231 20.63 14.88 12.38
C ILE D 231 19.41 15.37 13.14
N SER D 232 19.17 14.83 14.32
CA SER D 232 18.28 15.51 15.27
C SER D 232 18.80 16.89 15.58
N ARG D 233 20.05 16.99 15.98
CA ARG D 233 20.48 18.25 16.56
C ARG D 233 20.93 19.24 15.52
N THR D 234 21.36 18.79 14.37
CA THR D 234 21.87 19.76 13.41
C THR D 234 20.74 20.42 12.64
N ILE D 235 19.54 19.87 12.72
CA ILE D 235 18.40 20.57 12.13
C ILE D 235 17.70 21.45 13.17
N SER D 236 18.22 21.49 14.40
CA SER D 236 17.59 22.26 15.47
C SER D 236 17.69 23.77 15.21
N GLU D 237 18.92 24.28 15.18
CA GLU D 237 19.29 25.57 14.60
C GLU D 237 18.72 26.80 15.29
N ARG D 238 17.83 26.64 16.27
CA ARG D 238 17.20 27.79 16.89
C ARG D 238 17.10 27.59 18.39
N GLU D 239 17.90 26.68 18.94
CA GLU D 239 17.59 25.86 20.10
C GLU D 239 16.10 25.48 20.12
N THR D 240 15.67 24.93 19.00
CA THR D 240 14.45 24.17 18.85
C THR D 240 14.74 22.70 19.07
N ILE D 241 13.70 21.95 19.37
CA ILE D 241 13.87 20.59 19.87
C ILE D 241 13.17 19.70 18.86
N ILE D 242 13.89 18.72 18.32
CA ILE D 242 13.35 17.95 17.21
C ILE D 242 12.85 16.58 17.64
N PHE D 243 13.78 15.73 18.06
CA PHE D 243 13.57 14.39 18.61
C PHE D 243 12.54 13.56 17.84
N LYS D 244 12.92 13.13 16.66
CA LYS D 244 12.05 12.35 15.79
C LYS D 244 11.56 11.07 16.45
N PRO D 245 10.26 10.89 16.65
CA PRO D 245 9.77 9.57 17.05
C PRO D 245 9.40 8.79 15.82
N VAL D 246 9.00 7.55 16.00
CA VAL D 246 8.89 6.60 14.90
C VAL D 246 7.41 6.35 14.66
N GLN D 247 7.08 5.84 13.46
CA GLN D 247 5.75 5.37 13.11
C GLN D 247 5.88 3.93 12.71
N LYS D 248 4.88 3.45 11.96
CA LYS D 248 4.77 2.10 11.44
C LYS D 248 6.10 1.52 10.99
N ILE D 249 6.33 0.27 11.36
CA ILE D 249 7.63 -0.38 11.17
C ILE D 249 7.87 -0.86 9.74
N PRO D 250 7.01 -1.63 9.07
CA PRO D 250 7.38 -2.10 7.74
C PRO D 250 7.19 -1.00 6.71
N VAL D 251 7.47 -1.33 5.45
CA VAL D 251 7.63 -0.31 4.43
C VAL D 251 7.71 -0.89 3.01
N LYS D 252 7.62 -0.06 1.97
CA LYS D 252 8.25 -0.35 0.66
C LYS D 252 8.84 0.98 0.15
N SER D 253 9.08 1.11 -1.15
CA SER D 253 9.96 2.10 -1.76
C SER D 253 9.40 3.52 -1.83
N ILE D 254 9.98 4.38 -2.67
CA ILE D 254 9.94 5.82 -2.41
C ILE D 254 8.61 6.46 -2.81
N HIS D 255 8.15 6.26 -4.04
CA HIS D 255 6.95 6.95 -4.50
C HIS D 255 5.77 6.51 -3.67
N ASN D 256 5.67 5.22 -3.44
CA ASN D 256 4.62 4.69 -2.63
C ASN D 256 4.96 4.70 -1.17
N ILE D 257 5.92 5.52 -0.74
CA ILE D 257 5.92 5.98 0.62
C ILE D 257 5.52 7.44 0.70
N MET D 258 5.77 8.24 -0.33
CA MET D 258 5.42 9.63 -0.12
C MET D 258 4.00 9.91 -0.51
N THR D 259 3.50 9.25 -1.55
CA THR D 259 2.09 9.37 -1.87
C THR D 259 1.27 8.70 -0.80
N LEU D 260 1.83 7.73 -0.12
CA LEU D 260 1.16 7.18 1.04
C LEU D 260 1.11 8.22 2.13
N LEU D 261 2.25 8.79 2.48
CA LEU D 261 2.25 9.82 3.52
C LEU D 261 3.38 10.80 3.35
N GLY D 262 3.25 11.97 3.97
CA GLY D 262 4.26 13.00 3.88
C GLY D 262 3.65 14.35 3.57
N PRO D 263 4.05 14.93 2.44
CA PRO D 263 3.55 16.23 2.03
C PRO D 263 2.62 16.12 0.84
N SER D 264 1.94 14.98 0.70
CA SER D 264 1.02 14.77 -0.40
C SER D 264 -0.37 15.23 -0.02
N ARG D 265 -1.34 15.02 -0.90
CA ARG D 265 -2.71 15.45 -0.63
C ARG D 265 -3.56 14.26 -0.17
N PHE D 266 -2.91 13.12 0.04
CA PHE D 266 -3.61 11.92 0.47
C PHE D 266 -3.41 11.68 1.96
N ALA D 267 -2.87 12.67 2.65
CA ALA D 267 -2.64 12.56 4.08
C ALA D 267 -3.58 11.58 4.70
N GLU D 268 -4.84 11.69 4.38
CA GLU D 268 -5.73 10.60 4.75
C GLU D 268 -6.68 10.28 3.63
N SER D 269 -6.38 10.68 2.41
CA SER D 269 -7.42 10.68 1.40
C SER D 269 -7.70 9.32 0.79
N MET D 270 -7.01 8.27 1.21
CA MET D 270 -7.02 7.03 0.47
C MET D 270 -7.97 6.02 1.09
N GLY D 271 -8.31 5.01 0.30
CA GLY D 271 -9.24 3.98 0.67
C GLY D 271 -10.50 3.99 -0.14
N PRO D 272 -11.56 4.31 0.45
CA PRO D 272 -12.76 4.63 -0.30
C PRO D 272 -12.92 6.10 -0.60
N TRP D 273 -11.85 6.88 -0.56
CA TRP D 273 -12.03 8.32 -0.45
C TRP D 273 -11.27 9.08 -1.53
N GLU D 274 -10.61 8.38 -2.43
CA GLU D 274 -9.75 8.94 -3.47
C GLU D 274 -10.47 9.81 -4.45
N CYS D 275 -11.79 9.70 -4.51
CA CYS D 275 -12.50 10.74 -5.21
C CYS D 275 -12.46 12.06 -4.48
N TYR D 276 -11.98 12.11 -3.26
CA TYR D 276 -11.66 13.41 -2.74
C TYR D 276 -10.22 13.71 -2.97
N ALA D 277 -9.42 12.69 -3.18
CA ALA D 277 -8.02 12.91 -3.48
C ALA D 277 -7.86 13.53 -4.84
N SER D 278 -8.26 12.81 -5.85
CA SER D 278 -8.55 13.45 -7.11
C SER D 278 -9.80 14.31 -6.96
N ALA D 279 -10.04 15.15 -7.93
CA ALA D 279 -11.20 16.00 -7.89
C ALA D 279 -12.16 15.60 -8.98
N ASN D 280 -12.32 14.34 -9.16
CA ASN D 280 -12.96 13.68 -10.28
C ASN D 280 -14.42 13.86 -10.35
N PHE D 281 -14.99 14.82 -9.64
CA PHE D 281 -16.37 15.23 -9.81
C PHE D 281 -16.42 16.67 -9.38
N GLU D 282 -17.59 17.28 -9.53
CA GLU D 282 -17.93 18.61 -9.04
C GLU D 282 -16.88 19.60 -9.51
N ARG D 283 -16.87 19.79 -10.83
CA ARG D 283 -15.67 20.25 -11.52
C ARG D 283 -15.28 21.66 -11.10
N SER D 284 -16.09 22.61 -11.41
CA SER D 284 -15.68 23.99 -11.30
C SER D 284 -17.03 24.67 -11.39
N PRO D 285 -17.15 25.97 -11.44
CA PRO D 285 -18.43 26.49 -11.92
C PRO D 285 -18.57 26.25 -13.42
N LEU D 286 -19.32 25.19 -13.71
CA LEU D 286 -19.80 24.79 -15.01
C LEU D 286 -21.30 24.64 -14.88
N HIS D 287 -22.00 24.40 -16.00
CA HIS D 287 -23.41 24.27 -15.68
C HIS D 287 -24.00 22.89 -15.93
N ASP D 288 -23.93 22.36 -17.13
CA ASP D 288 -24.73 21.18 -17.40
C ASP D 288 -23.99 19.87 -17.27
N TYR D 289 -22.71 19.88 -16.94
CA TYR D 289 -22.14 18.65 -16.44
C TYR D 289 -22.73 18.29 -15.09
N LYS D 290 -22.99 19.30 -14.25
CA LYS D 290 -23.50 19.03 -12.91
C LYS D 290 -24.94 18.56 -12.93
N LYS D 291 -25.65 18.74 -14.04
CA LYS D 291 -27.04 18.26 -14.12
C LYS D 291 -27.09 16.76 -14.24
N HIS D 292 -26.27 16.19 -15.12
CA HIS D 292 -26.10 14.74 -15.13
C HIS D 292 -25.33 14.27 -13.93
N GLN D 293 -24.50 15.13 -13.33
CA GLN D 293 -23.91 14.78 -12.06
C GLN D 293 -24.93 14.86 -10.94
N GLY D 294 -26.07 15.47 -11.20
CA GLY D 294 -27.27 15.36 -10.40
C GLY D 294 -28.30 14.45 -11.06
N LEU D 295 -27.89 13.65 -12.05
CA LEU D 295 -28.70 12.62 -12.71
C LEU D 295 -27.90 11.32 -12.88
N THR D 296 -27.36 10.78 -11.78
CA THR D 296 -26.40 9.68 -11.77
C THR D 296 -27.00 8.35 -11.30
N GLY D 297 -26.29 7.27 -11.68
CA GLY D 297 -26.77 5.90 -11.63
C GLY D 297 -26.72 5.32 -10.23
N LYS D 298 -26.85 4.00 -10.15
CA LYS D 298 -26.65 3.32 -8.89
C LYS D 298 -27.29 1.95 -8.94
N LYS D 299 -26.82 1.09 -8.05
CA LYS D 299 -27.46 -0.18 -7.76
C LYS D 299 -28.55 0.05 -6.73
N VAL D 300 -29.37 -0.97 -6.52
CA VAL D 300 -30.30 -0.94 -5.41
C VAL D 300 -29.78 -1.84 -4.29
N MET D 301 -28.54 -1.55 -3.90
CA MET D 301 -27.83 -2.39 -2.95
C MET D 301 -28.38 -2.28 -1.55
N VAL D 302 -29.56 -2.87 -1.36
CA VAL D 302 -30.41 -2.59 -0.23
C VAL D 302 -29.76 -3.02 1.07
N ARG D 303 -29.85 -2.14 2.07
CA ARG D 303 -29.25 -2.31 3.38
C ARG D 303 -30.10 -3.13 4.30
N GLU D 304 -30.90 -4.03 3.76
CA GLU D 304 -31.78 -4.83 4.58
C GLU D 304 -30.99 -5.90 5.32
N PHE D 305 -31.52 -6.28 6.49
CA PHE D 305 -31.09 -7.51 7.13
C PHE D 305 -31.55 -8.72 6.34
N ASP D 306 -32.71 -8.62 5.68
CA ASP D 306 -33.12 -9.65 4.75
C ASP D 306 -32.18 -9.71 3.56
N ASP D 307 -31.59 -8.58 3.18
CA ASP D 307 -30.52 -8.61 2.20
C ASP D 307 -29.31 -9.36 2.74
N SER D 308 -29.04 -9.25 4.04
CA SER D 308 -27.96 -10.02 4.63
C SER D 308 -28.28 -11.49 4.64
N PHE D 309 -29.56 -11.83 4.78
CA PHE D 309 -29.97 -13.21 4.60
C PHE D 309 -29.78 -13.64 3.17
N LEU D 310 -30.00 -12.74 2.22
CA LEU D 310 -29.81 -13.06 0.82
C LEU D 310 -28.34 -13.24 0.48
N ASN D 311 -27.46 -12.58 1.21
CA ASN D 311 -26.05 -12.59 0.86
C ASN D 311 -25.25 -13.61 1.66
N ASP D 312 -25.42 -13.62 2.97
CA ASP D 312 -24.73 -14.60 3.80
C ASP D 312 -25.29 -15.98 3.55
N ASP D 313 -26.58 -16.16 3.75
CA ASP D 313 -27.23 -17.38 3.30
C ASP D 313 -27.59 -17.21 1.83
N GLU D 314 -28.41 -18.13 1.34
CA GLU D 314 -29.05 -18.09 0.02
C GLU D 314 -28.02 -18.04 -1.11
N ASN D 315 -27.27 -19.13 -1.23
CA ASN D 315 -26.33 -19.32 -2.33
C ASN D 315 -26.99 -20.16 -3.42
N PHE D 316 -26.90 -19.68 -4.66
CA PHE D 316 -27.55 -20.30 -5.80
C PHE D 316 -26.67 -20.06 -7.02
N TYR D 317 -27.25 -20.22 -8.21
CA TYR D 317 -26.51 -20.12 -9.47
C TYR D 317 -26.24 -18.67 -9.87
N GLY D 318 -25.90 -18.45 -11.15
CA GLY D 318 -25.68 -17.10 -11.66
C GLY D 318 -26.96 -16.28 -11.61
N LYS D 319 -27.92 -16.62 -12.47
CA LYS D 319 -29.29 -16.11 -12.47
C LYS D 319 -29.39 -14.59 -12.56
N GLU D 320 -28.43 -13.92 -13.19
CA GLU D 320 -28.48 -12.47 -13.30
C GLU D 320 -27.74 -12.03 -14.55
N GLU D 321 -28.18 -10.92 -15.10
CA GLU D 321 -27.64 -10.39 -16.34
C GLU D 321 -26.30 -9.72 -16.05
N PRO D 322 -25.51 -9.38 -17.09
CA PRO D 322 -24.26 -8.67 -16.84
C PRO D 322 -24.39 -7.31 -16.19
N GLU D 323 -25.57 -6.69 -16.17
CA GLU D 323 -25.71 -5.46 -15.42
C GLU D 323 -25.53 -5.69 -13.93
N ILE D 324 -26.21 -6.68 -13.38
CA ILE D 324 -26.09 -6.91 -11.95
C ILE D 324 -24.72 -7.45 -11.61
N ARG D 325 -24.14 -8.23 -12.51
CA ARG D 325 -22.76 -8.66 -12.35
C ARG D 325 -21.82 -7.47 -12.39
N ARG D 326 -22.09 -6.52 -13.30
CA ARG D 326 -21.29 -5.31 -13.34
C ARG D 326 -21.39 -4.53 -12.05
N LEU D 327 -22.61 -4.40 -11.52
CA LEU D 327 -22.83 -3.61 -10.31
C LEU D 327 -22.19 -4.25 -9.09
N ARG D 328 -22.16 -5.59 -9.03
CA ARG D 328 -21.33 -6.22 -8.03
C ARG D 328 -19.87 -5.84 -8.20
N LEU D 329 -19.42 -5.79 -9.45
CA LEU D 329 -18.00 -5.51 -9.64
C LEU D 329 -17.66 -4.07 -9.28
N GLU D 330 -18.54 -3.12 -9.56
CA GLU D 330 -18.16 -1.78 -9.13
C GLU D 330 -18.53 -1.47 -7.71
N LYS D 331 -19.38 -2.26 -7.07
CA LYS D 331 -19.43 -2.19 -5.63
C LYS D 331 -18.07 -2.52 -5.06
N ASN D 332 -17.44 -3.57 -5.60
CA ASN D 332 -16.08 -3.90 -5.19
C ASN D 332 -15.12 -2.76 -5.49
N MET D 333 -15.21 -2.24 -6.71
CA MET D 333 -14.25 -1.25 -7.16
C MET D 333 -14.36 0.02 -6.35
N ILE D 334 -15.58 0.54 -6.17
CA ILE D 334 -15.80 1.73 -5.38
C ILE D 334 -15.48 1.48 -3.93
N LYS D 335 -15.55 0.24 -3.47
CA LYS D 335 -15.14 0.03 -2.11
C LYS D 335 -13.64 0.14 -1.95
N PHE D 336 -12.84 -0.35 -2.89
CA PHE D 336 -11.42 -0.30 -2.56
C PHE D 336 -10.60 0.69 -3.34
N LYS D 337 -10.79 0.84 -4.62
CA LYS D 337 -10.38 2.09 -5.24
C LYS D 337 -11.59 3.00 -5.25
N GLY D 338 -11.63 4.01 -6.09
CA GLY D 338 -12.85 4.79 -6.21
C GLY D 338 -13.16 5.12 -7.66
N SER D 339 -13.18 4.13 -8.53
CA SER D 339 -13.62 4.36 -9.90
C SER D 339 -14.44 3.21 -10.42
N SER D 377 -5.28 -7.34 -14.39
CA SER D 377 -4.04 -6.68 -14.02
C SER D 377 -4.32 -5.23 -13.68
N ARG D 378 -5.53 -4.79 -14.00
CA ARG D 378 -6.03 -3.52 -13.51
C ARG D 378 -6.31 -3.59 -12.03
N TYR D 379 -6.39 -4.79 -11.51
CA TYR D 379 -7.00 -5.07 -10.23
C TYR D 379 -6.00 -5.13 -9.09
N SER D 380 -4.97 -4.31 -9.17
CA SER D 380 -4.05 -4.14 -8.08
C SER D 380 -4.60 -3.10 -7.12
N SER D 381 -3.76 -2.61 -6.22
CA SER D 381 -4.11 -1.44 -5.43
C SER D 381 -3.66 -0.20 -6.17
N LEU D 382 -3.83 0.92 -5.50
CA LEU D 382 -3.01 2.08 -5.85
C LEU D 382 -1.62 1.93 -5.27
N VAL D 383 -1.55 1.55 -4.00
CA VAL D 383 -0.32 1.60 -3.25
C VAL D 383 -0.09 0.24 -2.63
N PRO D 384 1.07 -0.33 -2.78
CA PRO D 384 1.36 -1.58 -2.07
C PRO D 384 1.49 -1.39 -0.57
N ILE D 385 0.48 -1.73 0.13
CA ILE D 385 0.60 -1.96 1.57
C ILE D 385 1.03 -3.41 1.72
N GLU D 386 1.98 -3.68 2.61
CA GLU D 386 2.63 -4.98 2.59
C GLU D 386 2.17 -5.91 3.70
N LYS D 387 2.13 -5.44 4.94
CA LYS D 387 1.50 -6.22 5.99
C LYS D 387 0.96 -5.25 7.02
N VAL D 388 -0.18 -5.60 7.62
CA VAL D 388 -0.76 -4.78 8.66
C VAL D 388 -1.32 -5.66 9.75
N GLY D 389 -1.55 -5.05 10.90
CA GLY D 389 -2.30 -5.75 11.90
C GLY D 389 -3.36 -4.92 12.57
N PHE D 390 -4.60 -5.22 12.33
CA PHE D 390 -5.63 -4.40 12.94
C PHE D 390 -6.03 -5.03 14.24
N THR D 391 -6.91 -4.36 14.94
CA THR D 391 -7.33 -4.81 16.23
C THR D 391 -8.78 -4.39 16.32
N LEU D 392 -9.51 -4.91 17.28
CA LEU D 392 -10.91 -4.55 17.37
C LEU D 392 -11.35 -4.72 18.81
N LYS D 393 -11.34 -3.63 19.55
CA LYS D 393 -11.93 -3.59 20.88
C LYS D 393 -13.35 -3.06 20.76
N ASN D 394 -14.28 -3.94 20.41
CA ASN D 394 -15.64 -3.58 20.75
C ASN D 394 -15.83 -3.68 22.24
N GLU D 395 -16.84 -2.98 22.72
CA GLU D 395 -17.43 -3.34 24.00
C GLU D 395 -18.87 -3.71 23.73
N ILE D 396 -19.30 -4.85 24.27
CA ILE D 396 -20.63 -5.37 24.05
C ILE D 396 -21.13 -5.93 25.36
N ASN D 397 -22.31 -5.48 25.77
CA ASN D 397 -22.95 -5.83 27.04
C ASN D 397 -22.05 -5.42 28.20
N SER D 398 -21.55 -4.18 28.09
CA SER D 398 -20.63 -3.54 29.03
C SER D 398 -19.41 -4.41 29.30
N ARG D 399 -18.91 -5.02 28.25
CA ARG D 399 -17.93 -6.07 28.39
C ARG D 399 -17.08 -5.99 27.15
N ILE D 400 -15.76 -5.95 27.34
CA ILE D 400 -14.87 -5.70 26.23
C ILE D 400 -14.87 -6.92 25.33
N ILE D 401 -14.74 -6.68 24.03
CA ILE D 401 -14.69 -7.74 23.05
C ILE D 401 -13.53 -7.42 22.14
N THR D 402 -12.55 -8.30 22.13
CA THR D 402 -11.24 -7.98 21.58
C THR D 402 -10.86 -9.06 20.60
N ILE D 403 -10.82 -8.76 19.32
CA ILE D 403 -10.19 -9.68 18.38
C ILE D 403 -8.99 -8.95 17.82
N LYS D 404 -7.91 -9.65 17.67
CA LYS D 404 -6.80 -9.10 16.93
C LYS D 404 -6.94 -9.61 15.52
N LEU D 405 -6.24 -9.00 14.59
CA LEU D 405 -6.40 -9.39 13.20
C LEU D 405 -5.16 -8.95 12.42
N LYS D 406 -4.24 -9.86 12.22
CA LYS D 406 -2.99 -9.57 11.54
C LYS D 406 -3.12 -10.06 10.13
N PHE D 407 -2.55 -9.32 9.19
CA PHE D 407 -2.47 -9.78 7.83
C PHE D 407 -1.02 -10.00 7.48
N ASN D 408 -0.78 -10.56 6.30
CA ASN D 408 0.55 -10.59 5.70
C ASN D 408 0.32 -10.30 4.22
N GLY D 409 1.26 -10.65 3.40
CA GLY D 409 0.98 -10.70 1.98
C GLY D 409 1.91 -9.79 1.21
N ASN D 410 1.65 -9.68 -0.08
CA ASN D 410 2.51 -8.92 -0.97
C ASN D 410 1.87 -7.67 -1.51
N ASP D 411 0.53 -7.61 -1.53
CA ASP D 411 -0.22 -6.35 -1.49
C ASP D 411 -1.64 -6.67 -1.06
N ILE D 412 -2.11 -6.06 0.00
CA ILE D 412 -3.29 -6.61 0.65
C ILE D 412 -4.55 -6.19 -0.08
N PHE D 413 -4.84 -4.91 -0.06
CA PHE D 413 -6.20 -4.47 -0.25
C PHE D 413 -6.65 -4.65 -1.68
N GLY D 414 -5.69 -4.57 -2.60
CA GLY D 414 -5.93 -5.07 -3.93
C GLY D 414 -6.25 -6.54 -3.91
N GLY D 415 -5.57 -7.27 -3.04
CA GLY D 415 -5.96 -8.64 -2.79
C GLY D 415 -7.35 -8.75 -2.23
N LEU D 416 -7.82 -7.72 -1.54
CA LEU D 416 -9.12 -7.92 -0.96
C LEU D 416 -10.23 -7.64 -1.94
N HIS D 417 -10.07 -6.74 -2.90
CA HIS D 417 -11.12 -6.75 -3.92
C HIS D 417 -10.97 -7.95 -4.83
N GLU D 418 -9.75 -8.45 -5.00
CA GLU D 418 -9.68 -9.67 -5.78
C GLU D 418 -10.13 -10.89 -5.01
N LEU D 419 -10.32 -10.77 -3.71
CA LEU D 419 -10.99 -11.82 -3.00
C LEU D 419 -12.49 -11.59 -3.04
N CYS D 420 -12.89 -10.37 -2.79
CA CYS D 420 -14.28 -10.07 -2.63
C CYS D 420 -15.04 -10.14 -3.94
N ASP D 421 -14.35 -10.05 -5.07
CA ASP D 421 -14.99 -10.31 -6.36
C ASP D 421 -15.50 -11.72 -6.45
N LYS D 422 -14.88 -12.63 -5.71
CA LYS D 422 -15.37 -13.98 -5.69
C LYS D 422 -16.56 -14.14 -4.78
N ASN D 423 -17.07 -13.04 -4.24
CA ASN D 423 -18.24 -13.01 -3.37
C ASN D 423 -17.98 -13.85 -2.15
N LEU D 424 -16.76 -13.77 -1.67
CA LEU D 424 -16.31 -14.47 -0.49
C LEU D 424 -16.49 -13.66 0.78
N ILE D 425 -16.31 -12.36 0.72
CA ILE D 425 -16.60 -11.55 1.88
C ILE D 425 -17.63 -10.53 1.49
N ASN D 426 -18.53 -10.24 2.39
CA ASN D 426 -19.88 -9.88 2.02
C ASN D 426 -19.95 -8.37 2.12
N ILE D 427 -19.79 -7.71 0.97
CA ILE D 427 -19.06 -6.46 0.89
C ILE D 427 -19.68 -5.34 1.67
N ASP D 428 -20.99 -5.31 1.80
CA ASP D 428 -21.66 -4.20 2.44
C ASP D 428 -21.32 -4.10 3.91
N LYS D 429 -21.00 -5.21 4.55
CA LYS D 429 -20.55 -5.14 5.93
C LYS D 429 -19.04 -5.13 6.01
N VAL D 430 -18.34 -4.50 5.08
CA VAL D 430 -16.89 -4.33 5.19
C VAL D 430 -16.63 -2.94 5.68
N PRO D 431 -16.23 -2.74 6.92
CA PRO D 431 -15.99 -1.40 7.42
C PRO D 431 -14.69 -0.87 6.87
N GLY D 432 -14.48 0.42 7.11
CA GLY D 432 -13.44 1.13 6.39
C GLY D 432 -12.06 0.72 6.80
N TRP D 433 -11.88 0.41 8.06
CA TRP D 433 -10.56 0.22 8.61
C TRP D 433 -9.90 -1.00 8.05
N LEU D 434 -10.65 -1.99 7.64
CA LEU D 434 -10.03 -3.03 6.83
C LEU D 434 -10.44 -2.91 5.39
N ALA D 435 -11.24 -1.93 5.04
CA ALA D 435 -11.35 -1.64 3.62
C ALA D 435 -10.05 -1.07 3.13
N GLY D 436 -9.30 -0.42 4.01
CA GLY D 436 -7.90 -0.20 3.74
C GLY D 436 -7.54 1.24 3.60
N GLU D 437 -8.24 2.08 4.33
CA GLU D 437 -8.21 3.50 4.06
C GLU D 437 -7.11 4.21 4.80
N ASN D 438 -6.48 3.55 5.74
CA ASN D 438 -5.62 4.26 6.64
C ASN D 438 -4.20 4.34 6.16
N GLY D 439 -3.86 3.58 5.14
CA GLY D 439 -2.52 3.59 4.65
C GLY D 439 -1.62 2.96 5.66
N SER D 440 -1.80 1.66 5.85
CA SER D 440 -0.81 0.78 6.44
C SER D 440 -0.52 1.10 7.88
N PHE D 441 -1.45 1.67 8.61
CA PHE D 441 -1.20 1.85 10.03
C PHE D 441 -1.90 0.72 10.73
N SER D 442 -1.14 -0.11 11.40
CA SER D 442 -1.72 -1.16 12.21
C SER D 442 -2.29 -0.54 13.47
N GLY D 443 -3.47 0.01 13.35
CA GLY D 443 -4.11 0.69 14.43
C GLY D 443 -5.04 -0.22 15.17
N THR D 444 -5.44 0.22 16.36
CA THR D 444 -6.26 -0.57 17.23
C THR D 444 -7.61 0.12 17.35
N ILE D 445 -8.48 -0.12 16.38
CA ILE D 445 -9.73 0.63 16.38
C ILE D 445 -10.60 0.13 17.51
N MET D 446 -11.49 1.00 17.93
CA MET D 446 -12.44 0.64 18.96
C MET D 446 -13.60 1.57 18.73
N ASN D 447 -14.81 1.00 18.64
CA ASN D 447 -16.09 1.62 18.29
C ASN D 447 -15.98 2.76 17.30
N GLY D 448 -15.24 2.51 16.22
CA GLY D 448 -15.02 3.51 15.19
C GLY D 448 -14.03 4.58 15.55
N ASP D 449 -13.01 4.27 16.33
CA ASP D 449 -12.06 5.29 16.79
C ASP D 449 -10.63 4.85 16.45
N PHE D 450 -10.38 4.61 15.16
CA PHE D 450 -9.07 4.24 14.63
C PHE D 450 -7.94 5.08 15.20
N GLN D 451 -6.80 4.45 15.45
CA GLN D 451 -5.68 5.09 16.10
C GLN D 451 -4.39 4.68 15.39
N ARG D 452 -3.27 4.78 16.06
CA ARG D 452 -2.03 4.40 15.41
C ARG D 452 -1.17 3.43 16.17
N GLU D 453 -1.25 3.40 17.51
CA GLU D 453 -0.36 2.61 18.35
C GLU D 453 1.10 2.95 18.11
N GLN D 454 1.55 4.05 18.71
CA GLN D 454 2.87 4.68 18.54
C GLN D 454 4.04 3.69 18.43
N VAL D 455 4.24 2.86 19.44
CA VAL D 455 4.94 1.57 19.37
C VAL D 455 6.37 1.69 18.82
N ALA D 456 7.22 2.31 19.63
CA ALA D 456 8.62 2.48 19.27
C ALA D 456 9.34 1.13 19.14
N LYS D 457 10.37 1.11 18.30
CA LYS D 457 11.14 -0.11 18.06
C LYS D 457 12.18 -0.27 19.16
N ILE E 162 67.52 -26.08 4.54
CA ILE E 162 67.51 -24.99 5.51
C ILE E 162 67.90 -23.67 4.85
N LEU E 163 67.20 -23.35 3.75
CA LEU E 163 67.50 -22.15 2.98
C LEU E 163 67.21 -20.89 3.77
N ARG E 164 66.04 -20.85 4.43
CA ARG E 164 65.69 -19.69 5.25
C ARG E 164 66.60 -19.56 6.46
N LEU E 165 67.05 -20.70 7.01
CA LEU E 165 67.98 -20.68 8.13
C LEU E 165 69.32 -20.10 7.72
N LEU E 166 69.85 -20.53 6.57
CA LEU E 166 71.11 -19.97 6.09
C LEU E 166 70.97 -18.51 5.71
N GLU E 167 69.80 -18.11 5.19
CA GLU E 167 69.58 -16.73 4.82
C GLU E 167 69.52 -15.82 6.04
N THR E 168 68.79 -16.24 7.08
CA THR E 168 68.73 -15.45 8.31
C THR E 168 70.07 -15.43 9.02
N ASN E 169 70.83 -16.52 8.93
CA ASN E 169 72.18 -16.55 9.49
C ASN E 169 73.11 -15.58 8.76
N THR E 170 73.00 -15.52 7.43
CA THR E 170 73.81 -14.59 6.65
C THR E 170 73.45 -13.15 6.96
N VAL E 171 72.15 -12.85 7.07
CA VAL E 171 71.70 -11.50 7.37
C VAL E 171 72.12 -11.08 8.79
N SER E 172 71.97 -11.99 9.75
CA SER E 172 72.33 -11.66 11.13
C SER E 172 73.83 -11.54 11.30
N ALA E 173 74.61 -12.36 10.60
CA ALA E 173 76.05 -12.23 10.65
C ALA E 173 76.53 -10.97 9.97
N LEU E 174 75.85 -10.52 8.92
CA LEU E 174 76.22 -9.26 8.30
C LEU E 174 75.87 -8.08 9.21
N ASP E 175 74.74 -8.18 9.93
CA ASP E 175 74.40 -7.13 10.89
C ASP E 175 75.40 -7.10 12.04
N SER E 176 75.85 -8.28 12.47
CA SER E 176 76.92 -8.34 13.45
C SER E 176 78.23 -7.82 12.88
N VAL E 177 78.44 -7.94 11.58
CA VAL E 177 79.65 -7.39 10.97
C VAL E 177 79.62 -5.87 10.95
N PHE E 178 78.45 -5.29 10.67
CA PHE E 178 78.32 -3.84 10.70
C PHE E 178 78.46 -3.30 12.12
N GLU E 179 77.84 -3.99 13.09
CA GLU E 179 78.03 -3.60 14.49
C GLU E 179 79.46 -3.86 14.95
N LYS E 180 80.15 -4.83 14.35
CA LYS E 180 81.56 -5.04 14.63
C LYS E 180 82.40 -3.89 14.09
N TYR E 181 82.01 -3.33 12.95
CA TYR E 181 82.67 -2.14 12.43
C TYR E 181 82.47 -0.96 13.38
N GLU E 182 81.25 -0.85 13.94
CA GLU E 182 80.99 0.18 14.94
C GLU E 182 81.83 -0.02 16.20
N LYS E 183 81.97 -1.26 16.64
CA LYS E 183 82.77 -1.56 17.82
C LYS E 183 84.26 -1.37 17.56
N GLU E 184 84.70 -1.62 16.32
CA GLU E 184 86.09 -1.37 15.94
C GLU E 184 86.39 0.11 15.92
N MET E 185 85.44 0.92 15.45
CA MET E 185 85.58 2.37 15.54
C MET E 185 85.58 2.84 17.00
N ASN E 186 84.80 2.19 17.85
CA ASN E 186 84.77 2.54 19.27
C ASN E 186 86.09 2.21 19.95
N GLN E 187 86.68 1.06 19.63
CA GLN E 187 87.98 0.70 20.18
C GLN E 187 89.08 1.58 19.61
N MET E 188 88.95 2.03 18.36
CA MET E 188 89.94 2.93 17.78
C MET E 188 89.87 4.30 18.44
N THR E 189 88.66 4.79 18.73
CA THR E 189 88.52 6.04 19.48
C THR E 189 89.00 5.87 20.92
N HIS E 190 88.86 4.67 21.48
CA HIS E 190 89.39 4.35 22.80
C HIS E 190 90.78 3.72 22.75
N GLY E 191 91.50 3.91 21.63
CA GLY E 191 92.83 3.36 21.48
C GLY E 191 93.93 4.38 21.76
N ASP E 192 95.17 3.86 21.82
CA ASP E 192 96.32 4.71 22.09
C ASP E 192 96.72 5.50 20.85
N ASN E 193 97.13 4.81 19.79
CA ASN E 193 97.43 5.45 18.51
C ASN E 193 97.23 4.39 17.43
N ASN E 194 96.07 4.40 16.79
CA ASN E 194 95.76 3.40 15.77
C ASN E 194 94.95 4.06 14.67
N GLU E 195 95.42 3.93 13.42
CA GLU E 195 94.73 4.54 12.29
C GLU E 195 94.77 3.69 11.03
N VAL E 196 95.20 2.43 11.11
CA VAL E 196 95.38 1.63 9.90
C VAL E 196 94.13 0.83 9.54
N LYS E 197 93.71 -0.08 10.44
CA LYS E 197 92.56 -0.98 10.29
C LYS E 197 92.64 -1.90 9.08
N ARG E 198 93.83 -2.07 8.49
CA ARG E 198 94.00 -3.11 7.48
C ARG E 198 93.95 -4.49 8.12
N ILE E 199 94.44 -4.59 9.36
CA ILE E 199 94.20 -5.80 10.16
C ILE E 199 92.73 -5.99 10.47
N TYR E 200 91.98 -4.90 10.60
CA TYR E 200 90.54 -5.01 10.81
C TYR E 200 89.84 -5.54 9.56
N SER E 201 90.24 -5.06 8.39
CA SER E 201 89.66 -5.57 7.15
C SER E 201 90.04 -7.03 6.91
N LYS E 202 91.28 -7.39 7.19
CA LYS E 202 91.69 -8.80 7.08
C LYS E 202 91.01 -9.67 8.12
N LYS E 203 90.70 -9.12 9.29
CA LYS E 203 89.94 -9.85 10.30
C LYS E 203 88.50 -10.03 9.88
N GLU E 204 87.93 -9.03 9.19
CA GLU E 204 86.60 -9.19 8.62
C GLU E 204 86.60 -10.27 7.54
N ARG E 205 87.68 -10.34 6.77
CA ARG E 205 87.83 -11.42 5.78
C ARG E 205 87.93 -12.78 6.44
N LEU E 206 88.70 -12.88 7.52
CA LEU E 206 88.82 -14.14 8.25
C LEU E 206 87.52 -14.53 8.92
N LEU E 207 86.76 -13.53 9.38
CA LEU E 207 85.45 -13.79 9.95
C LEU E 207 84.49 -14.31 8.90
N GLU E 208 84.57 -13.77 7.68
CA GLU E 208 83.75 -14.29 6.59
C GLU E 208 84.16 -15.70 6.23
N ILE E 209 85.45 -16.00 6.31
CA ILE E 209 85.92 -17.36 6.01
C ILE E 209 85.42 -18.35 7.04
N ILE E 210 85.56 -18.02 8.32
CA ILE E 210 85.05 -18.88 9.38
C ILE E 210 83.52 -18.93 9.36
N LEU E 211 82.88 -17.86 8.90
CA LEU E 211 81.43 -17.86 8.76
C LEU E 211 80.98 -18.80 7.66
N THR E 212 81.72 -18.85 6.54
CA THR E 212 81.39 -19.79 5.49
C THR E 212 81.69 -21.22 5.93
N LYS E 213 82.74 -21.42 6.74
CA LYS E 213 83.03 -22.75 7.25
C LYS E 213 81.95 -23.21 8.22
N ILE E 214 81.49 -22.31 9.09
CA ILE E 214 80.39 -22.63 9.98
C ILE E 214 79.09 -22.82 9.20
N LYS E 215 78.94 -22.12 8.07
CA LYS E 215 77.78 -22.33 7.23
C LYS E 215 77.81 -23.71 6.58
N LYS E 216 79.01 -24.19 6.24
CA LYS E 216 79.14 -25.57 5.77
C LYS E 216 78.78 -26.56 6.88
N LYS E 217 79.26 -26.29 8.10
CA LYS E 217 78.94 -27.18 9.22
C LYS E 217 77.46 -27.13 9.59
N LEU E 218 76.79 -26.02 9.31
CA LEU E 218 75.38 -25.86 9.67
C LEU E 218 74.47 -26.40 8.58
N ARG E 219 74.84 -26.22 7.31
CA ARG E 219 74.12 -26.86 6.22
C ARG E 219 74.30 -28.37 6.26
N GLN E 220 75.45 -28.83 6.78
CA GLN E 220 75.63 -30.26 7.00
C GLN E 220 74.69 -30.77 8.09
N ALA E 221 74.69 -30.12 9.24
CA ALA E 221 73.78 -30.47 10.33
C ALA E 221 72.50 -29.63 10.28
N LYS E 222 71.87 -29.57 9.09
CA LYS E 222 70.58 -28.91 8.94
C LYS E 222 69.52 -29.85 9.47
N PHE E 223 69.35 -29.83 10.80
CA PHE E 223 68.53 -30.81 11.50
C PHE E 223 67.03 -30.59 11.33
N PRO E 224 66.62 -29.52 10.65
CA PRO E 224 65.20 -29.23 10.43
C PRO E 224 64.59 -30.21 9.43
N ASP E 233 64.22 -11.13 9.02
CA ASP E 233 63.46 -11.35 10.25
C ASP E 233 63.87 -10.40 11.36
N ILE E 234 64.40 -9.23 11.03
CA ILE E 234 64.82 -8.28 12.06
C ILE E 234 64.30 -6.87 11.78
N GLU E 235 64.56 -6.34 10.59
CA GLU E 235 63.87 -5.12 10.21
C GLU E 235 62.40 -5.42 9.93
N TYR E 236 62.11 -6.67 9.53
CA TYR E 236 60.74 -7.18 9.52
C TYR E 236 60.11 -7.08 10.90
N ILE E 237 60.91 -7.37 11.93
CA ILE E 237 60.43 -7.29 13.31
C ILE E 237 60.21 -5.83 13.73
N TYR E 238 61.18 -4.95 13.45
CA TYR E 238 61.00 -3.53 13.73
C TYR E 238 59.80 -2.96 13.01
N SER E 239 59.60 -3.39 11.77
CA SER E 239 58.51 -2.87 10.95
C SER E 239 57.16 -3.32 11.49
N LYS E 240 56.98 -4.62 11.75
CA LYS E 240 55.67 -5.08 12.19
C LYS E 240 55.36 -4.61 13.61
N ARG E 241 56.39 -4.57 14.47
CA ARG E 241 56.24 -4.05 15.81
C ARG E 241 55.87 -2.57 15.79
N GLN E 242 56.50 -1.81 14.90
CA GLN E 242 56.19 -0.39 14.84
C GLN E 242 54.83 -0.15 14.23
N PHE E 243 54.44 -1.01 13.28
CA PHE E 243 53.12 -0.99 12.66
C PHE E 243 52.03 -1.11 13.71
N ILE E 244 52.16 -2.12 14.57
CA ILE E 244 51.11 -2.32 15.56
C ILE E 244 51.21 -1.29 16.68
N GLN E 245 52.41 -0.79 16.98
CA GLN E 245 52.54 0.30 17.95
C GLN E 245 51.83 1.55 17.47
N ASN E 246 52.02 1.91 16.21
CA ASN E 246 51.40 3.12 15.69
C ASN E 246 49.91 2.97 15.59
N ARG E 247 49.45 1.78 15.20
CA ARG E 247 48.02 1.53 15.18
C ARG E 247 47.43 1.65 16.57
N TYR E 248 48.13 1.13 17.58
CA TYR E 248 47.64 1.20 18.95
C TYR E 248 47.64 2.63 19.45
N SER E 249 48.65 3.40 19.08
CA SER E 249 48.73 4.78 19.56
C SER E 249 47.64 5.65 18.95
N GLN E 250 47.37 5.48 17.66
CA GLN E 250 46.29 6.23 17.05
C GLN E 250 44.94 5.78 17.58
N GLU E 251 44.80 4.50 17.91
CA GLU E 251 43.59 4.02 18.55
C GLU E 251 43.41 4.68 19.91
N LEU E 252 44.51 4.89 20.63
CA LEU E 252 44.41 5.56 21.92
C LEU E 252 44.07 7.04 21.77
N GLN E 253 44.64 7.70 20.77
CA GLN E 253 44.26 9.07 20.45
C GLN E 253 42.76 9.19 20.21
N ASN E 254 42.21 8.26 19.43
CA ASN E 254 40.78 8.24 19.16
C ASN E 254 39.99 8.04 20.42
N ASN E 255 40.53 7.21 21.33
CA ASN E 255 39.85 6.96 22.59
C ASN E 255 39.77 8.23 23.42
N GLU E 256 40.87 8.96 23.56
CA GLU E 256 40.76 10.16 24.40
C GLU E 256 39.97 11.26 23.70
N ARG E 257 39.89 11.23 22.37
CA ARG E 257 38.97 12.14 21.68
C ARG E 257 37.52 11.87 22.06
N LEU E 258 37.12 10.60 22.02
CA LEU E 258 35.75 10.29 22.36
C LEU E 258 35.51 10.46 23.86
N GLU E 259 36.56 10.31 24.65
CA GLU E 259 36.46 10.59 26.07
C GLU E 259 36.27 12.07 26.31
N ALA E 260 36.90 12.90 25.48
CA ALA E 260 36.70 14.34 25.57
C ALA E 260 35.26 14.70 25.24
N ILE E 261 34.70 14.03 24.24
CA ILE E 261 33.36 14.44 23.87
C ILE E 261 32.33 13.91 24.87
N LEU E 262 32.58 12.76 25.52
CA LEU E 262 31.57 12.38 26.49
C LEU E 262 31.74 13.18 27.77
N SER E 263 32.94 13.66 28.06
CA SER E 263 33.11 14.54 29.21
C SER E 263 32.37 15.85 28.99
N ARG E 264 32.51 16.42 27.79
CA ARG E 264 31.80 17.66 27.44
C ARG E 264 30.30 17.49 27.54
N GLU E 265 29.77 16.43 26.95
CA GLU E 265 28.33 16.29 27.03
C GLU E 265 27.81 15.79 28.37
N GLN E 266 28.61 15.12 29.19
CA GLN E 266 28.07 14.81 30.50
C GLN E 266 28.10 16.02 31.40
N ASN E 267 29.08 16.90 31.18
CA ASN E 267 29.05 18.23 31.78
C ASN E 267 27.78 18.95 31.39
N LEU E 268 27.42 18.91 30.11
CA LEU E 268 26.18 19.53 29.65
C LEU E 268 24.94 18.86 30.22
N LEU E 269 24.99 17.54 30.42
CA LEU E 269 23.83 16.81 30.93
C LEU E 269 23.56 17.21 32.36
N GLU E 270 24.60 17.28 33.18
CA GLU E 270 24.38 17.71 34.54
C GLU E 270 24.03 19.19 34.62
N GLU E 271 24.48 20.00 33.64
CA GLU E 271 24.06 21.40 33.58
C GLU E 271 22.56 21.53 33.39
N THR E 272 22.04 20.94 32.32
CA THR E 272 20.61 21.08 32.06
C THR E 272 19.78 20.30 33.07
N ARG E 273 20.34 19.27 33.70
CA ARG E 273 19.64 18.59 34.77
C ARG E 273 19.51 19.50 35.97
N LYS E 274 20.57 20.25 36.29
CA LYS E 274 20.50 21.27 37.33
C LYS E 274 19.48 22.33 36.99
N LEU E 275 19.40 22.73 35.72
CA LEU E 275 18.43 23.75 35.36
C LEU E 275 17.01 23.23 35.39
N CYS E 276 16.80 21.94 35.15
CA CYS E 276 15.42 21.46 35.28
C CYS E 276 15.05 21.30 36.75
N MET E 277 16.03 21.00 37.59
CA MET E 277 15.79 21.10 39.02
C MET E 277 15.51 22.54 39.44
N ASN E 278 16.13 23.51 38.74
CA ASN E 278 15.82 24.91 39.00
C ASN E 278 14.42 25.27 38.54
N LEU E 279 13.94 24.62 37.50
CA LEU E 279 12.53 24.79 37.14
C LEU E 279 11.63 24.19 38.19
N LYS E 280 12.05 23.11 38.85
CA LYS E 280 11.27 22.59 39.96
C LYS E 280 11.28 23.56 41.13
N THR E 281 12.40 24.26 41.34
CA THR E 281 12.41 25.33 42.33
C THR E 281 11.53 26.49 41.90
N ASN E 282 11.39 26.71 40.61
CA ASN E 282 10.45 27.71 40.11
C ASN E 282 9.01 27.27 40.37
N ASN E 283 8.75 25.96 40.38
CA ASN E 283 7.42 25.47 40.74
C ASN E 283 7.10 25.77 42.21
N LYS E 284 8.06 25.49 43.09
CA LYS E 284 7.88 25.84 44.49
C LYS E 284 7.83 27.36 44.69
N LYS E 285 8.56 28.11 43.86
CA LYS E 285 8.48 29.56 43.94
C LYS E 285 7.18 30.12 43.41
N ARG E 286 6.53 29.49 42.42
CA ARG E 286 5.24 30.05 42.03
C ARG E 286 4.17 29.69 43.05
N LEU E 287 4.34 28.57 43.76
CA LEU E 287 3.50 28.32 44.94
C LEU E 287 3.68 29.42 46.00
N THR E 288 4.92 29.78 46.30
CA THR E 288 5.14 30.81 47.33
C THR E 288 4.68 32.18 46.87
N GLU E 289 4.93 32.52 45.60
CA GLU E 289 4.58 33.84 45.08
C GLU E 289 3.07 33.98 44.86
N LYS E 290 2.35 32.87 44.64
CA LYS E 290 0.90 32.97 44.68
C LYS E 290 0.39 32.98 46.11
N LEU E 291 1.16 32.45 47.06
CA LEU E 291 0.72 32.47 48.44
C LEU E 291 0.79 33.87 49.04
N ILE E 292 1.61 34.76 48.46
CA ILE E 292 1.71 36.13 48.97
C ILE E 292 0.41 36.90 48.74
N GLN E 293 -0.19 36.75 47.57
CA GLN E 293 -1.51 37.28 47.26
C GLN E 293 -2.31 36.12 46.68
N LYS E 294 -3.12 35.48 47.52
CA LYS E 294 -3.83 34.28 47.11
C LYS E 294 -4.98 34.59 46.15
N ASP E 295 -5.45 35.83 46.13
CA ASP E 295 -6.58 36.23 45.29
C ASP E 295 -6.23 36.21 43.80
N VAL E 323 -9.68 31.19 28.88
CA VAL E 323 -8.97 30.42 27.87
C VAL E 323 -9.56 30.78 26.52
N THR E 324 -10.89 30.98 26.50
CA THR E 324 -11.65 31.12 25.25
C THR E 324 -11.42 32.42 24.53
N PHE E 325 -10.41 33.22 24.88
CA PHE E 325 -10.06 34.36 24.05
C PHE E 325 -9.59 33.97 22.66
N ARG E 326 -9.05 32.76 22.49
CA ARG E 326 -8.75 32.30 21.13
C ARG E 326 -10.02 32.13 20.33
N ASN E 327 -11.02 31.47 20.93
CA ASN E 327 -12.31 31.25 20.30
C ASN E 327 -13.03 32.55 20.03
N ASP E 328 -12.80 33.57 20.86
CA ASP E 328 -13.47 34.82 20.64
C ASP E 328 -12.71 35.72 19.67
N SER E 329 -11.38 35.72 19.77
CA SER E 329 -10.52 36.49 18.89
C SER E 329 -10.52 35.96 17.48
N HIS E 330 -10.92 34.72 17.27
CA HIS E 330 -11.22 34.28 15.93
C HIS E 330 -12.71 34.14 15.68
N GLU E 331 -13.52 34.29 16.72
CA GLU E 331 -14.95 34.48 16.50
C GLU E 331 -15.20 35.84 15.88
N LEU E 332 -14.73 36.90 16.53
CA LEU E 332 -14.52 38.18 15.88
C LEU E 332 -13.07 38.19 15.39
N ASN E 333 -12.49 39.33 15.07
CA ASN E 333 -11.05 39.33 14.85
C ASN E 333 -10.46 40.58 15.44
N LEU E 334 -9.47 40.41 16.31
CA LEU E 334 -8.86 41.52 17.03
C LEU E 334 -7.35 41.46 16.89
N MET E 335 -6.70 42.48 17.41
CA MET E 335 -5.25 42.60 17.30
C MET E 335 -4.65 42.75 18.68
N LEU E 336 -3.35 42.46 18.79
CA LEU E 336 -2.64 42.54 20.05
C LEU E 336 -1.36 43.31 19.85
N ASN E 337 -0.76 43.74 20.96
CA ASN E 337 0.34 44.70 20.94
C ASN E 337 1.34 44.34 22.03
N ASP E 338 2.61 44.17 21.64
CA ASP E 338 3.65 43.72 22.58
C ASP E 338 4.99 44.33 22.22
N PRO E 339 5.27 45.59 22.66
CA PRO E 339 6.65 46.09 22.74
C PRO E 339 7.30 45.85 24.11
N ILE E 340 7.16 44.63 24.63
CA ILE E 340 7.59 44.30 25.99
C ILE E 340 8.50 43.08 25.79
N LYS E 341 8.91 42.42 26.89
CA LYS E 341 10.01 41.44 26.98
C LYS E 341 11.34 42.10 26.65
N SER E 342 11.73 43.01 27.54
CA SER E 342 13.07 43.58 27.59
C SER E 342 13.30 44.05 29.02
N THR E 343 14.40 43.59 29.63
CA THR E 343 14.64 43.83 31.05
C THR E 343 14.93 45.30 31.35
N ALA E 344 15.45 46.04 30.38
CA ALA E 344 15.65 47.47 30.51
C ALA E 344 14.37 48.21 30.14
N ASP E 345 14.14 49.34 30.82
CA ASP E 345 12.88 50.05 30.69
C ASP E 345 12.78 50.76 29.35
N VAL E 346 11.57 50.82 28.81
CA VAL E 346 11.32 51.31 27.47
C VAL E 346 10.67 52.69 27.44
N ARG E 347 10.32 53.25 28.59
CA ARG E 347 9.79 54.60 28.59
C ARG E 347 10.90 55.64 28.37
N LEU E 348 12.15 55.24 28.55
CA LEU E 348 13.28 56.10 28.24
C LEU E 348 13.68 55.97 26.77
N ASP E 349 12.71 55.63 25.92
CA ASP E 349 12.85 55.54 24.48
C ASP E 349 13.30 56.83 23.84
N LYS E 350 13.14 57.97 24.52
CA LYS E 350 13.41 59.30 23.97
C LYS E 350 14.88 59.54 23.65
N GLU E 351 15.76 58.60 23.96
CA GLU E 351 17.03 58.48 23.28
C GLU E 351 16.79 58.34 21.78
N GLU E 352 16.22 57.20 21.36
CA GLU E 352 16.12 56.89 19.96
C GLU E 352 14.72 57.16 19.41
N VAL E 353 13.94 57.96 20.13
CA VAL E 353 12.78 58.59 19.52
C VAL E 353 13.20 59.59 18.45
N LEU E 354 14.43 60.11 18.56
CA LEU E 354 14.93 61.28 17.85
C LEU E 354 14.92 61.17 16.33
N SER E 355 14.67 59.98 15.77
CA SER E 355 14.85 59.76 14.35
C SER E 355 13.84 60.55 13.50
N LEU E 356 12.55 60.33 13.75
CA LEU E 356 11.53 61.17 13.11
C LEU E 356 10.35 61.45 14.02
N LEU E 357 10.25 60.73 15.14
CA LEU E 357 9.01 60.69 15.92
C LEU E 357 8.62 61.99 16.64
N PRO E 358 9.52 62.84 17.17
CA PRO E 358 9.00 64.08 17.79
C PRO E 358 8.40 65.03 16.77
N SER E 359 9.00 65.13 15.60
CA SER E 359 8.40 65.85 14.49
C SER E 359 7.05 65.24 14.12
N LEU E 360 6.97 63.92 14.10
CA LEU E 360 5.71 63.23 13.83
C LEU E 360 4.63 63.61 14.83
N LYS E 361 4.94 63.55 16.12
CA LYS E 361 3.89 63.79 17.11
C LYS E 361 3.51 65.26 17.18
N GLU E 362 4.44 66.18 16.88
CA GLU E 362 4.07 67.58 16.80
C GLU E 362 3.14 67.85 15.62
N TYR E 363 3.43 67.25 14.45
CA TYR E 363 2.52 67.44 13.32
C TYR E 363 1.18 66.75 13.54
N THR E 364 1.14 65.66 14.31
CA THR E 364 -0.15 65.07 14.62
C THR E 364 -0.93 65.93 15.58
N LYS E 365 -0.26 66.62 16.50
CA LYS E 365 -0.97 67.60 17.33
C LYS E 365 -1.50 68.76 16.49
N LYS E 366 -0.75 69.15 15.45
CA LYS E 366 -1.24 70.19 14.54
C LYS E 366 -2.48 69.72 13.78
N SER E 367 -2.47 68.48 13.31
CA SER E 367 -3.66 67.92 12.68
C SER E 367 -4.78 67.72 13.69
N LYS E 368 -4.46 67.52 14.97
CA LYS E 368 -5.48 67.43 16.01
C LYS E 368 -6.19 68.76 16.20
N GLU E 369 -5.44 69.85 16.19
CA GLU E 369 -6.10 71.15 16.29
C GLU E 369 -6.89 71.47 15.02
N LEU E 370 -6.42 71.00 13.86
CA LEU E 370 -7.18 71.18 12.62
C LEU E 370 -8.49 70.38 12.65
N LYS E 371 -8.46 69.15 13.17
CA LYS E 371 -9.70 68.40 13.25
C LYS E 371 -10.62 68.93 14.35
N GLU E 372 -10.06 69.59 15.37
CA GLU E 372 -10.91 70.30 16.30
C GLU E 372 -11.64 71.45 15.61
N THR E 373 -10.93 72.20 14.76
CA THR E 373 -11.58 73.26 13.99
C THR E 373 -12.61 72.70 13.00
N MET E 374 -12.38 71.50 12.49
CA MET E 374 -13.38 70.89 11.62
C MET E 374 -14.58 70.38 12.42
N GLY E 375 -14.33 69.80 13.60
CA GLY E 375 -15.34 69.27 14.49
C GLY E 375 -16.04 70.29 15.35
N GLN E 376 -15.73 71.57 15.13
CA GLN E 376 -16.61 72.63 15.60
C GLN E 376 -18.02 72.48 15.02
N MET E 377 -18.12 72.02 13.78
CA MET E 377 -19.36 72.00 13.01
C MET E 377 -20.39 71.00 13.54
N ILE E 378 -20.02 70.12 14.48
CA ILE E 378 -20.91 69.08 14.99
C ILE E 378 -22.04 69.64 15.83
N SER E 379 -21.95 70.93 16.20
CA SER E 379 -22.92 71.60 17.04
C SER E 379 -24.35 71.57 16.51
N ASP E 380 -24.53 71.36 15.21
CA ASP E 380 -25.85 71.02 14.69
C ASP E 380 -26.21 69.58 14.98
N SER E 381 -25.24 68.67 14.88
CA SER E 381 -25.50 67.24 14.79
C SER E 381 -25.17 66.51 16.09
N HIS E 382 -25.47 67.11 17.23
CA HIS E 382 -25.32 66.38 18.49
C HIS E 382 -26.47 65.40 18.68
N GLU E 383 -27.69 65.91 18.85
CA GLU E 383 -28.83 65.08 19.24
C GLU E 383 -29.99 65.26 18.27
N GLU E 384 -29.69 65.13 16.97
CA GLU E 384 -30.72 65.19 15.95
C GLU E 384 -31.57 63.92 15.93
N GLU E 385 -31.09 62.83 16.51
CA GLU E 385 -31.90 61.64 16.74
C GLU E 385 -31.94 61.21 18.20
N ILE E 386 -31.27 61.93 19.10
CA ILE E 386 -31.49 61.76 20.54
C ILE E 386 -31.82 63.10 21.19
N THR F 7 52.37 7.36 41.33
CA THR F 7 53.73 6.87 41.15
C THR F 7 54.25 7.20 39.76
N TYR F 8 54.36 8.50 39.46
CA TYR F 8 54.75 8.95 38.13
C TYR F 8 56.16 8.52 37.78
N ASN F 9 57.15 9.06 38.48
CA ASN F 9 58.51 8.59 38.34
C ASN F 9 58.89 7.60 39.42
N SER F 10 57.93 7.24 40.28
CA SER F 10 58.23 6.29 41.34
C SER F 10 58.26 4.86 40.85
N ILE F 11 57.38 4.52 39.90
CA ILE F 11 57.45 3.20 39.28
C ILE F 11 58.73 3.04 38.50
N SER F 12 59.16 4.10 37.81
CA SER F 12 60.45 4.05 37.14
C SER F 12 61.60 4.10 38.14
N ASN F 13 61.37 4.69 39.31
CA ASN F 13 62.39 4.70 40.36
C ASN F 13 62.62 3.29 40.87
N PHE F 14 61.53 2.55 41.09
CA PHE F 14 61.67 1.14 41.44
C PHE F 14 62.19 0.32 40.27
N ILE F 15 61.93 0.76 39.04
CA ILE F 15 62.47 0.08 37.87
C ILE F 15 63.99 0.15 37.84
N GLU F 16 64.54 1.36 37.98
CA GLU F 16 65.98 1.53 38.02
C GLU F 16 66.59 0.95 39.30
N ASN F 17 65.82 0.93 40.39
CA ASN F 17 66.28 0.34 41.63
C ASN F 17 66.44 -1.17 41.49
N GLU F 18 65.45 -1.83 40.91
CA GLU F 18 65.56 -3.25 40.63
C GLU F 18 66.57 -3.53 39.53
N LEU F 19 66.86 -2.56 38.68
CA LEU F 19 67.93 -2.72 37.71
C LEU F 19 69.28 -2.80 38.38
N THR F 20 69.59 -1.86 39.26
CA THR F 20 70.88 -1.87 39.96
C THR F 20 70.94 -2.91 41.07
N ALA F 21 69.78 -3.40 41.51
CA ALA F 21 69.73 -4.38 42.57
C ALA F 21 70.24 -5.75 42.14
N LEU F 22 70.31 -5.99 40.83
CA LEU F 22 71.01 -7.18 40.34
C LEU F 22 72.49 -7.13 40.71
N LEU F 23 73.13 -5.98 40.46
CA LEU F 23 74.52 -5.80 40.87
C LEU F 23 74.66 -5.81 42.39
N SER F 24 73.67 -5.22 43.08
CA SER F 24 73.68 -5.20 44.54
C SER F 24 73.62 -6.60 45.13
N SER F 25 72.69 -7.42 44.65
CA SER F 25 72.57 -8.79 45.14
C SER F 25 73.71 -9.67 44.64
N ASP F 26 74.34 -9.31 43.53
CA ASP F 26 75.45 -10.11 43.02
C ASP F 26 76.70 -9.95 43.86
N ASP F 27 77.19 -8.71 43.99
CA ASP F 27 78.42 -8.55 44.77
C ASP F 27 78.16 -8.59 46.26
N TYR F 28 76.91 -8.34 46.69
CA TYR F 28 76.59 -8.50 48.10
C TYR F 28 76.69 -9.96 48.51
N LEU F 29 76.15 -10.86 47.69
CA LEU F 29 76.41 -12.27 47.90
C LEU F 29 77.85 -12.61 47.57
N MET F 30 78.48 -11.81 46.70
CA MET F 30 79.82 -12.04 46.17
C MET F 30 79.93 -13.43 45.55
N ASP F 31 78.90 -13.82 44.81
CA ASP F 31 78.76 -15.20 44.34
C ASP F 31 79.85 -15.56 43.34
N ASP F 32 80.07 -14.70 42.35
CA ASP F 32 81.25 -14.84 41.51
C ASP F 32 82.44 -14.07 42.06
N LEU F 33 82.20 -13.11 42.94
CA LEU F 33 83.28 -12.28 43.46
C LEU F 33 84.16 -13.00 44.46
N ALA F 34 83.72 -14.15 44.98
CA ALA F 34 84.56 -14.95 45.88
C ALA F 34 85.76 -15.53 45.14
N GLY F 35 85.54 -16.07 43.94
CA GLY F 35 86.62 -16.57 43.11
C GLY F 35 87.15 -15.54 42.13
N GLU F 36 86.54 -14.35 42.06
CA GLU F 36 87.02 -13.33 41.13
C GLU F 36 88.29 -12.66 41.61
N LEU F 37 88.54 -12.66 42.92
CA LEU F 37 89.86 -12.26 43.41
C LEU F 37 90.93 -13.24 42.97
N PRO F 38 90.56 -14.51 42.78
CA PRO F 38 91.44 -15.46 42.11
C PRO F 38 91.34 -15.31 40.59
N ASN F 39 90.15 -15.57 40.04
CA ASN F 39 89.85 -15.54 38.60
C ASN F 39 90.78 -16.41 37.77
N ARG F 43 88.70 -4.26 44.70
CA ARG F 43 87.42 -4.95 44.55
C ARG F 43 87.08 -5.81 45.75
N LEU F 44 87.81 -5.60 46.85
CA LEU F 44 87.46 -6.27 48.11
C LEU F 44 86.07 -5.83 48.56
N LEU F 45 85.91 -4.55 48.83
CA LEU F 45 84.61 -3.91 48.79
C LEU F 45 84.63 -2.75 47.81
N LYS F 46 85.77 -2.51 47.17
CA LYS F 46 85.88 -1.49 46.14
C LYS F 46 85.00 -1.78 44.93
N ALA F 47 84.67 -3.06 44.69
CA ALA F 47 83.74 -3.40 43.62
C ALA F 47 82.35 -2.84 43.91
N GLN F 48 81.90 -2.96 45.14
CA GLN F 48 80.59 -2.41 45.49
C GLN F 48 80.66 -0.89 45.61
N VAL F 49 81.84 -0.36 45.94
CA VAL F 49 82.08 1.07 45.86
C VAL F 49 81.85 1.57 44.44
N ILE F 50 82.46 0.88 43.47
CA ILE F 50 82.23 1.15 42.05
C ILE F 50 80.76 0.97 41.69
N GLU F 51 80.07 0.03 42.34
CA GLU F 51 78.64 -0.20 42.07
C GLU F 51 77.79 1.00 42.45
N LYS F 52 78.01 1.56 43.63
CA LYS F 52 77.16 2.72 43.89
C LYS F 52 77.68 4.00 43.24
N ARG F 53 78.94 4.01 42.78
CA ARG F 53 79.35 5.02 41.80
C ARG F 53 78.50 4.92 40.55
N LYS F 54 78.30 3.69 40.04
CA LYS F 54 77.46 3.43 38.88
C LYS F 54 76.05 3.93 39.11
N ASP F 55 75.51 3.67 40.29
CA ASP F 55 74.11 3.99 40.53
C ASP F 55 73.92 5.50 40.73
N ALA F 56 74.92 6.15 41.34
CA ALA F 56 74.92 7.60 41.40
C ALA F 56 75.06 8.22 40.02
N MET F 57 75.78 7.55 39.12
CA MET F 57 75.78 7.98 37.72
C MET F 57 74.40 7.78 37.09
N SER F 58 73.74 6.68 37.42
CA SER F 58 72.47 6.34 36.79
C SER F 58 71.34 7.24 37.24
N ARG F 59 71.51 7.94 38.37
CA ARG F 59 70.46 8.85 38.79
C ARG F 59 70.26 10.05 37.86
N GLY F 60 71.18 10.31 36.93
CA GLY F 60 70.92 11.24 35.86
C GLY F 60 69.72 10.85 35.02
N LYS F 61 69.45 9.55 34.89
CA LYS F 61 68.27 9.10 34.17
C LYS F 61 67.01 9.48 34.92
N GLN F 62 67.04 9.42 36.25
CA GLN F 62 65.86 9.83 36.98
C GLN F 62 65.72 11.34 37.02
N ASP F 63 66.83 12.05 36.88
CA ASP F 63 66.76 13.48 36.61
C ASP F 63 66.05 13.74 35.28
N LEU F 64 66.35 12.91 34.27
CA LEU F 64 65.66 13.03 32.99
C LEU F 64 64.19 12.63 33.10
N LEU F 65 63.87 11.69 33.99
CA LEU F 65 62.47 11.38 34.29
C LEU F 65 61.74 12.60 34.80
N SER F 66 62.31 13.24 35.82
CA SER F 66 61.72 14.44 36.42
C SER F 66 61.61 15.57 35.41
N LYS F 67 62.51 15.60 34.44
CA LYS F 67 62.36 16.54 33.34
C LYS F 67 61.19 16.16 32.44
N GLU F 68 61.27 14.99 31.80
CA GLU F 68 60.42 14.69 30.66
C GLU F 68 58.98 14.40 31.06
N ILE F 69 58.76 13.92 32.28
CA ILE F 69 57.39 13.71 32.74
C ILE F 69 56.68 15.04 32.83
N TYR F 70 57.35 16.04 33.38
CA TYR F 70 56.75 17.36 33.44
C TYR F 70 56.66 17.98 32.07
N ASP F 71 57.59 17.63 31.17
CA ASP F 71 57.51 18.09 29.78
C ASP F 71 56.25 17.56 29.10
N ASN F 72 56.01 16.27 29.27
CA ASN F 72 54.85 15.62 28.67
C ASN F 72 53.55 16.18 29.23
N GLU F 73 53.49 16.31 30.56
CA GLU F 73 52.26 16.81 31.19
C GLU F 73 52.02 18.26 30.85
N SER F 74 53.09 19.04 30.69
CA SER F 74 52.98 20.43 30.31
C SER F 74 52.45 20.57 28.89
N GLU F 75 52.97 19.76 27.98
CA GLU F 75 52.51 19.88 26.59
C GLU F 75 51.10 19.34 26.42
N LEU F 76 50.70 18.38 27.26
CA LEU F 76 49.32 17.94 27.19
C LEU F 76 48.37 18.96 27.79
N ARG F 77 48.80 19.65 28.85
CA ARG F 77 48.04 20.80 29.35
C ARG F 77 47.95 21.90 28.29
N ALA F 78 49.04 22.10 27.55
CA ALA F 78 49.01 23.05 26.45
C ALA F 78 48.05 22.64 25.36
N SER F 79 47.97 21.33 25.07
CA SER F 79 47.00 20.84 24.08
C SER F 79 45.58 21.02 24.57
N GLN F 80 45.37 20.85 25.87
CA GLN F 80 44.07 21.15 26.47
C GLN F 80 43.74 22.63 26.34
N SER F 81 44.76 23.48 26.42
CA SER F 81 44.55 24.90 26.23
C SER F 81 44.20 25.23 24.78
N GLN F 82 44.84 24.55 23.83
CA GLN F 82 44.44 24.74 22.43
C GLN F 82 43.02 24.24 22.18
N GLN F 83 42.59 23.20 22.90
CA GLN F 83 41.22 22.71 22.77
C GLN F 83 40.21 23.73 23.25
N ILE F 84 40.42 24.30 24.45
CA ILE F 84 39.43 25.26 24.95
C ILE F 84 39.47 26.55 24.17
N MET F 85 40.62 26.88 23.58
CA MET F 85 40.67 28.07 22.72
C MET F 85 39.97 27.82 21.39
N GLU F 86 40.04 26.59 20.88
CA GLU F 86 39.38 26.29 19.62
C GLU F 86 37.88 26.03 19.75
N LEU F 87 37.43 25.46 20.87
CA LEU F 87 36.01 25.23 21.05
C LEU F 87 35.40 26.40 21.82
N VAL F 88 34.07 26.42 21.92
CA VAL F 88 33.39 27.45 22.69
C VAL F 88 33.52 27.11 24.17
N GLY F 89 33.96 28.09 24.97
CA GLY F 89 34.18 27.87 26.40
C GLY F 89 32.85 27.92 27.15
N ASP F 90 32.11 26.80 27.03
CA ASP F 90 30.76 26.61 27.58
C ASP F 90 29.82 27.71 27.12
N ILE F 91 29.93 28.05 25.84
CA ILE F 91 29.11 29.10 25.25
C ILE F 91 28.25 28.47 24.17
N PRO F 92 26.97 28.18 24.44
CA PRO F 92 26.09 27.63 23.40
C PRO F 92 25.43 28.68 22.54
N LYS F 93 25.86 29.94 22.64
CA LYS F 93 25.20 31.03 21.92
C LYS F 93 25.50 30.97 20.43
N TYR F 94 24.45 31.14 19.63
CA TYR F 94 24.19 30.28 18.48
C TYR F 94 24.17 30.95 17.11
N SER F 95 23.34 31.96 16.88
CA SER F 95 23.19 32.51 15.53
C SER F 95 24.13 33.68 15.39
N LEU F 96 24.36 34.44 16.46
CA LEU F 96 25.60 35.18 16.57
C LEU F 96 26.79 34.23 16.61
N GLY F 97 26.60 33.03 17.15
CA GLY F 97 27.63 32.00 17.17
C GLY F 97 27.98 31.47 15.80
N SER F 98 27.15 31.73 14.81
CA SER F 98 27.56 31.59 13.42
C SER F 98 28.01 32.90 12.83
N GLU F 99 27.37 33.99 13.26
CA GLU F 99 27.55 35.30 12.65
C GLU F 99 28.96 35.81 12.83
N LEU F 100 29.57 35.51 13.98
CA LEU F 100 30.94 35.96 14.21
C LEU F 100 31.93 35.19 13.35
N ARG F 101 31.52 34.06 12.78
CA ARG F 101 32.39 33.33 11.87
C ARG F 101 31.98 33.46 10.41
N ASN F 102 30.68 33.51 10.10
CA ASN F 102 30.26 33.76 8.73
C ASN F 102 28.87 34.35 8.70
N ARG F 103 28.64 35.21 7.71
CA ARG F 103 27.29 35.60 7.37
C ARG F 103 26.54 34.41 6.81
N VAL F 104 25.27 34.30 7.18
CA VAL F 104 24.42 33.29 6.58
C VAL F 104 23.30 33.93 5.79
N GLU F 105 22.37 34.63 6.44
CA GLU F 105 21.34 35.40 5.74
C GLU F 105 21.03 36.76 6.33
N GLY F 106 21.28 37.00 7.61
CA GLY F 106 20.79 38.23 8.20
C GLY F 106 19.31 38.20 8.45
N GLU F 107 18.87 37.41 9.43
CA GLU F 107 17.49 37.36 9.87
C GLU F 107 17.33 38.36 10.99
N PRO F 108 16.79 39.56 10.76
CA PRO F 108 16.70 40.55 11.84
C PRO F 108 15.75 40.15 12.94
N GLN F 109 14.76 39.31 12.61
CA GLN F 109 13.90 38.70 13.60
C GLN F 109 14.72 37.87 14.59
N SER F 110 15.41 36.86 14.07
CA SER F 110 16.09 35.94 14.96
C SER F 110 17.30 36.58 15.61
N THR F 111 18.02 37.44 14.89
CA THR F 111 19.16 38.13 15.50
C THR F 111 18.69 39.06 16.61
N SER F 112 17.54 39.70 16.41
CA SER F 112 16.95 40.53 17.45
C SER F 112 16.61 39.71 18.68
N ILE F 113 15.96 38.58 18.48
CA ILE F 113 15.46 37.81 19.62
C ILE F 113 16.62 37.14 20.36
N GLU F 114 17.63 36.66 19.64
CA GLU F 114 18.79 36.11 20.32
C GLU F 114 19.58 37.23 20.97
N ARG F 115 19.47 38.44 20.46
CA ARG F 115 20.11 39.54 21.12
C ARG F 115 19.36 39.89 22.40
N LEU F 116 18.08 39.51 22.50
CA LEU F 116 17.33 39.68 23.75
C LEU F 116 17.59 38.56 24.75
N ILE F 117 18.60 37.70 24.53
CA ILE F 117 18.90 36.65 25.47
C ILE F 117 20.38 36.62 25.86
N GLU F 118 21.23 37.35 25.16
CA GLU F 118 22.63 37.40 25.55
C GLU F 118 22.92 38.36 26.68
N ASP F 119 21.98 39.25 27.00
CA ASP F 119 22.19 40.35 27.94
C ASP F 119 21.75 39.97 29.34
N VAL F 120 22.01 38.72 29.72
CA VAL F 120 21.43 38.22 30.95
C VAL F 120 22.27 38.60 32.18
N LEU F 121 23.50 38.07 32.30
CA LEU F 121 24.28 38.16 33.54
C LEU F 121 25.75 38.44 33.21
N LYS F 122 25.99 39.46 32.38
CA LYS F 122 27.28 39.61 31.71
C LYS F 122 28.43 39.82 32.69
N LEU F 123 28.46 40.95 33.39
CA LEU F 123 29.30 41.06 34.58
C LEU F 123 28.58 40.57 35.85
N PRO F 124 27.32 40.99 36.15
CA PRO F 124 26.80 40.36 37.37
C PRO F 124 26.26 38.96 37.14
N ASN F 138 32.81 33.23 28.13
CA ASN F 138 34.10 33.79 27.76
C ASN F 138 34.14 34.06 26.26
N ASP F 139 34.99 33.30 25.56
CA ASP F 139 35.09 33.27 24.09
C ASP F 139 35.42 34.65 23.51
N LEU F 140 36.69 35.05 23.73
CA LEU F 140 37.34 36.19 23.06
C LEU F 140 36.63 37.50 23.37
N LYS F 141 36.39 37.72 24.67
CA LYS F 141 35.66 38.86 25.23
C LYS F 141 34.29 39.01 24.60
N VAL F 142 33.69 37.85 24.30
CA VAL F 142 32.31 37.70 23.81
C VAL F 142 32.05 38.46 22.51
N LEU F 143 33.12 38.70 21.73
CA LEU F 143 33.09 39.36 20.43
C LEU F 143 32.35 40.70 20.49
N SER F 144 32.96 41.62 21.23
CA SER F 144 32.40 42.96 21.40
C SER F 144 32.38 43.71 20.07
N GLU F 145 33.30 43.37 19.19
CA GLU F 145 33.31 43.91 17.83
C GLU F 145 32.14 43.42 17.01
N TYR F 146 31.81 42.13 17.10
CA TYR F 146 30.65 41.61 16.39
C TYR F 146 29.37 42.17 16.96
N SER F 147 29.34 42.37 18.28
CA SER F 147 28.20 43.02 18.90
C SER F 147 28.05 44.46 18.42
N ASN F 148 29.18 45.16 18.26
CA ASN F 148 29.11 46.51 17.72
C ASN F 148 28.70 46.52 16.26
N LEU F 149 29.11 45.50 15.51
CA LEU F 149 28.73 45.40 14.11
C LEU F 149 27.23 45.15 13.99
N ARG F 150 26.68 44.33 14.89
CA ARG F 150 25.24 44.10 14.88
C ARG F 150 24.49 45.35 15.31
N LYS F 151 25.02 46.10 16.27
CA LYS F 151 24.38 47.35 16.67
C LYS F 151 24.43 48.39 15.57
N ASP F 152 25.53 48.40 14.82
CA ASP F 152 25.63 49.30 13.68
C ASP F 152 24.66 48.92 12.57
N LEU F 153 24.50 47.61 12.31
CA LEU F 153 23.57 47.15 11.30
C LEU F 153 22.13 47.47 11.70
N ILE F 154 21.82 47.29 12.98
CA ILE F 154 20.49 47.63 13.48
C ILE F 154 20.24 49.12 13.42
N LEU F 155 21.26 49.94 13.68
CA LEU F 155 21.10 51.37 13.53
C LEU F 155 20.91 51.76 12.07
N LYS F 156 21.54 51.02 11.15
CA LYS F 156 21.34 51.27 9.73
C LYS F 156 19.91 50.94 9.33
N CYS F 157 19.38 49.85 9.85
CA CYS F 157 17.98 49.53 9.62
C CYS F 157 17.06 50.54 10.27
N GLN F 158 17.48 51.11 11.40
CA GLN F 158 16.67 52.12 12.06
C GLN F 158 16.61 53.39 11.23
N ALA F 159 17.71 53.75 10.59
CA ALA F 159 17.69 54.85 9.63
C ALA F 159 16.84 54.50 8.42
N LEU F 160 16.86 53.23 8.01
CA LEU F 160 16.05 52.79 6.87
C LEU F 160 14.56 52.88 7.18
N GLN F 161 14.19 52.61 8.42
CA GLN F 161 12.79 52.74 8.82
C GLN F 161 12.42 54.21 9.00
N ILE F 162 13.33 55.01 9.56
CA ILE F 162 13.08 56.43 9.76
C ILE F 162 12.94 57.18 8.45
N GLY F 163 13.58 56.67 7.39
CA GLY F 163 13.41 57.26 6.06
C GLY F 163 11.97 57.14 5.59
N GLU F 164 11.36 55.97 5.76
CA GLU F 164 9.97 55.80 5.39
C GLU F 164 9.05 56.57 6.34
N SER F 165 9.49 56.76 7.59
CA SER F 165 8.72 57.58 8.52
C SER F 165 8.68 59.04 8.04
N LYS F 166 9.82 59.54 7.55
CA LYS F 166 9.84 60.89 6.97
C LYS F 166 9.02 60.96 5.70
N LEU F 167 9.01 59.88 4.91
CA LEU F 167 8.16 59.83 3.72
C LEU F 167 6.69 59.91 4.09
N SER F 168 6.31 59.24 5.18
CA SER F 168 4.93 59.31 5.64
C SER F 168 4.58 60.69 6.17
N ASP F 169 5.53 61.33 6.86
CA ASP F 169 5.30 62.66 7.38
C ASP F 169 5.10 63.67 6.25
N ILE F 170 5.97 63.60 5.24
CA ILE F 170 5.87 64.50 4.10
C ILE F 170 4.70 64.16 3.19
N LEU F 171 4.18 62.93 3.26
CA LEU F 171 2.98 62.60 2.49
C LEU F 171 1.71 63.00 3.21
N SER F 172 1.74 63.01 4.53
CA SER F 172 0.56 63.43 5.28
C SER F 172 0.48 64.94 5.42
N GLN F 173 1.63 65.63 5.38
CA GLN F 173 1.62 67.07 5.57
C GLN F 173 1.01 67.83 4.39
N THR F 174 0.96 67.23 3.21
CA THR F 174 0.35 67.84 2.05
C THR F 174 -1.13 67.55 1.93
N ASN F 175 -1.80 67.26 3.05
CA ASN F 175 -3.23 67.07 3.05
C ASN F 175 -3.86 67.99 4.08
N SER F 176 -3.13 68.23 5.17
CA SER F 176 -3.63 69.09 6.24
C SER F 176 -3.78 70.53 5.79
N ILE F 177 -2.78 71.05 5.08
CA ILE F 177 -2.83 72.42 4.59
C ILE F 177 -3.89 72.60 3.50
N ASN F 178 -4.13 71.56 2.69
CA ASN F 178 -5.13 71.65 1.64
C ASN F 178 -6.55 71.59 2.20
N SER F 179 -6.80 70.69 3.15
CA SER F 179 -8.14 70.58 3.72
C SER F 179 -8.44 71.75 4.63
N LEU F 180 -7.45 72.23 5.38
CA LEU F 180 -7.66 73.33 6.30
C LEU F 180 -6.53 74.35 6.18
N ASP F 190 -24.09 80.11 17.08
CA ASP F 190 -24.56 80.96 16.00
C ASP F 190 -25.48 80.16 15.09
N ASP F 191 -24.88 79.57 14.06
CA ASP F 191 -25.63 78.68 13.16
C ASP F 191 -26.10 77.43 13.88
N ASP F 192 -25.44 77.05 14.98
CA ASP F 192 -25.91 75.97 15.84
C ASP F 192 -27.30 76.27 16.39
N ILE F 193 -27.45 77.41 17.05
CA ILE F 193 -28.76 77.79 17.57
C ILE F 193 -29.73 78.13 16.45
N SER F 194 -29.22 78.60 15.30
CA SER F 194 -30.09 78.89 14.16
C SER F 194 -30.74 77.62 13.62
N GLU F 195 -29.93 76.58 13.39
CA GLU F 195 -30.47 75.31 12.93
C GLU F 195 -31.27 74.62 14.03
N TYR F 196 -30.94 74.87 15.30
CA TYR F 196 -31.74 74.31 16.39
C TYR F 196 -33.14 74.93 16.43
N PHE F 197 -33.21 76.25 16.25
CA PHE F 197 -34.51 76.91 16.17
C PHE F 197 -35.27 76.51 14.92
N ALA F 198 -34.56 76.29 13.80
CA ALA F 198 -35.23 75.87 12.57
C ALA F 198 -35.77 74.45 12.69
N THR F 199 -35.04 73.56 13.36
CA THR F 199 -35.52 72.19 13.53
C THR F 199 -36.64 72.12 14.56
N TYR F 200 -36.57 72.93 15.61
CA TYR F 200 -37.68 72.99 16.56
C TYR F 200 -38.92 73.58 15.91
N ASN F 201 -38.75 74.55 15.01
CA ASN F 201 -39.88 75.09 14.27
C ASN F 201 -40.43 74.09 13.26
N GLY F 202 -39.57 73.24 12.69
CA GLY F 202 -40.06 72.16 11.84
C GLY F 202 -40.86 71.14 12.64
N LYS F 203 -40.43 70.84 13.86
CA LYS F 203 -41.19 69.97 14.75
C LYS F 203 -42.54 70.57 15.11
N LEU F 204 -42.55 71.85 15.46
CA LEU F 204 -43.79 72.52 15.86
C LEU F 204 -44.69 72.85 14.67
N VAL F 205 -44.16 72.85 13.44
CA VAL F 205 -44.95 73.16 12.27
C VAL F 205 -45.35 71.92 11.47
N VAL F 206 -44.78 70.77 11.75
CA VAL F 206 -45.17 69.54 11.09
C VAL F 206 -45.83 68.53 12.00
N ALA F 207 -45.42 68.44 13.27
CA ALA F 207 -45.92 67.40 14.16
C ALA F 207 -47.36 67.65 14.61
N GLN G 124 63.27 -24.37 15.89
CA GLN G 124 63.12 -23.08 16.56
C GLN G 124 64.42 -22.28 16.53
N LEU G 125 64.57 -21.35 17.47
CA LEU G 125 65.78 -20.55 17.60
C LEU G 125 66.87 -21.27 18.40
N SER G 126 66.60 -22.49 18.86
CA SER G 126 67.60 -23.27 19.56
C SER G 126 68.77 -23.65 18.65
N SER G 127 68.52 -23.73 17.35
CA SER G 127 69.59 -24.02 16.39
C SER G 127 70.62 -22.89 16.35
N SER G 128 70.15 -21.65 16.16
CA SER G 128 71.07 -20.51 16.17
C SER G 128 71.64 -20.27 17.56
N ILE G 129 70.90 -20.68 18.60
CA ILE G 129 71.46 -20.64 19.95
C ILE G 129 72.65 -21.58 20.08
N THR G 130 72.54 -22.79 19.52
CA THR G 130 73.66 -23.73 19.55
C THR G 130 74.82 -23.23 18.71
N SER G 131 74.52 -22.59 17.58
CA SER G 131 75.58 -22.01 16.75
C SER G 131 76.28 -20.87 17.49
N VAL G 132 75.52 -20.07 18.23
CA VAL G 132 76.11 -19.02 19.04
C VAL G 132 76.97 -19.61 20.14
N THR G 133 76.56 -20.75 20.70
CA THR G 133 77.36 -21.43 21.71
C THR G 133 78.68 -21.91 21.14
N THR G 134 78.66 -22.46 19.93
CA THR G 134 79.88 -22.93 19.29
C THR G 134 80.80 -21.77 18.94
N ILE G 135 80.23 -20.66 18.44
CA ILE G 135 81.02 -19.48 18.12
C ILE G 135 81.62 -18.87 19.37
N ASP G 136 80.88 -18.93 20.49
CA ASP G 136 81.40 -18.44 21.77
C ASP G 136 82.55 -19.31 22.25
N VAL G 137 82.45 -20.63 22.07
CA VAL G 137 83.52 -21.52 22.49
C VAL G 137 84.80 -21.31 21.68
N LEU G 138 84.65 -21.19 20.35
CA LEU G 138 85.83 -20.99 19.51
C LEU G 138 86.44 -19.61 19.70
N SER G 139 85.60 -18.59 19.85
CA SER G 139 86.08 -17.24 20.13
C SER G 139 86.73 -17.16 21.51
N SER G 140 86.27 -17.98 22.46
CA SER G 140 86.90 -18.04 23.76
C SER G 140 88.25 -18.73 23.69
N LEU G 141 88.39 -19.73 22.83
CA LEU G 141 89.70 -20.36 22.61
C LEU G 141 90.69 -19.36 22.02
N PHE G 142 90.24 -18.60 21.02
CA PHE G 142 91.09 -17.54 20.47
C PHE G 142 91.37 -16.45 21.48
N ILE G 143 90.42 -16.18 22.39
CA ILE G 143 90.63 -15.24 23.47
C ILE G 143 91.69 -15.74 24.43
N ASN G 144 91.69 -17.05 24.72
CA ASN G 144 92.71 -17.61 25.58
C ASN G 144 94.08 -17.56 24.95
N LEU G 145 94.13 -17.73 23.61
CA LEU G 145 95.40 -17.61 22.91
C LEU G 145 95.90 -16.16 22.91
N PHE G 146 95.00 -15.20 22.71
CA PHE G 146 95.39 -13.80 22.66
C PHE G 146 95.83 -13.28 24.03
N GLU G 147 95.04 -13.58 25.06
CA GLU G 147 95.40 -13.20 26.41
C GLU G 147 96.54 -14.03 26.98
N ASN G 148 96.88 -15.15 26.34
CA ASN G 148 98.07 -15.89 26.75
C ASN G 148 99.35 -15.20 26.34
N ASP G 149 99.31 -14.32 25.34
CA ASP G 149 100.51 -13.64 24.84
C ASP G 149 100.49 -12.13 25.01
N LEU G 150 99.39 -11.55 25.48
CA LEU G 150 99.32 -10.10 25.70
C LEU G 150 98.34 -9.75 26.81
N LEU G 170 96.75 -4.05 21.49
CA LEU G 170 96.81 -5.02 20.40
C LEU G 170 95.54 -5.85 20.32
N TYR G 171 95.47 -6.85 21.19
CA TYR G 171 94.45 -7.89 21.12
C TYR G 171 93.14 -7.48 21.76
N LYS G 172 93.11 -6.30 22.39
CA LYS G 172 91.90 -5.74 22.97
C LYS G 172 90.81 -5.58 21.93
N LEU G 173 91.19 -5.10 20.73
CA LEU G 173 90.24 -4.88 19.66
C LEU G 173 89.59 -6.18 19.20
N ASP G 174 90.41 -7.19 18.89
CA ASP G 174 89.91 -8.48 18.44
C ASP G 174 89.06 -9.14 19.51
N LEU G 175 89.50 -9.00 20.76
CA LEU G 175 88.78 -9.54 21.92
C LEU G 175 87.37 -8.99 21.98
N ARG G 176 87.24 -7.65 22.00
CA ARG G 176 85.91 -7.06 22.08
C ARG G 176 85.11 -7.31 20.81
N LEU G 177 85.79 -7.49 19.67
CA LEU G 177 85.11 -7.86 18.44
C LEU G 177 84.36 -9.17 18.57
N PHE G 178 85.05 -10.25 18.98
CA PHE G 178 84.28 -11.49 18.99
C PHE G 178 83.36 -11.64 20.20
N GLN G 179 83.61 -10.96 21.33
CA GLN G 179 82.54 -11.06 22.31
C GLN G 179 81.34 -10.18 21.96
N THR G 180 81.54 -9.09 21.19
CA THR G 180 80.39 -8.36 20.68
C THR G 180 79.61 -9.19 19.69
N ILE G 181 80.32 -9.96 18.84
CA ILE G 181 79.69 -10.92 17.95
C ILE G 181 78.78 -11.87 18.73
N SER G 182 79.33 -12.46 19.78
CA SER G 182 78.61 -13.45 20.58
C SER G 182 77.38 -12.85 21.24
N ASP G 183 77.56 -11.80 22.05
CA ASP G 183 76.44 -11.34 22.87
C ASP G 183 75.40 -10.61 22.03
N GLN G 184 75.83 -10.00 20.92
CA GLN G 184 74.85 -9.43 20.02
C GLN G 184 73.98 -10.50 19.39
N MET G 185 74.59 -11.62 18.95
CA MET G 185 73.81 -12.71 18.40
C MET G 185 72.81 -13.25 19.42
N THR G 186 73.24 -13.36 20.68
CA THR G 186 72.36 -13.89 21.72
C THR G 186 71.18 -12.97 22.00
N ARG G 187 71.45 -11.69 22.29
CA ARG G 187 70.31 -10.87 22.70
C ARG G 187 69.45 -10.50 21.51
N ASP G 188 69.99 -10.58 20.29
CA ASP G 188 69.15 -10.32 19.13
C ASP G 188 68.18 -11.48 18.88
N LEU G 189 68.65 -12.73 19.01
CA LEU G 189 67.72 -13.84 18.84
C LEU G 189 66.69 -13.86 19.97
N LYS G 190 67.15 -13.52 21.18
CA LYS G 190 66.26 -13.45 22.33
C LYS G 190 65.23 -12.35 22.15
N ASP G 191 65.68 -11.21 21.61
CA ASP G 191 64.82 -10.06 21.39
C ASP G 191 63.75 -10.34 20.36
N ILE G 192 64.11 -11.02 19.27
CA ILE G 192 63.11 -11.24 18.24
C ILE G 192 62.08 -12.25 18.71
N LEU G 193 62.49 -13.28 19.47
CA LEU G 193 61.50 -14.27 19.88
C LEU G 193 60.54 -13.69 20.92
N ASP G 194 61.05 -12.96 21.92
CA ASP G 194 60.07 -12.46 22.88
C ASP G 194 59.32 -11.23 22.37
N ILE G 195 59.86 -10.54 21.36
CA ILE G 195 59.08 -9.52 20.69
C ILE G 195 57.92 -10.13 19.91
N ASN G 196 58.14 -11.30 19.31
CA ASN G 196 57.03 -12.05 18.75
C ASN G 196 55.96 -12.32 19.78
N VAL G 197 56.38 -12.73 20.98
CA VAL G 197 55.43 -13.00 22.07
C VAL G 197 54.67 -11.73 22.47
N SER G 198 55.40 -10.62 22.62
CA SER G 198 54.81 -9.38 23.09
C SER G 198 53.82 -8.81 22.09
N ASN G 199 54.16 -8.83 20.80
CA ASN G 199 53.22 -8.32 19.82
C ASN G 199 52.04 -9.24 19.68
N ASN G 200 52.25 -10.55 19.83
CA ASN G 200 51.17 -11.49 19.76
C ASN G 200 50.19 -11.36 20.93
N GLU G 201 50.61 -10.77 22.04
CA GLU G 201 49.60 -10.52 23.06
C GLU G 201 49.01 -9.11 23.00
N LEU G 202 49.82 -8.10 22.65
CA LEU G 202 49.29 -6.76 22.73
C LEU G 202 48.40 -6.46 21.54
N CYS G 203 48.51 -7.26 20.48
CA CYS G 203 47.46 -7.37 19.48
C CYS G 203 46.10 -7.52 20.13
N TYR G 204 45.95 -8.47 21.02
CA TYR G 204 44.62 -8.69 21.52
C TYR G 204 44.29 -7.77 22.68
N GLN G 205 45.28 -7.18 23.32
CA GLN G 205 44.93 -6.08 24.24
C GLN G 205 44.47 -4.84 23.48
N LEU G 206 45.06 -4.57 22.32
CA LEU G 206 44.54 -3.56 21.39
C LEU G 206 43.11 -3.85 21.01
N LYS G 207 42.82 -5.12 20.73
CA LYS G 207 41.46 -5.53 20.39
C LYS G 207 40.50 -5.27 21.55
N GLN G 208 41.00 -5.46 22.77
CA GLN G 208 40.20 -5.12 23.94
C GLN G 208 39.91 -3.62 24.00
N VAL G 209 40.89 -2.79 23.63
CA VAL G 209 40.63 -1.35 23.67
C VAL G 209 39.74 -0.92 22.49
N LEU G 210 39.71 -1.71 21.42
CA LEU G 210 38.72 -1.50 20.37
C LEU G 210 37.31 -1.74 20.91
N ALA G 211 37.15 -2.78 21.73
CA ALA G 211 35.87 -2.96 22.42
C ALA G 211 35.57 -1.81 23.38
N ARG G 212 36.62 -1.22 23.96
CA ARG G 212 36.44 -0.04 24.79
C ARG G 212 35.92 1.15 23.98
N LYS G 213 36.42 1.30 22.74
CA LYS G 213 35.86 2.28 21.80
C LYS G 213 34.38 2.02 21.53
N GLU G 214 34.00 0.74 21.46
CA GLU G 214 32.59 0.44 21.22
C GLU G 214 31.72 0.86 22.40
N ASP G 215 32.26 0.71 23.61
CA ASP G 215 31.55 1.21 24.78
C ASP G 215 31.44 2.74 24.73
N LEU G 216 32.50 3.41 24.23
CA LEU G 216 32.43 4.86 24.02
C LEU G 216 31.28 5.26 23.11
N ASN G 217 31.13 4.55 21.98
CA ASN G 217 30.14 4.97 21.00
C ASN G 217 28.72 4.73 21.50
N GLN G 218 28.49 3.59 22.15
CA GLN G 218 27.16 3.38 22.74
C GLN G 218 26.89 4.40 23.83
N GLN G 219 27.92 4.76 24.57
CA GLN G 219 27.76 5.68 25.69
C GLN G 219 27.40 7.07 25.20
N ILE G 220 28.05 7.53 24.14
CA ILE G 220 27.78 8.88 23.67
C ILE G 220 26.46 8.94 22.94
N ILE G 221 26.00 7.81 22.37
CA ILE G 221 24.63 7.73 21.88
C ILE G 221 23.66 8.01 23.02
N SER G 222 23.86 7.34 24.15
CA SER G 222 22.92 7.49 25.27
C SER G 222 22.95 8.89 25.85
N VAL G 223 24.15 9.46 25.94
CA VAL G 223 24.30 10.80 26.50
C VAL G 223 23.65 11.83 25.60
N ARG G 224 23.92 11.74 24.29
CA ARG G 224 23.31 12.69 23.36
C ARG G 224 21.81 12.49 23.27
N ASN G 225 21.35 11.26 23.44
CA ASN G 225 19.91 11.00 23.47
C ASN G 225 19.25 11.73 24.62
N GLU G 226 19.81 11.59 25.82
CA GLU G 226 19.12 12.14 26.97
C GLU G 226 19.28 13.65 27.02
N ILE G 227 20.40 14.17 26.52
CA ILE G 227 20.53 15.62 26.43
C ILE G 227 19.60 16.16 25.37
N GLN G 228 19.22 15.32 24.40
CA GLN G 228 18.23 15.77 23.43
C GLN G 228 16.84 15.87 24.02
N GLU G 229 16.30 14.79 24.58
CA GLU G 229 14.95 14.93 25.11
C GLU G 229 14.90 15.63 26.46
N LEU G 230 16.02 16.08 26.99
CA LEU G 230 15.91 16.96 28.13
C LEU G 230 15.60 18.40 27.76
N LYS G 231 15.67 18.76 26.48
CA LYS G 231 15.04 20.00 26.06
C LYS G 231 13.60 19.77 25.61
N ALA G 232 13.10 18.54 25.77
CA ALA G 232 11.67 18.29 25.61
C ALA G 232 10.94 18.53 26.92
N GLY G 233 11.44 18.02 28.04
CA GLY G 233 10.82 18.30 29.32
C GLY G 233 11.02 19.71 29.81
N LYS G 234 11.94 20.46 29.19
CA LYS G 234 12.14 21.86 29.51
C LYS G 234 11.26 22.74 28.62
N ASP G 235 10.91 22.24 27.43
CA ASP G 235 9.77 22.77 26.70
C ASP G 235 8.48 22.51 27.46
N TRP G 236 8.46 21.42 28.22
CA TRP G 236 7.26 20.99 28.92
C TRP G 236 6.77 21.90 30.02
N HIS G 237 5.73 21.41 30.67
CA HIS G 237 4.78 22.02 31.59
C HIS G 237 5.45 22.99 32.57
N ASP G 238 6.68 22.73 33.03
CA ASP G 238 7.43 23.58 33.96
C ASP G 238 7.50 25.04 33.50
N LEU G 239 8.15 25.26 32.36
CA LEU G 239 8.30 26.60 31.82
C LEU G 239 6.96 27.17 31.37
N GLN G 240 6.06 26.31 30.91
CA GLN G 240 4.76 26.76 30.41
C GLN G 240 3.90 27.31 31.54
N ASN G 241 3.81 26.60 32.66
CA ASN G 241 3.09 27.12 33.81
C ASN G 241 3.83 28.29 34.45
N GLU G 242 5.15 28.34 34.28
CA GLU G 242 5.92 29.48 34.75
C GLU G 242 5.44 30.77 34.11
N GLN G 243 5.49 30.86 32.79
CA GLN G 243 4.94 32.09 32.23
C GLN G 243 3.43 32.08 32.09
N ALA G 244 2.72 31.05 32.55
CA ALA G 244 1.26 31.11 32.56
C ALA G 244 0.70 31.60 33.87
N LYS G 245 1.46 31.50 34.97
CA LYS G 245 1.02 32.06 36.24
C LYS G 245 1.88 33.21 36.73
N LEU G 246 3.12 33.32 36.26
CA LEU G 246 4.05 34.35 36.73
C LEU G 246 3.54 35.73 36.39
N ASN G 247 3.41 36.02 35.10
CA ASN G 247 2.78 37.25 34.63
C ASN G 247 1.34 37.41 35.11
N ASP G 248 0.64 36.29 35.28
CA ASP G 248 -0.77 36.30 35.64
C ASP G 248 -0.99 36.88 37.02
N LYS G 249 -0.32 36.31 38.02
CA LYS G 249 -0.52 36.75 39.38
C LYS G 249 0.71 37.47 39.92
N VAL G 250 1.57 37.98 39.03
CA VAL G 250 2.59 38.92 39.44
C VAL G 250 2.45 40.19 38.61
N LYS G 251 2.62 40.09 37.30
CA LYS G 251 2.73 41.28 36.47
C LYS G 251 1.41 42.02 36.33
N LEU G 252 0.37 41.31 35.90
CA LEU G 252 -0.90 41.98 35.72
C LEU G 252 -1.53 42.34 37.05
N ASN G 253 -1.31 41.52 38.07
CA ASN G 253 -1.88 41.85 39.36
C ASN G 253 -1.11 43.01 40.00
N LYS G 254 0.17 43.15 39.65
CA LYS G 254 0.95 44.32 40.00
C LYS G 254 0.37 45.58 39.40
N ARG G 255 0.13 45.55 38.08
CA ARG G 255 -0.44 46.70 37.39
C ARG G 255 -1.83 47.04 37.94
N LEU G 256 -2.62 46.00 38.24
CA LEU G 256 -3.97 46.18 38.76
C LEU G 256 -3.94 46.79 40.15
N ASN G 257 -3.07 46.29 41.03
CA ASN G 257 -3.05 46.83 42.38
C ASN G 257 -2.39 48.22 42.41
N ASP G 258 -1.51 48.53 41.45
CA ASP G 258 -1.04 49.89 41.33
C ASP G 258 -2.15 50.83 40.89
N LEU G 259 -3.00 50.37 39.97
CA LEU G 259 -4.09 51.22 39.52
C LEU G 259 -5.15 51.38 40.61
N THR G 260 -5.41 50.33 41.38
CA THR G 260 -6.32 50.48 42.52
C THR G 260 -5.72 51.28 43.65
N SER G 261 -4.40 51.31 43.81
CA SER G 261 -3.80 52.23 44.76
C SER G 261 -3.94 53.68 44.28
N THR G 262 -3.94 53.90 42.97
CA THR G 262 -4.17 55.25 42.47
C THR G 262 -5.62 55.68 42.67
N LEU G 263 -6.57 54.91 42.13
CA LEU G 263 -7.94 55.43 42.11
C LEU G 263 -8.74 55.10 43.36
N LEU G 264 -8.33 54.10 44.15
CA LEU G 264 -8.85 54.01 45.51
C LEU G 264 -8.28 55.10 46.39
N GLY G 265 -7.04 55.53 46.12
CA GLY G 265 -6.45 56.63 46.85
C GLY G 265 -7.10 57.96 46.55
N LYS G 266 -7.81 58.05 45.43
CA LYS G 266 -8.68 59.18 45.13
C LYS G 266 -10.09 58.65 44.83
N TYR G 267 -10.62 57.85 45.79
CA TYR G 267 -11.88 57.10 45.71
C TYR G 267 -13.10 57.94 45.30
N GLU G 268 -13.01 59.24 45.32
CA GLU G 268 -13.95 60.25 44.91
C GLU G 268 -14.00 60.43 43.37
N GLY G 269 -13.63 59.45 42.54
CA GLY G 269 -13.60 59.65 41.10
C GLY G 269 -14.94 60.02 40.49
N ASP G 270 -16.02 59.35 40.92
CA ASP G 270 -17.37 59.76 40.52
C ASP G 270 -17.75 61.11 41.10
N ARG G 271 -17.04 61.56 42.13
CA ARG G 271 -17.21 62.89 42.69
C ARG G 271 -16.18 63.89 42.16
N LYS G 272 -15.01 63.43 41.69
CA LYS G 272 -14.04 64.36 41.13
C LYS G 272 -14.03 64.49 39.61
N ILE G 273 -13.69 63.43 38.86
CA ILE G 273 -13.35 63.64 37.46
C ILE G 273 -14.22 62.83 36.49
N MET G 274 -14.03 61.51 36.51
CA MET G 274 -14.52 60.57 35.48
C MET G 274 -14.26 61.08 34.06
N SER G 275 -12.97 61.12 33.71
CA SER G 275 -12.57 61.32 32.33
C SER G 275 -11.43 60.40 31.92
N GLN G 276 -11.07 59.42 32.77
CA GLN G 276 -9.86 58.61 32.65
C GLN G 276 -8.60 59.47 32.64
N ASP G 277 -8.67 60.60 33.34
CA ASP G 277 -7.57 61.57 33.43
C ASP G 277 -7.65 62.34 34.73
N ILE G 289 -9.09 62.66 19.64
CA ILE G 289 -8.43 61.37 19.46
C ILE G 289 -8.50 61.06 17.95
N LEU G 290 -7.52 60.29 17.46
CA LEU G 290 -7.39 60.10 16.01
C LEU G 290 -8.53 59.26 15.45
N ASP G 291 -9.06 58.30 16.21
CA ASP G 291 -10.11 57.43 15.68
C ASP G 291 -11.44 58.17 15.56
N ILE G 292 -11.80 58.95 16.60
CA ILE G 292 -13.01 59.75 16.52
C ILE G 292 -12.83 60.85 15.49
N ALA G 293 -11.59 61.36 15.36
CA ALA G 293 -11.27 62.33 14.32
C ALA G 293 -11.55 61.76 12.94
N HIS G 294 -11.11 60.54 12.70
CA HIS G 294 -11.28 59.94 11.38
C HIS G 294 -12.73 59.62 11.10
N PHE G 295 -13.44 58.98 12.05
CA PHE G 295 -14.78 58.54 11.66
C PHE G 295 -15.76 59.71 11.64
N VAL G 296 -15.56 60.73 12.49
CA VAL G 296 -16.41 61.91 12.41
C VAL G 296 -16.09 62.72 11.16
N ASP G 297 -14.80 63.06 10.95
CA ASP G 297 -14.41 63.89 9.82
C ASP G 297 -14.57 63.19 8.48
N LEU G 298 -14.79 61.88 8.47
CA LEU G 298 -15.13 61.21 7.24
C LEU G 298 -16.62 60.93 7.11
N MET G 299 -17.37 60.79 8.20
CA MET G 299 -18.81 60.62 8.06
C MET G 299 -19.51 61.94 7.80
N ASP G 300 -18.86 63.06 8.10
CA ASP G 300 -19.50 64.33 7.84
C ASP G 300 -19.66 64.60 6.33
N PRO G 301 -18.58 64.80 5.54
CA PRO G 301 -18.74 65.50 4.25
C PRO G 301 -19.49 64.72 3.19
N TYR G 302 -19.66 63.42 3.39
CA TYR G 302 -20.32 62.55 2.43
C TYR G 302 -21.63 62.01 3.00
N ASN G 303 -21.52 61.29 4.12
CA ASN G 303 -22.68 60.62 4.70
C ASN G 303 -23.62 61.62 5.35
N GLY G 304 -23.07 62.61 6.08
CA GLY G 304 -23.92 63.62 6.68
C GLY G 304 -24.66 64.44 5.65
N LEU G 305 -23.97 64.80 4.57
CA LEU G 305 -24.57 65.60 3.50
C LEU G 305 -25.68 64.83 2.80
N LEU G 306 -25.40 63.60 2.37
CA LEU G 306 -26.40 62.86 1.61
C LEU G 306 -27.56 62.41 2.49
N LYS G 307 -27.27 62.07 3.77
CA LYS G 307 -28.33 61.71 4.71
C LYS G 307 -29.25 62.89 4.98
N LYS G 308 -28.68 64.09 5.14
CA LYS G 308 -29.53 65.26 5.38
C LYS G 308 -30.36 65.61 4.15
N ILE G 309 -29.78 65.55 2.96
CA ILE G 309 -30.54 66.01 1.79
C ILE G 309 -31.64 65.00 1.42
N ASN G 310 -31.39 63.70 1.61
CA ASN G 310 -32.49 62.77 1.36
C ASN G 310 -33.47 62.66 2.52
N LYS G 311 -33.08 63.03 3.74
CA LYS G 311 -34.07 63.11 4.82
C LYS G 311 -35.01 64.30 4.60
N ILE G 312 -34.48 65.42 4.09
CA ILE G 312 -35.33 66.55 3.77
C ILE G 312 -36.20 66.24 2.55
N ASN G 313 -35.67 65.48 1.60
CA ASN G 313 -36.52 65.03 0.50
C ASN G 313 -37.57 64.02 0.96
N GLU G 314 -37.28 63.26 2.02
CA GLU G 314 -38.30 62.40 2.62
C GLU G 314 -39.36 63.22 3.34
N ASN G 315 -38.97 64.34 3.93
CA ASN G 315 -39.95 65.28 4.47
C ASN G 315 -40.81 65.86 3.33
N LEU G 316 -40.21 66.08 2.17
CA LEU G 316 -40.98 66.51 1.00
C LEU G 316 -41.95 65.43 0.54
N SER G 317 -41.54 64.17 0.65
CA SER G 317 -42.46 63.07 0.35
C SER G 317 -43.60 62.99 1.37
N ASN G 318 -43.31 63.32 2.63
CA ASN G 318 -44.36 63.45 3.64
C ASN G 318 -45.30 64.62 3.33
N GLU G 319 -44.75 65.70 2.79
CA GLU G 319 -45.51 66.93 2.59
C GLU G 319 -46.45 66.83 1.38
N LEU G 320 -45.92 66.38 0.24
CA LEU G 320 -46.78 66.25 -0.94
C LEU G 320 -47.73 65.07 -0.80
N GLN G 321 -47.20 63.90 -0.50
CA GLN G 321 -48.02 62.70 -0.34
C GLN G 321 -48.51 62.55 1.10
N PRO H 46 -12.73 -77.39 -9.61
CA PRO H 46 -11.29 -77.66 -9.68
C PRO H 46 -10.47 -76.38 -9.86
N GLN H 47 -10.90 -75.28 -9.24
CA GLN H 47 -10.28 -74.01 -9.55
C GLN H 47 -8.93 -73.81 -8.90
N LEU H 48 -8.58 -74.58 -7.87
CA LEU H 48 -7.24 -74.49 -7.30
C LEU H 48 -6.19 -74.81 -8.34
N GLN H 49 -6.19 -76.04 -8.81
CA GLN H 49 -5.27 -76.41 -9.88
C GLN H 49 -5.62 -75.75 -11.20
N ALA H 50 -6.87 -75.36 -11.41
CA ALA H 50 -7.22 -74.75 -12.69
C ALA H 50 -6.61 -73.36 -12.82
N LEU H 51 -6.72 -72.56 -11.77
CA LEU H 51 -6.07 -71.28 -11.78
C LEU H 51 -4.57 -71.43 -11.67
N VAL H 52 -4.10 -72.51 -11.05
CA VAL H 52 -2.67 -72.77 -11.07
C VAL H 52 -2.19 -73.13 -12.48
N ARG H 53 -3.02 -73.79 -13.27
CA ARG H 53 -2.73 -73.97 -14.69
C ARG H 53 -2.75 -72.65 -15.42
N LEU H 54 -3.61 -71.73 -15.00
CA LEU H 54 -3.56 -70.42 -15.61
C LEU H 54 -2.29 -69.68 -15.22
N LEU H 55 -1.78 -69.95 -14.03
CA LEU H 55 -0.46 -69.47 -13.67
C LEU H 55 0.61 -70.15 -14.51
N CYS H 56 0.39 -71.40 -14.89
CA CYS H 56 1.29 -72.04 -15.84
C CYS H 56 1.19 -71.39 -17.20
N GLU H 57 0.09 -70.70 -17.48
CA GLU H 57 -0.06 -69.94 -18.71
C GLU H 57 0.21 -68.45 -18.52
N THR H 58 0.55 -68.01 -17.32
CA THR H 58 0.79 -66.60 -17.04
C THR H 58 2.00 -66.48 -16.13
N SER H 59 2.14 -65.33 -15.45
CA SER H 59 3.33 -65.06 -14.64
C SER H 59 3.03 -64.27 -13.36
N ILE H 60 1.86 -64.46 -12.74
CA ILE H 60 1.40 -63.43 -11.80
C ILE H 60 0.83 -63.99 -10.48
N ILE H 61 1.52 -64.97 -9.87
CA ILE H 61 1.21 -65.64 -8.59
C ILE H 61 0.59 -64.77 -7.50
N ASP H 62 1.09 -63.54 -7.34
CA ASP H 62 0.61 -62.65 -6.30
C ASP H 62 -0.88 -62.36 -6.44
N THR H 63 -1.32 -62.10 -7.67
CA THR H 63 -2.73 -61.87 -7.88
C THR H 63 -3.52 -63.16 -7.82
N VAL H 64 -2.89 -64.31 -8.09
CA VAL H 64 -3.58 -65.59 -7.96
C VAL H 64 -3.94 -65.84 -6.51
N THR H 65 -2.95 -65.77 -5.64
CA THR H 65 -3.17 -65.89 -4.21
C THR H 65 -4.05 -64.77 -3.67
N LYS H 66 -4.02 -63.61 -4.31
CA LYS H 66 -4.86 -62.48 -3.90
C LYS H 66 -6.31 -62.68 -4.29
N VAL H 67 -6.56 -63.42 -5.37
CA VAL H 67 -7.90 -63.93 -5.64
C VAL H 67 -8.29 -64.91 -4.55
N TYR H 68 -7.36 -65.78 -4.17
CA TYR H 68 -7.67 -66.72 -3.09
C TYR H 68 -7.71 -66.06 -1.72
N ILE H 69 -7.45 -64.76 -1.64
CA ILE H 69 -7.68 -63.99 -0.42
C ILE H 69 -8.28 -62.62 -0.77
N LEU H 85 -6.54 -56.47 -2.55
CA LEU H 85 -7.78 -56.54 -3.30
C LEU H 85 -7.98 -55.23 -4.05
N LEU H 86 -7.94 -54.15 -3.28
CA LEU H 86 -8.00 -52.81 -3.85
C LEU H 86 -6.81 -52.52 -4.75
N GLU H 87 -5.68 -53.19 -4.56
CA GLU H 87 -4.59 -53.13 -5.52
C GLU H 87 -5.06 -53.57 -6.89
N ILE H 88 -5.78 -54.69 -6.92
CA ILE H 88 -6.32 -55.22 -8.16
C ILE H 88 -7.27 -54.21 -8.77
N ILE H 89 -8.22 -53.72 -7.98
CA ILE H 89 -9.20 -52.91 -8.66
C ILE H 89 -8.74 -51.46 -8.77
N ASN H 90 -7.54 -51.14 -8.30
CA ASN H 90 -6.84 -49.99 -8.87
C ASN H 90 -6.35 -50.30 -10.26
N HIS H 91 -5.51 -51.31 -10.40
CA HIS H 91 -4.95 -51.56 -11.72
C HIS H 91 -4.80 -53.04 -12.02
N PRO H 107 0.73 -59.21 -17.98
CA PRO H 107 1.92 -58.66 -17.36
C PRO H 107 1.58 -58.10 -16.00
N VAL H 108 1.27 -56.81 -15.96
CA VAL H 108 0.75 -56.19 -14.74
C VAL H 108 -0.67 -55.70 -14.94
N LEU H 109 -0.92 -54.78 -15.88
CA LEU H 109 -2.22 -54.14 -15.99
C LEU H 109 -3.26 -55.08 -16.58
N GLN H 110 -2.97 -55.63 -17.76
CA GLN H 110 -3.87 -56.61 -18.35
C GLN H 110 -3.96 -57.87 -17.52
N SER H 111 -2.87 -58.22 -16.81
CA SER H 111 -2.89 -59.39 -15.95
C SER H 111 -3.84 -59.18 -14.79
N ALA H 112 -3.76 -58.03 -14.14
CA ALA H 112 -4.70 -57.74 -13.07
C ALA H 112 -6.09 -57.48 -13.62
N LEU H 113 -6.19 -57.09 -14.88
CA LEU H 113 -7.50 -56.99 -15.52
C LEU H 113 -8.10 -58.37 -15.66
N CYS H 114 -7.27 -59.34 -16.03
CA CYS H 114 -7.73 -60.70 -16.09
C CYS H 114 -8.03 -61.23 -14.70
N LYS H 115 -7.35 -60.69 -13.70
CA LYS H 115 -7.66 -61.05 -12.33
C LYS H 115 -9.02 -60.48 -11.92
N TRP H 116 -9.35 -59.28 -12.41
CA TRP H 116 -10.68 -58.74 -12.21
C TRP H 116 -11.71 -59.61 -12.91
N LEU H 117 -11.37 -60.08 -14.10
CA LEU H 117 -12.22 -61.02 -14.80
C LEU H 117 -12.35 -62.32 -14.05
N VAL H 118 -11.27 -62.78 -13.46
CA VAL H 118 -11.28 -64.05 -12.76
C VAL H 118 -12.04 -63.92 -11.46
N HIS H 119 -11.99 -62.76 -10.85
CA HIS H 119 -12.77 -62.51 -9.65
C HIS H 119 -14.25 -62.47 -9.99
N VAL H 120 -14.56 -61.89 -11.16
CA VAL H 120 -15.93 -61.96 -11.66
C VAL H 120 -16.33 -63.40 -11.96
N TYR H 121 -15.37 -64.22 -12.38
CA TYR H 121 -15.66 -65.61 -12.65
C TYR H 121 -15.92 -66.38 -11.37
N PHE H 122 -14.99 -66.29 -10.43
CA PHE H 122 -15.09 -67.03 -9.18
C PHE H 122 -16.17 -66.49 -8.26
N LEU H 123 -16.63 -65.27 -8.52
CA LEU H 123 -17.76 -64.74 -7.78
C LEU H 123 -19.04 -64.97 -8.55
N HIS H 132 -21.96 -64.44 -9.84
CA HIS H 132 -22.18 -63.21 -9.09
C HIS H 132 -21.09 -62.23 -9.44
N ASN H 133 -21.13 -61.05 -8.81
CA ASN H 133 -20.18 -59.99 -9.11
C ASN H 133 -19.71 -59.20 -7.90
N ILE H 134 -19.99 -59.67 -6.67
CA ILE H 134 -19.95 -58.83 -5.47
C ILE H 134 -18.58 -58.29 -5.16
N SER H 135 -17.67 -59.13 -4.66
CA SER H 135 -16.48 -58.67 -3.97
C SER H 135 -15.55 -57.84 -4.84
N SER H 136 -15.66 -57.94 -6.16
CA SER H 136 -15.00 -56.94 -6.99
C SER H 136 -15.88 -55.74 -7.24
N SER H 137 -17.12 -55.99 -7.66
CA SER H 137 -17.90 -54.91 -8.27
C SER H 137 -18.35 -53.91 -7.23
N ILE H 138 -18.60 -54.37 -6.00
CA ILE H 138 -19.18 -53.55 -4.93
C ILE H 138 -18.32 -52.33 -4.65
N TRP H 139 -17.00 -52.51 -4.76
CA TRP H 139 -16.02 -51.43 -4.70
C TRP H 139 -16.40 -50.27 -5.58
N LEU H 140 -16.51 -50.56 -6.85
CA LEU H 140 -16.87 -49.57 -7.82
C LEU H 140 -18.28 -49.06 -7.56
N HIS H 141 -19.25 -49.94 -7.72
CA HIS H 141 -20.61 -49.51 -7.87
C HIS H 141 -21.27 -49.16 -6.57
N LEU H 142 -20.51 -49.09 -5.49
CA LEU H 142 -20.93 -48.16 -4.47
C LEU H 142 -19.87 -47.07 -4.36
N TRP H 143 -18.66 -47.43 -3.99
CA TRP H 143 -17.92 -46.42 -3.31
C TRP H 143 -17.19 -45.50 -4.24
N GLN H 144 -17.04 -45.87 -5.49
CA GLN H 144 -16.19 -44.98 -6.24
C GLN H 144 -16.97 -43.83 -6.82
N PHE H 145 -18.10 -44.14 -7.44
CA PHE H 145 -18.94 -43.05 -7.84
C PHE H 145 -19.53 -42.39 -6.62
N SER H 146 -19.75 -43.11 -5.52
CA SER H 146 -20.36 -42.44 -4.39
C SER H 146 -19.32 -41.77 -3.50
N PHE H 147 -18.03 -41.83 -3.85
CA PHE H 147 -17.19 -40.71 -3.50
C PHE H 147 -17.47 -39.58 -4.43
N LEU H 148 -17.53 -39.89 -5.71
CA LEU H 148 -17.42 -38.84 -6.70
C LEU H 148 -18.65 -37.96 -6.72
N GLN H 149 -19.79 -38.48 -6.28
CA GLN H 149 -20.98 -37.69 -6.08
C GLN H 149 -20.75 -36.67 -4.99
N LYS H 150 -20.00 -37.02 -3.97
CA LYS H 150 -19.51 -36.00 -3.06
C LYS H 150 -18.29 -35.34 -3.68
N TRP H 151 -17.16 -36.04 -3.66
CA TRP H 151 -15.84 -35.53 -4.04
C TRP H 151 -14.84 -36.67 -4.05
N ILE H 152 -13.88 -36.57 -4.95
CA ILE H 152 -12.64 -37.32 -4.91
C ILE H 152 -11.61 -36.50 -5.66
N THR H 153 -10.34 -36.72 -5.34
CA THR H 153 -9.28 -35.77 -5.63
C THR H 153 -9.01 -35.59 -7.11
N PRO H 154 -8.48 -36.63 -7.77
CA PRO H 154 -8.24 -36.53 -9.20
C PRO H 154 -9.54 -36.55 -9.97
N LEU H 155 -10.53 -37.27 -9.46
CA LEU H 155 -11.93 -37.26 -9.87
C LEU H 155 -12.18 -37.78 -11.27
N VAL H 156 -11.13 -38.08 -12.03
CA VAL H 156 -11.26 -38.33 -13.45
C VAL H 156 -10.78 -39.72 -13.84
N ILE H 157 -9.58 -40.09 -13.39
CA ILE H 157 -9.07 -41.41 -13.70
C ILE H 157 -9.86 -42.48 -13.00
N TRP H 158 -10.39 -42.15 -11.82
CA TRP H 158 -11.26 -43.08 -11.10
C TRP H 158 -12.52 -43.38 -11.91
N GLN H 159 -13.19 -42.33 -12.38
CA GLN H 159 -14.40 -42.53 -13.17
C GLN H 159 -14.08 -43.17 -14.50
N ALA H 160 -12.89 -42.90 -15.03
CA ALA H 160 -12.50 -43.50 -16.29
C ALA H 160 -12.33 -45.00 -16.14
N THR H 161 -11.68 -45.42 -15.07
CA THR H 161 -11.54 -46.85 -14.83
C THR H 161 -12.86 -47.46 -14.43
N THR H 162 -13.74 -46.65 -13.84
CA THR H 162 -15.04 -47.13 -13.45
C THR H 162 -15.85 -47.56 -14.65
N PRO H 163 -15.92 -46.68 -15.64
CA PRO H 163 -16.57 -47.02 -16.88
C PRO H 163 -15.82 -48.12 -17.59
N VAL H 164 -14.50 -48.14 -17.47
CA VAL H 164 -13.71 -49.20 -18.10
C VAL H 164 -14.03 -50.55 -17.50
N ASP H 165 -14.34 -50.58 -16.22
CA ASP H 165 -14.74 -51.83 -15.62
C ASP H 165 -16.14 -52.21 -16.04
N VAL H 166 -17.10 -51.34 -15.76
CA VAL H 166 -18.49 -51.78 -15.79
C VAL H 166 -19.05 -51.81 -17.18
N LYS H 167 -18.45 -51.09 -18.12
CA LYS H 167 -19.03 -50.96 -19.45
C LYS H 167 -18.90 -52.26 -20.23
N PRO H 168 -17.72 -52.86 -20.21
CA PRO H 168 -17.47 -54.09 -20.96
C PRO H 168 -17.82 -55.32 -20.15
N TRP H 169 -18.84 -55.23 -19.32
CA TRP H 169 -19.06 -56.22 -18.30
C TRP H 169 -20.55 -56.31 -18.00
N LYS H 170 -20.86 -56.80 -16.80
CA LYS H 170 -22.17 -57.36 -16.50
C LYS H 170 -23.26 -56.32 -16.50
N LEU H 171 -24.43 -56.75 -16.97
CA LEU H 171 -25.65 -56.00 -16.83
C LEU H 171 -26.05 -55.82 -15.38
N SER H 172 -25.59 -56.70 -14.48
CA SER H 172 -25.83 -56.51 -13.07
C SER H 172 -25.16 -55.24 -12.58
N ILE H 173 -23.89 -55.06 -12.93
CA ILE H 173 -23.17 -53.84 -12.59
C ILE H 173 -23.81 -52.65 -13.27
N ILE H 174 -24.28 -52.86 -14.50
CA ILE H 174 -24.86 -51.77 -15.26
C ILE H 174 -26.14 -51.27 -14.64
N LYS H 175 -27.08 -52.18 -14.40
CA LYS H 175 -28.39 -51.77 -13.89
C LYS H 175 -28.29 -51.34 -12.45
N ARG H 176 -27.43 -51.99 -11.68
CA ARG H 176 -27.23 -51.58 -10.30
C ARG H 176 -26.63 -50.19 -10.24
N CYS H 177 -25.73 -49.87 -11.17
CA CYS H 177 -25.21 -48.52 -11.23
C CYS H 177 -26.27 -47.55 -11.69
N ALA H 178 -27.11 -48.00 -12.63
CA ALA H 178 -28.07 -47.09 -13.23
C ALA H 178 -29.19 -46.75 -12.28
N MET H 179 -29.45 -47.61 -11.30
CA MET H 179 -30.40 -47.29 -10.24
C MET H 179 -29.99 -46.03 -9.49
N HIS H 180 -28.78 -46.04 -8.95
CA HIS H 180 -28.27 -44.85 -8.27
C HIS H 180 -28.02 -43.70 -9.21
N PRO H 181 -27.80 -43.99 -10.50
CA PRO H 181 -27.66 -42.93 -11.50
C PRO H 181 -28.94 -42.13 -11.63
N GLY H 182 -30.05 -42.81 -11.88
CA GLY H 182 -31.33 -42.12 -12.00
C GLY H 182 -31.73 -41.44 -10.69
N TYR H 183 -31.39 -42.04 -9.55
CA TYR H 183 -31.76 -41.46 -8.27
C TYR H 183 -31.02 -40.15 -8.00
N ARG H 184 -29.68 -40.19 -8.05
CA ARG H 184 -28.91 -38.97 -7.82
C ARG H 184 -29.08 -37.97 -8.94
N ASP H 185 -29.53 -38.43 -10.12
CA ASP H 185 -30.01 -37.51 -11.13
C ASP H 185 -31.21 -36.74 -10.62
N ALA H 186 -32.22 -37.45 -10.15
CA ALA H 186 -33.35 -36.78 -9.53
C ALA H 186 -32.95 -36.07 -8.25
N PRO H 187 -31.90 -36.56 -7.58
CA PRO H 187 -31.33 -35.84 -6.46
C PRO H 187 -30.33 -34.81 -6.96
N GLY H 188 -29.47 -34.32 -6.08
CA GLY H 188 -28.52 -33.28 -6.43
C GLY H 188 -27.48 -33.84 -7.37
N SER H 189 -27.80 -33.85 -8.66
CA SER H 189 -26.90 -34.38 -9.66
C SER H 189 -25.67 -33.50 -9.75
N ALA H 190 -24.52 -34.14 -9.93
CA ALA H 190 -23.26 -33.43 -10.02
C ALA H 190 -22.94 -32.98 -11.43
N THR H 191 -23.71 -33.44 -12.43
CA THR H 191 -23.72 -32.96 -13.81
C THR H 191 -22.37 -33.09 -14.51
N LEU H 192 -21.42 -33.75 -13.94
CA LEU H 192 -20.22 -34.12 -14.64
C LEU H 192 -19.92 -35.59 -14.46
N ILE H 193 -20.18 -36.12 -13.28
CA ILE H 193 -20.17 -37.55 -13.10
C ILE H 193 -21.28 -38.21 -13.89
N LEU H 194 -22.42 -37.52 -13.99
CA LEU H 194 -23.53 -38.10 -14.73
C LEU H 194 -23.23 -38.21 -16.21
N GLN H 195 -22.27 -37.44 -16.71
CA GLN H 195 -21.75 -37.72 -18.04
C GLN H 195 -21.09 -39.08 -18.09
N ARG H 196 -20.30 -39.41 -17.08
CA ARG H 196 -19.62 -40.70 -17.11
C ARG H 196 -20.59 -41.85 -16.96
N PHE H 197 -21.58 -41.68 -16.10
CA PHE H 197 -22.61 -42.70 -15.99
C PHE H 197 -23.42 -42.80 -17.27
N GLN H 198 -23.58 -41.69 -17.98
CA GLN H 198 -24.24 -41.73 -19.27
C GLN H 198 -23.43 -42.53 -20.28
N CYS H 199 -22.11 -42.44 -20.22
CA CYS H 199 -21.30 -43.24 -21.12
C CYS H 199 -21.41 -44.72 -20.82
N LEU H 200 -21.43 -45.04 -19.52
CA LEU H 200 -21.66 -46.39 -19.07
C LEU H 200 -22.97 -46.93 -19.58
N VAL H 201 -24.01 -46.11 -19.59
CA VAL H 201 -25.28 -46.52 -20.16
C VAL H 201 -25.20 -46.64 -21.66
N GLY H 202 -24.35 -45.83 -22.29
CA GLY H 202 -24.31 -45.77 -23.73
C GLY H 202 -23.78 -47.05 -24.32
N ALA H 203 -22.84 -47.68 -23.63
CA ALA H 203 -22.56 -49.04 -24.09
C ALA H 203 -23.59 -50.04 -23.58
N SER H 204 -24.41 -49.66 -22.62
CA SER H 204 -25.19 -50.65 -21.89
C SER H 204 -26.51 -50.89 -22.60
N SER H 205 -26.39 -51.57 -23.74
CA SER H 205 -27.49 -52.41 -24.19
C SER H 205 -27.74 -53.55 -23.21
N GLN H 206 -26.74 -53.85 -22.39
CA GLN H 206 -26.96 -54.62 -21.17
C GLN H 206 -28.06 -54.02 -20.29
N ILE H 207 -28.12 -52.69 -20.16
CA ILE H 207 -29.08 -52.08 -19.25
C ILE H 207 -30.50 -52.27 -19.78
N THR H 208 -30.73 -51.79 -21.00
CA THR H 208 -32.00 -52.00 -21.70
C THR H 208 -32.29 -53.47 -21.92
N GLU H 209 -31.23 -54.28 -21.97
CA GLU H 209 -31.40 -55.72 -22.10
C GLU H 209 -31.99 -56.30 -20.83
N SER H 210 -31.29 -56.13 -19.71
CA SER H 210 -31.63 -56.83 -18.50
C SER H 210 -32.87 -56.26 -17.84
N ILE H 211 -33.28 -55.05 -18.19
CA ILE H 211 -34.49 -54.53 -17.56
C ILE H 211 -35.73 -55.25 -18.08
N ILE H 212 -36.04 -55.05 -19.37
CA ILE H 212 -37.06 -55.74 -20.15
C ILE H 212 -38.50 -55.56 -19.68
N THR H 213 -38.72 -54.83 -18.59
CA THR H 213 -40.02 -54.81 -17.95
C THR H 213 -40.71 -53.46 -18.12
N ILE H 214 -40.16 -52.40 -17.56
CA ILE H 214 -40.59 -51.06 -17.93
C ILE H 214 -39.35 -50.19 -17.93
N ASN H 215 -38.62 -50.23 -19.03
CA ASN H 215 -37.50 -49.31 -19.15
C ASN H 215 -37.98 -47.96 -19.58
N CYS H 216 -39.09 -47.94 -20.34
CA CYS H 216 -39.70 -46.69 -20.77
C CYS H 216 -40.13 -45.86 -19.57
N ASN H 217 -40.59 -46.53 -18.52
CA ASN H 217 -40.84 -45.88 -17.24
C ASN H 217 -39.57 -45.22 -16.73
N ARG H 218 -38.51 -46.01 -16.55
CA ARG H 218 -37.32 -45.52 -15.88
C ARG H 218 -36.59 -44.50 -16.74
N LYS H 219 -36.33 -44.85 -17.99
CA LYS H 219 -35.54 -43.97 -18.84
C LYS H 219 -36.34 -42.74 -19.25
N THR H 220 -37.65 -42.88 -19.41
CA THR H 220 -38.45 -41.71 -19.70
C THR H 220 -38.50 -40.78 -18.50
N LEU H 221 -38.56 -41.36 -17.31
CA LEU H 221 -38.56 -40.55 -16.10
C LEU H 221 -37.23 -39.84 -15.92
N LYS H 222 -36.13 -40.52 -16.24
CA LYS H 222 -34.83 -39.91 -16.09
C LYS H 222 -34.64 -38.80 -17.10
N SER H 223 -35.08 -39.03 -18.32
CA SER H 223 -35.00 -38.00 -19.36
C SER H 223 -35.83 -36.81 -18.98
N HIS H 224 -37.01 -37.06 -18.43
CA HIS H 224 -37.89 -35.96 -18.06
C HIS H 224 -37.32 -35.18 -16.90
N ARG H 225 -36.72 -35.89 -15.93
CA ARG H 225 -36.15 -35.24 -14.77
C ARG H 225 -34.97 -34.39 -15.18
N ASN H 226 -34.18 -34.88 -16.14
CA ASN H 226 -33.06 -34.10 -16.62
C ASN H 226 -33.54 -32.87 -17.36
N LEU H 227 -34.65 -33.00 -18.10
CA LEU H 227 -35.18 -31.85 -18.82
C LEU H 227 -35.69 -30.79 -17.87
N LYS H 228 -36.47 -31.21 -16.88
CA LYS H 228 -37.03 -30.29 -15.91
C LYS H 228 -35.95 -29.63 -15.08
N LEU H 229 -35.00 -30.42 -14.56
CA LEU H 229 -33.95 -29.85 -13.73
C LEU H 229 -32.96 -29.05 -14.56
N ASP H 230 -32.82 -29.35 -15.85
CA ASP H 230 -31.96 -28.56 -16.69
C ASP H 230 -32.59 -27.20 -16.93
N ALA H 231 -33.89 -27.15 -17.12
CA ALA H 231 -34.56 -25.87 -17.18
C ALA H 231 -34.58 -25.18 -15.82
N HIS H 232 -34.54 -25.95 -14.73
CA HIS H 232 -34.66 -25.39 -13.39
C HIS H 232 -33.37 -24.72 -12.93
N PHE H 233 -32.24 -25.40 -13.08
CA PHE H 233 -30.95 -24.74 -12.91
C PHE H 233 -30.60 -23.84 -14.08
N LEU H 234 -31.38 -23.88 -15.18
CA LEU H 234 -31.35 -22.82 -16.17
C LEU H 234 -32.21 -21.64 -15.74
N SER H 235 -33.38 -21.91 -15.15
CA SER H 235 -34.26 -20.86 -14.67
C SER H 235 -35.17 -21.37 -13.55
N GLU H 300 -22.37 -22.68 -17.68
CA GLU H 300 -23.48 -21.74 -17.79
C GLU H 300 -24.82 -22.42 -17.52
N GLN H 301 -25.83 -21.62 -17.18
CA GLN H 301 -27.15 -22.16 -16.87
C GLN H 301 -27.81 -22.73 -18.12
N LEU H 302 -28.05 -21.89 -19.12
CA LEU H 302 -28.72 -22.36 -20.34
C LEU H 302 -27.83 -23.25 -21.17
N ALA H 303 -26.54 -22.95 -21.24
CA ALA H 303 -25.63 -23.79 -22.01
C ALA H 303 -25.43 -25.14 -21.34
N GLN H 304 -25.46 -25.18 -20.00
CA GLN H 304 -25.38 -26.46 -19.32
C GLN H 304 -26.69 -27.23 -19.43
N ASN H 305 -27.82 -26.49 -19.50
CA ASN H 305 -29.09 -27.13 -19.79
C ASN H 305 -29.04 -27.80 -21.15
N TRP H 306 -28.51 -27.07 -22.14
CA TRP H 306 -28.28 -27.64 -23.46
C TRP H 306 -27.35 -28.83 -23.38
N PRO H 307 -26.24 -28.69 -22.63
CA PRO H 307 -25.20 -29.70 -22.57
C PRO H 307 -25.71 -30.98 -21.96
N GLN H 308 -26.32 -30.89 -20.77
CA GLN H 308 -26.86 -32.07 -20.11
C GLN H 308 -28.01 -32.66 -20.90
N LEU H 309 -29.05 -31.87 -21.18
CA LEU H 309 -30.27 -32.42 -21.72
C LEU H 309 -30.11 -32.84 -23.16
N HIS H 310 -29.08 -32.37 -23.83
CA HIS H 310 -28.76 -32.92 -25.11
C HIS H 310 -27.80 -34.08 -25.02
N ILE H 311 -26.87 -34.06 -24.09
CA ILE H 311 -25.83 -35.07 -24.12
C ILE H 311 -26.33 -36.39 -23.57
N PRO H 312 -27.12 -36.32 -22.50
CA PRO H 312 -27.81 -37.51 -22.04
C PRO H 312 -28.76 -38.04 -23.10
N ASN H 313 -29.36 -37.14 -23.88
CA ASN H 313 -30.22 -37.56 -24.97
C ASN H 313 -29.43 -38.30 -26.03
N ASP H 314 -28.26 -37.79 -26.40
CA ASP H 314 -27.49 -38.43 -27.44
C ASP H 314 -26.97 -39.77 -26.97
N VAL H 315 -26.62 -39.85 -25.70
CA VAL H 315 -26.15 -41.11 -25.18
C VAL H 315 -27.28 -42.11 -25.14
N ASP H 316 -28.47 -41.68 -24.73
CA ASP H 316 -29.60 -42.61 -24.68
C ASP H 316 -30.01 -43.01 -26.08
N TYR H 317 -29.81 -42.13 -27.04
CA TYR H 317 -30.10 -42.47 -28.42
C TYR H 317 -29.12 -43.51 -28.93
N MET H 318 -27.86 -43.42 -28.51
CA MET H 318 -26.92 -44.46 -28.86
C MET H 318 -27.26 -45.77 -28.17
N MET H 319 -27.81 -45.68 -26.97
CA MET H 319 -28.25 -46.88 -26.27
C MET H 319 -29.38 -47.56 -27.01
N LYS H 320 -30.34 -46.77 -27.48
CA LYS H 320 -31.44 -47.34 -28.24
C LYS H 320 -30.96 -47.86 -29.58
N PRO H 321 -29.92 -47.25 -30.14
CA PRO H 321 -29.32 -47.79 -31.34
C PRO H 321 -28.76 -49.17 -31.10
N SER H 322 -28.14 -49.36 -29.94
CA SER H 322 -27.68 -50.68 -29.59
C SER H 322 -28.85 -51.62 -29.31
N LEU H 323 -29.93 -51.09 -28.76
CA LEU H 323 -31.10 -51.91 -28.49
C LEU H 323 -31.69 -52.42 -29.78
N ASN H 324 -31.79 -51.56 -30.78
CA ASN H 324 -32.24 -51.97 -32.10
C ASN H 324 -31.23 -52.83 -32.82
N SER H 325 -29.96 -52.77 -32.43
CA SER H 325 -29.03 -53.77 -32.92
C SER H 325 -29.32 -55.13 -32.32
N ASN H 326 -29.88 -55.17 -31.11
CA ASN H 326 -30.34 -56.45 -30.60
C ASN H 326 -31.77 -56.75 -31.04
N VAL H 327 -32.71 -55.91 -30.60
CA VAL H 327 -34.06 -55.79 -31.16
C VAL H 327 -34.91 -57.06 -31.01
N LEU H 328 -34.77 -57.76 -29.88
CA LEU H 328 -35.65 -58.91 -29.68
C LEU H 328 -37.01 -58.44 -29.19
N LEU H 329 -37.04 -57.92 -27.97
CA LEU H 329 -38.11 -57.03 -27.52
C LEU H 329 -37.60 -55.61 -27.42
N PRO H 330 -36.29 -55.46 -27.56
CA PRO H 330 -35.68 -54.14 -27.64
C PRO H 330 -36.09 -53.40 -28.91
N ARG H 331 -36.63 -54.10 -29.91
CA ARG H 331 -37.21 -53.40 -31.05
C ARG H 331 -38.47 -52.65 -30.62
N LYS H 332 -39.33 -53.31 -29.85
CA LYS H 332 -40.55 -52.67 -29.40
C LYS H 332 -40.25 -51.55 -28.42
N VAL H 333 -39.34 -51.81 -27.48
CA VAL H 333 -38.92 -50.75 -26.58
C VAL H 333 -38.15 -49.67 -27.32
N MET H 334 -37.55 -50.02 -28.46
CA MET H 334 -36.80 -49.06 -29.25
C MET H 334 -37.74 -48.11 -29.94
N SER H 335 -38.83 -48.64 -30.49
CA SER H 335 -39.90 -47.81 -30.99
C SER H 335 -40.43 -46.90 -29.90
N ARG H 336 -40.65 -47.47 -28.71
CA ARG H 336 -41.23 -46.75 -27.60
C ARG H 336 -40.37 -45.58 -27.18
N ASP H 337 -39.15 -45.86 -26.74
CA ASP H 337 -38.26 -44.82 -26.27
C ASP H 337 -37.80 -43.93 -27.41
N SER H 338 -37.82 -44.44 -28.64
CA SER H 338 -37.38 -43.65 -29.77
C SER H 338 -38.36 -42.52 -30.00
N LEU H 339 -39.64 -42.86 -30.12
CA LEU H 339 -40.65 -41.82 -30.28
C LEU H 339 -40.73 -40.96 -29.04
N LYS H 340 -40.48 -41.54 -27.87
CA LYS H 340 -40.62 -40.80 -26.63
C LYS H 340 -39.56 -39.72 -26.51
N HIS H 341 -38.30 -40.11 -26.63
CA HIS H 341 -37.23 -39.13 -26.54
C HIS H 341 -37.23 -38.22 -27.75
N LEU H 342 -37.77 -38.66 -28.88
CA LEU H 342 -37.96 -37.76 -30.00
C LEU H 342 -38.93 -36.66 -29.64
N TYR H 343 -40.00 -37.01 -28.93
CA TYR H 343 -40.97 -36.02 -28.50
C TYR H 343 -40.38 -35.11 -27.45
N SER H 344 -39.59 -35.66 -26.54
CA SER H 344 -39.01 -34.85 -25.48
C SER H 344 -38.00 -33.87 -26.05
N SER H 345 -37.19 -34.32 -26.99
CA SER H 345 -36.30 -33.40 -27.67
C SER H 345 -37.07 -32.44 -28.56
N ILE H 346 -38.26 -32.82 -29.01
CA ILE H 346 -39.07 -31.90 -29.79
C ILE H 346 -39.57 -30.75 -28.94
N ILE H 347 -40.03 -31.06 -27.74
CA ILE H 347 -40.42 -30.00 -26.82
C ILE H 347 -39.21 -29.24 -26.32
N LEU H 348 -38.05 -29.89 -26.30
CA LEU H 348 -36.81 -29.18 -26.02
C LEU H 348 -36.53 -28.15 -27.11
N ILE H 349 -36.72 -28.53 -28.36
CA ILE H 349 -36.61 -27.59 -29.48
C ILE H 349 -37.75 -26.59 -29.48
N LYS H 350 -38.82 -26.88 -28.74
CA LYS H 350 -39.82 -25.87 -28.47
C LYS H 350 -39.36 -24.89 -27.41
N ASN H 351 -38.49 -25.34 -26.52
CA ASN H 351 -37.75 -24.41 -25.70
C ASN H 351 -36.46 -23.97 -26.36
N SER H 352 -36.19 -24.44 -27.58
CA SER H 352 -34.96 -24.14 -28.32
C SER H 352 -35.25 -23.85 -29.80
N ARG H 353 -36.16 -22.91 -30.06
CA ARG H 353 -36.62 -22.66 -31.43
C ARG H 353 -35.62 -21.87 -32.26
N ASP H 354 -35.40 -20.60 -31.93
CA ASP H 354 -34.44 -19.76 -32.61
C ASP H 354 -33.15 -19.63 -31.83
N GLU H 355 -33.00 -20.39 -30.76
CA GLU H 355 -31.80 -20.41 -29.93
C GLU H 355 -31.55 -21.86 -29.52
N SER H 356 -30.61 -22.52 -30.18
CA SER H 356 -30.34 -23.93 -29.98
C SER H 356 -28.98 -24.23 -30.58
N SER H 357 -28.21 -25.08 -29.94
CA SER H 357 -26.89 -25.38 -30.46
C SER H 357 -26.68 -26.86 -30.73
N SER H 358 -26.84 -27.70 -29.72
CA SER H 358 -26.45 -29.09 -29.85
C SER H 358 -27.62 -29.97 -30.25
N PRO H 359 -28.82 -29.57 -29.87
CA PRO H 359 -29.99 -30.42 -29.98
C PRO H 359 -30.33 -30.73 -31.42
N TYR H 360 -29.88 -29.88 -32.33
CA TYR H 360 -29.96 -30.18 -33.76
C TYR H 360 -29.27 -31.50 -34.07
N GLU H 361 -28.05 -31.67 -33.56
CA GLU H 361 -27.33 -32.90 -33.79
C GLU H 361 -27.99 -34.07 -33.11
N TRP H 362 -28.69 -33.80 -32.01
CA TRP H 362 -29.39 -34.86 -31.31
C TRP H 362 -30.54 -35.39 -32.15
N CYS H 363 -31.36 -34.49 -32.67
CA CYS H 363 -32.49 -34.92 -33.48
C CYS H 363 -32.02 -35.55 -34.77
N ILE H 364 -30.89 -35.08 -35.30
CA ILE H 364 -30.32 -35.72 -36.47
C ILE H 364 -29.92 -37.16 -36.15
N TRP H 365 -29.38 -37.36 -34.96
CA TRP H 365 -29.00 -38.70 -34.55
C TRP H 365 -30.22 -39.59 -34.42
N GLN H 366 -31.30 -39.03 -33.88
CA GLN H 366 -32.53 -39.78 -33.74
C GLN H 366 -33.08 -40.19 -35.08
N LEU H 367 -33.06 -39.27 -36.04
CA LEU H 367 -33.63 -39.52 -37.35
C LEU H 367 -32.82 -40.58 -38.09
N LYS H 368 -31.50 -40.49 -38.02
CA LYS H 368 -30.68 -41.50 -38.66
C LYS H 368 -30.84 -42.85 -38.00
N ARG H 369 -30.99 -42.87 -36.68
CA ARG H 369 -31.19 -44.11 -35.96
C ARG H 369 -32.54 -44.73 -36.26
N CYS H 370 -33.49 -43.94 -36.72
CA CYS H 370 -34.67 -44.56 -37.29
C CYS H 370 -34.38 -45.09 -38.69
N PHE H 371 -33.78 -44.22 -39.50
CA PHE H 371 -33.85 -44.40 -40.95
C PHE H 371 -32.93 -45.52 -41.42
N ALA H 372 -31.67 -45.46 -41.03
CA ALA H 372 -30.74 -46.48 -41.49
C ALA H 372 -31.08 -47.83 -40.89
N HIS H 373 -31.63 -47.83 -39.67
CA HIS H 373 -32.06 -49.07 -39.06
C HIS H 373 -33.23 -49.67 -39.82
N GLN H 374 -34.16 -48.83 -40.28
CA GLN H 374 -35.28 -49.37 -41.03
C GLN H 374 -34.86 -49.80 -42.43
N ILE H 375 -33.85 -49.14 -42.99
CA ILE H 375 -33.39 -49.50 -44.33
C ILE H 375 -32.68 -50.84 -44.31
N GLU H 376 -31.76 -51.04 -43.35
CA GLU H 376 -31.06 -52.32 -43.28
C GLU H 376 -31.93 -53.45 -42.72
N THR H 377 -33.01 -53.12 -42.01
CA THR H 377 -33.90 -54.13 -41.45
C THR H 377 -35.32 -53.76 -41.87
N PRO H 378 -35.78 -54.39 -42.94
CA PRO H 378 -37.16 -54.25 -43.40
C PRO H 378 -38.09 -55.27 -42.76
N GLN H 379 -37.72 -55.83 -41.61
CA GLN H 379 -38.55 -56.75 -40.86
C GLN H 379 -39.50 -56.05 -39.91
N GLU H 380 -39.38 -54.74 -39.76
CA GLU H 380 -40.17 -53.97 -38.79
C GLU H 380 -41.44 -53.43 -39.41
N VAL H 381 -42.20 -54.29 -40.09
CA VAL H 381 -43.42 -53.85 -40.75
C VAL H 381 -44.56 -53.64 -39.75
N ILE H 382 -44.54 -54.37 -38.64
CA ILE H 382 -45.45 -54.02 -37.56
C ILE H 382 -45.04 -52.71 -36.92
N PRO H 383 -43.76 -52.40 -36.94
CA PRO H 383 -43.25 -51.11 -36.49
C PRO H 383 -43.20 -50.09 -37.61
N ILE H 384 -43.96 -50.29 -38.68
CA ILE H 384 -44.06 -49.25 -39.71
C ILE H 384 -44.75 -48.01 -39.17
N ILE H 385 -45.65 -48.18 -38.20
CA ILE H 385 -46.20 -47.03 -37.48
C ILE H 385 -45.11 -46.23 -36.81
N ILE H 386 -44.19 -46.92 -36.15
CA ILE H 386 -43.08 -46.25 -35.51
C ILE H 386 -42.15 -45.62 -36.53
N SER H 387 -41.92 -46.31 -37.64
CA SER H 387 -41.02 -45.79 -38.68
C SER H 387 -41.61 -44.55 -39.32
N VAL H 388 -42.91 -44.51 -39.46
CA VAL H 388 -43.56 -43.35 -40.02
C VAL H 388 -43.73 -42.24 -39.01
N SER H 389 -43.66 -42.55 -37.72
CA SER H 389 -44.25 -41.70 -36.69
C SER H 389 -43.66 -40.29 -36.50
N SER H 390 -42.79 -39.86 -37.40
CA SER H 390 -42.15 -38.56 -37.27
C SER H 390 -42.94 -37.43 -37.93
N MET H 391 -44.27 -37.51 -38.00
CA MET H 391 -45.04 -36.60 -38.86
C MET H 391 -45.11 -35.14 -38.41
N ASP H 392 -45.82 -34.87 -37.31
CA ASP H 392 -45.97 -33.49 -36.87
C ASP H 392 -44.66 -32.96 -36.32
N ASN H 393 -43.87 -33.84 -35.71
CA ASN H 393 -42.51 -33.47 -35.35
C ASN H 393 -41.68 -33.17 -36.58
N LYS H 394 -41.97 -33.80 -37.71
CA LYS H 394 -41.22 -33.51 -38.91
C LYS H 394 -41.63 -32.19 -39.50
N LEU H 395 -42.88 -31.80 -39.26
CA LEU H 395 -43.26 -30.43 -39.57
C LEU H 395 -42.43 -29.47 -38.74
N SER H 396 -42.30 -29.77 -37.45
CA SER H 396 -41.45 -28.96 -36.59
C SER H 396 -39.99 -29.03 -37.00
N SER H 397 -39.59 -30.11 -37.64
CA SER H 397 -38.19 -30.35 -37.95
C SER H 397 -37.80 -29.64 -39.23
N ARG H 398 -38.63 -29.77 -40.25
CA ARG H 398 -38.47 -28.95 -41.44
C ARG H 398 -38.81 -27.50 -41.17
N ILE H 399 -39.32 -27.18 -39.99
CA ILE H 399 -39.67 -25.82 -39.61
C ILE H 399 -38.47 -25.06 -39.06
N ILE H 400 -37.28 -25.32 -39.58
CA ILE H 400 -36.11 -24.55 -39.16
C ILE H 400 -35.21 -24.23 -40.35
N LEU H 414 -27.58 -23.25 -38.36
CA LEU H 414 -28.46 -23.39 -39.52
C LEU H 414 -28.89 -24.84 -39.71
N THR H 415 -30.13 -25.03 -40.15
CA THR H 415 -30.72 -26.37 -40.12
C THR H 415 -30.39 -27.17 -41.37
N LEU H 416 -29.24 -26.90 -41.97
CA LEU H 416 -28.82 -27.63 -43.17
C LEU H 416 -28.69 -29.11 -42.88
N LYS H 417 -28.04 -29.44 -41.78
CA LYS H 417 -27.93 -30.83 -41.39
C LYS H 417 -29.26 -31.41 -40.99
N LYS H 418 -30.15 -30.58 -40.41
CA LYS H 418 -31.48 -31.04 -40.08
C LYS H 418 -32.24 -31.43 -41.33
N VAL H 419 -32.12 -30.61 -42.36
CA VAL H 419 -32.79 -30.89 -43.62
C VAL H 419 -32.16 -32.12 -44.27
N CYS H 420 -30.85 -32.29 -44.12
CA CYS H 420 -30.17 -33.46 -44.65
C CYS H 420 -30.69 -34.72 -43.99
N GLY H 421 -30.89 -34.65 -42.68
CA GLY H 421 -31.43 -35.79 -41.96
C GLY H 421 -32.86 -36.06 -42.38
N GLY H 422 -33.65 -35.01 -42.59
CA GLY H 422 -35.03 -35.19 -42.98
C GLY H 422 -35.12 -35.80 -44.37
N ILE H 423 -34.22 -35.37 -45.25
CA ILE H 423 -34.12 -35.95 -46.57
C ILE H 423 -33.80 -37.43 -46.47
N LEU H 424 -32.91 -37.80 -45.56
CA LEU H 424 -32.59 -39.22 -45.42
C LEU H 424 -33.76 -40.01 -44.89
N PRO H 425 -34.49 -39.44 -43.91
CA PRO H 425 -35.62 -40.14 -43.32
C PRO H 425 -36.72 -40.34 -44.33
N LEU H 426 -37.00 -39.28 -45.09
CA LEU H 426 -38.06 -39.37 -46.08
C LEU H 426 -37.67 -40.26 -47.24
N TRP H 427 -36.39 -40.28 -47.62
CA TRP H 427 -35.99 -41.07 -48.77
C TRP H 427 -36.07 -42.55 -48.46
N LYS H 428 -35.58 -42.95 -47.28
CA LYS H 428 -35.75 -44.35 -46.89
C LYS H 428 -37.21 -44.67 -46.65
N PRO H 429 -38.00 -43.67 -46.24
CA PRO H 429 -39.42 -43.86 -46.08
C PRO H 429 -40.10 -44.16 -47.41
N GLU H 430 -39.79 -43.38 -48.44
CA GLU H 430 -40.39 -43.59 -49.76
C GLU H 430 -39.89 -44.89 -50.38
N LEU H 431 -38.68 -45.31 -50.03
CA LEU H 431 -38.20 -46.60 -50.50
C LEU H 431 -39.00 -47.73 -49.88
N ILE H 432 -38.93 -47.87 -48.56
CA ILE H 432 -39.53 -49.03 -47.93
C ILE H 432 -40.98 -48.79 -47.53
N SER H 433 -41.61 -47.76 -48.06
CA SER H 433 -43.03 -47.56 -47.83
C SER H 433 -43.85 -47.87 -49.05
N GLY H 434 -43.22 -48.29 -50.15
CA GLY H 434 -43.98 -48.77 -51.30
C GLY H 434 -44.71 -50.08 -50.97
N THR H 435 -44.19 -50.84 -50.02
CA THR H 435 -44.85 -52.02 -49.51
C THR H 435 -45.93 -51.70 -48.48
N ARG H 436 -46.12 -50.44 -48.11
CA ARG H 436 -47.04 -50.10 -47.04
C ARG H 436 -48.46 -49.90 -47.58
N GLU H 437 -49.36 -49.52 -46.70
CA GLU H 437 -50.76 -49.28 -47.04
C GLU H 437 -50.94 -47.84 -47.53
N PHE H 438 -51.70 -47.68 -48.61
CA PHE H 438 -51.88 -46.38 -49.26
C PHE H 438 -53.04 -45.60 -48.68
N PHE H 439 -53.39 -45.82 -47.42
CA PHE H 439 -54.57 -45.20 -46.82
C PHE H 439 -54.23 -44.28 -45.65
N VAL H 440 -53.50 -44.75 -44.64
CA VAL H 440 -53.37 -43.99 -43.39
C VAL H 440 -51.96 -43.47 -43.16
N LYS H 441 -50.97 -44.35 -43.11
CA LYS H 441 -49.62 -43.92 -42.79
C LYS H 441 -48.96 -43.27 -43.99
N PHE H 442 -48.86 -44.01 -45.09
CA PHE H 442 -48.16 -43.55 -46.27
C PHE H 442 -48.84 -42.37 -46.94
N MET H 443 -50.13 -42.19 -46.69
CA MET H 443 -50.79 -40.96 -47.11
C MET H 443 -50.21 -39.75 -46.40
N ALA H 444 -50.02 -39.86 -45.08
CA ALA H 444 -49.40 -38.78 -44.33
C ALA H 444 -47.95 -38.60 -44.73
N SER H 445 -47.28 -39.72 -45.02
CA SER H 445 -45.88 -39.67 -45.42
C SER H 445 -45.71 -38.99 -46.76
N ILE H 446 -46.52 -39.38 -47.74
CA ILE H 446 -46.48 -38.73 -49.03
C ILE H 446 -47.01 -37.31 -48.96
N PHE H 447 -47.87 -37.04 -47.98
CA PHE H 447 -48.31 -35.67 -47.77
C PHE H 447 -47.16 -34.80 -47.31
N MET H 448 -46.36 -35.33 -46.40
CA MET H 448 -45.14 -34.67 -46.01
C MET H 448 -44.17 -34.59 -47.18
N TRP H 449 -44.18 -35.60 -48.03
CA TRP H 449 -43.29 -35.59 -49.19
C TRP H 449 -43.69 -34.50 -50.16
N SER H 450 -44.99 -34.28 -50.29
CA SER H 450 -45.47 -33.22 -51.15
C SER H 450 -45.19 -31.87 -50.55
N THR H 451 -45.30 -31.77 -49.22
CA THR H 451 -45.00 -30.51 -48.55
C THR H 451 -43.53 -30.16 -48.68
N ARG H 452 -42.67 -31.16 -48.57
CA ARG H 452 -41.25 -30.92 -48.71
C ARG H 452 -40.86 -30.71 -50.16
N ASP H 453 -41.60 -31.31 -51.08
CA ASP H 453 -41.34 -31.04 -52.48
C ASP H 453 -41.76 -29.63 -52.82
N GLY H 454 -42.83 -29.16 -52.22
CA GLY H 454 -43.19 -27.75 -52.33
C GLY H 454 -42.14 -26.88 -51.66
N HIS H 455 -41.58 -27.37 -50.55
CA HIS H 455 -40.47 -26.66 -49.93
C HIS H 455 -39.24 -26.68 -50.82
N ASP H 456 -39.10 -27.69 -51.67
CA ASP H 456 -38.00 -27.75 -52.60
C ASP H 456 -38.19 -26.82 -53.78
N ASN H 457 -39.42 -26.77 -54.30
CA ASN H 457 -39.77 -25.80 -55.32
C ASN H 457 -39.79 -24.37 -54.77
N ASN H 458 -39.78 -24.21 -53.44
CA ASN H 458 -39.47 -22.95 -52.78
C ASN H 458 -37.99 -22.78 -52.48
N CYS H 459 -37.26 -23.89 -52.39
CA CYS H 459 -35.82 -23.87 -52.16
C CYS H 459 -35.04 -23.60 -53.42
N THR H 460 -35.71 -23.64 -54.56
CA THR H 460 -35.12 -23.23 -55.84
C THR H 460 -34.66 -21.77 -55.84
N PHE H 461 -35.15 -20.96 -54.92
CA PHE H 461 -34.45 -19.77 -54.46
C PHE H 461 -34.14 -19.82 -52.96
N SER H 462 -35.16 -20.00 -52.13
CA SER H 462 -35.03 -19.89 -50.69
C SER H 462 -34.26 -21.05 -50.05
N ASN I 2 50.47 9.39 19.97
CA ASN I 2 51.68 10.20 19.97
C ASN I 2 52.33 10.28 21.34
N SER I 3 51.50 10.46 22.37
CA SER I 3 52.03 10.51 23.73
C SER I 3 52.54 9.15 24.14
N GLU I 4 51.78 8.10 23.82
CA GLU I 4 52.22 6.74 24.04
C GLU I 4 53.45 6.43 23.21
N GLN I 5 53.53 7.01 22.02
CA GLN I 5 54.71 6.82 21.19
C GLN I 5 55.93 7.44 21.85
N LEU I 6 55.78 8.66 22.36
CA LEU I 6 56.84 9.35 23.09
C LEU I 6 57.28 8.55 24.30
N LEU I 7 56.31 7.99 25.01
CA LEU I 7 56.61 7.35 26.28
C LEU I 7 57.31 6.02 26.06
N HIS I 8 56.89 5.24 25.06
CA HIS I 8 57.64 4.02 24.84
C HIS I 8 58.98 4.31 24.20
N ASN I 9 59.09 5.37 23.41
CA ASN I 9 60.39 5.73 22.86
C ASN I 9 61.34 6.10 23.98
N TYR I 10 60.84 6.85 24.96
CA TYR I 10 61.60 7.16 26.16
C TYR I 10 62.05 5.91 26.88
N VAL I 11 61.08 5.10 27.30
CA VAL I 11 61.34 3.94 28.15
C VAL I 11 62.17 2.89 27.43
N SER I 12 61.94 2.69 26.14
CA SER I 12 62.75 1.73 25.40
C SER I 12 64.13 2.31 25.17
N ASP I 13 64.22 3.38 24.37
CA ASP I 13 65.50 3.91 23.93
C ASP I 13 66.31 4.44 25.10
N SER I 14 65.87 5.56 25.67
CA SER I 14 66.71 6.34 26.54
C SER I 14 66.88 5.73 27.91
N LEU I 15 66.16 4.64 28.19
CA LEU I 15 66.41 3.90 29.40
C LEU I 15 67.10 2.57 29.09
N LEU I 16 66.49 1.71 28.28
CA LEU I 16 67.03 0.37 28.17
C LEU I 16 68.28 0.30 27.33
N THR I 17 68.40 1.13 26.28
CA THR I 17 69.66 1.12 25.54
C THR I 17 70.79 1.65 26.41
N THR I 18 70.48 2.61 27.28
CA THR I 18 71.47 3.07 28.22
C THR I 18 71.76 2.03 29.29
N LEU I 19 70.80 1.16 29.59
CA LEU I 19 71.07 0.07 30.52
C LEU I 19 71.98 -0.97 29.91
N ILE I 20 71.81 -1.23 28.61
CA ILE I 20 72.75 -2.08 27.91
C ILE I 20 74.13 -1.42 27.83
N SER I 21 74.18 -0.09 27.69
CA SER I 21 75.47 0.62 27.70
C SER I 21 76.13 0.53 29.07
N PHE I 22 75.33 0.70 30.12
CA PHE I 22 75.70 0.42 31.50
C PHE I 22 76.23 -1.00 31.68
N GLN I 23 75.73 -1.94 30.91
CA GLN I 23 76.32 -3.27 30.96
C GLN I 23 77.69 -3.29 30.30
N GLU I 24 77.81 -2.75 29.09
CA GLU I 24 79.06 -3.00 28.37
C GLU I 24 80.21 -2.10 28.79
N PHE I 25 79.95 -0.95 29.43
CA PHE I 25 81.04 -0.08 29.89
C PHE I 25 81.78 -0.61 31.11
N LYS I 26 81.44 -1.80 31.58
CA LYS I 26 82.13 -2.39 32.73
C LYS I 26 83.31 -3.24 32.30
N GLN I 27 83.38 -3.59 31.02
CA GLN I 27 84.57 -4.24 30.47
C GLN I 27 85.65 -3.22 30.16
N GLN I 28 85.27 -2.04 29.65
CA GLN I 28 86.22 -1.10 29.07
C GLN I 28 87.07 -0.38 30.12
N LEU I 29 86.45 0.46 30.96
CA LEU I 29 87.23 1.33 31.84
C LEU I 29 86.76 1.23 33.28
N GLN I 30 87.21 0.19 33.94
CA GLN I 30 87.39 0.10 35.38
C GLN I 30 88.74 -0.48 35.74
N SER I 31 89.19 -1.47 34.97
CA SER I 31 90.41 -2.22 35.20
C SER I 31 90.72 -2.89 33.87
N TYR I 32 91.52 -3.95 33.91
CA TYR I 32 91.79 -4.74 32.73
C TYR I 32 91.38 -6.20 32.88
N THR I 33 90.53 -6.54 33.86
CA THR I 33 90.24 -7.94 34.15
C THR I 33 89.22 -8.48 33.15
N SER I 34 88.69 -9.68 33.45
CA SER I 34 87.85 -10.41 32.51
C SER I 34 86.53 -9.70 32.28
N ASP I 35 85.85 -9.30 33.36
CA ASP I 35 84.79 -8.29 33.36
C ASP I 35 83.60 -8.69 32.50
N GLU I 36 83.24 -9.97 32.56
CA GLU I 36 82.08 -10.46 31.86
C GLU I 36 81.21 -11.34 32.72
N GLN I 37 81.75 -11.82 33.85
CA GLN I 37 81.01 -12.69 34.75
C GLN I 37 79.81 -11.97 35.30
N GLN I 38 80.01 -10.74 35.74
CA GLN I 38 78.92 -9.87 36.18
C GLN I 38 77.96 -9.57 35.05
N LEU I 39 78.43 -9.61 33.80
CA LEU I 39 77.53 -9.37 32.69
C LEU I 39 76.58 -10.53 32.49
N GLN I 40 77.09 -11.78 32.55
CA GLN I 40 76.14 -12.88 32.43
C GLN I 40 75.31 -13.05 33.68
N HIS I 41 75.77 -12.59 34.84
CA HIS I 41 74.90 -12.65 36.00
C HIS I 41 73.85 -11.56 35.94
N TRP I 42 74.13 -10.46 35.26
CA TRP I 42 73.09 -9.47 34.98
C TRP I 42 72.06 -10.04 34.02
N TYR I 43 72.53 -10.72 32.96
CA TYR I 43 71.65 -11.49 32.08
C TYR I 43 70.73 -12.42 32.86
N GLU I 44 71.35 -13.31 33.64
CA GLU I 44 70.61 -14.37 34.33
C GLU I 44 69.70 -13.81 35.40
N LEU I 45 70.07 -12.71 36.05
CA LEU I 45 69.24 -12.19 37.12
C LEU I 45 68.09 -11.37 36.56
N LEU I 46 68.39 -10.35 35.75
CA LEU I 46 67.30 -9.54 35.23
C LEU I 46 66.75 -10.05 33.90
N GLN I 47 66.84 -11.36 33.64
CA GLN I 47 65.84 -11.95 32.74
C GLN I 47 64.53 -12.31 33.47
N ALA I 48 64.11 -11.44 34.37
CA ALA I 48 62.73 -11.25 34.75
C ALA I 48 62.21 -9.91 34.25
N ARG I 49 63.10 -8.95 34.05
CA ARG I 49 62.82 -7.84 33.15
C ARG I 49 63.01 -8.35 31.73
N ASP I 50 61.97 -8.95 31.22
CA ASP I 50 61.78 -8.97 29.77
C ASP I 50 61.41 -7.55 29.38
N ALA I 51 62.44 -6.81 28.95
CA ALA I 51 62.41 -5.35 28.95
C ALA I 51 61.36 -4.80 28.01
N ARG I 52 61.09 -5.50 26.92
CA ARG I 52 59.98 -5.15 26.06
C ARG I 52 58.65 -5.29 26.79
N VAL I 53 58.49 -6.40 27.51
CA VAL I 53 57.22 -6.64 28.19
C VAL I 53 57.11 -5.78 29.44
N THR I 54 58.19 -5.59 30.17
CA THR I 54 58.11 -4.71 31.32
C THR I 54 57.91 -3.27 30.89
N SER I 55 58.51 -2.87 29.77
CA SER I 55 58.31 -1.53 29.26
C SER I 55 56.88 -1.31 28.82
N GLU I 56 56.26 -2.30 28.17
CA GLU I 56 54.88 -2.12 27.73
C GLU I 56 53.92 -2.15 28.89
N LEU I 57 54.24 -2.89 29.96
CA LEU I 57 53.39 -2.85 31.14
C LEU I 57 53.52 -1.53 31.85
N GLU I 58 54.74 -0.99 31.90
CA GLU I 58 54.92 0.34 32.46
C GLU I 58 54.19 1.38 31.64
N ALA I 59 54.16 1.22 30.32
CA ALA I 59 53.45 2.16 29.46
C ALA I 59 51.96 2.11 29.72
N ARG I 60 51.37 0.91 29.62
CA ARG I 60 49.97 0.65 29.93
C ARG I 60 49.65 0.76 31.41
N ILE I 61 50.53 1.27 32.26
CA ILE I 61 50.15 1.85 33.54
C ILE I 61 50.28 3.37 33.53
N LYS I 62 51.48 3.87 33.20
CA LYS I 62 51.78 5.24 33.56
C LYS I 62 51.16 6.21 32.57
N GLN I 63 51.03 5.81 31.30
CA GLN I 63 50.37 6.66 30.33
C GLN I 63 48.91 6.84 30.72
N PHE I 64 48.33 5.81 31.31
CA PHE I 64 46.92 5.83 31.63
C PHE I 64 46.67 6.72 32.84
N PHE I 65 47.48 6.56 33.90
CA PHE I 65 47.20 7.46 35.01
C PHE I 65 47.68 8.88 34.73
N ILE I 66 48.60 9.10 33.79
CA ILE I 66 48.93 10.46 33.42
C ILE I 66 47.78 11.11 32.66
N THR I 67 47.07 10.33 31.83
CA THR I 67 45.85 10.86 31.22
C THR I 67 44.76 11.15 32.24
N LEU I 68 44.69 10.34 33.30
CA LEU I 68 43.80 10.65 34.42
C LEU I 68 44.21 11.96 35.07
N ARG I 69 45.51 12.20 35.19
CA ARG I 69 45.97 13.44 35.79
C ARG I 69 45.68 14.64 34.90
N SER I 70 45.69 14.44 33.58
CA SER I 70 45.32 15.50 32.66
C SER I 70 43.84 15.82 32.76
N ARG I 71 43.01 14.78 32.92
CA ARG I 71 41.61 14.95 33.28
C ARG I 71 41.43 15.77 34.55
N LEU I 72 42.28 15.54 35.55
CA LEU I 72 42.24 16.34 36.77
C LEU I 72 42.58 17.80 36.48
N LEU I 73 43.70 18.04 35.83
CA LEU I 73 44.18 19.41 35.65
C LEU I 73 43.53 20.15 34.49
N ARG I 74 42.51 19.57 33.86
CA ARG I 74 41.71 20.31 32.87
C ARG I 74 41.07 21.56 33.47
N PHE I 75 40.54 21.45 34.69
CA PHE I 75 39.64 22.45 35.27
C PHE I 75 40.37 23.76 35.53
N LEU I 76 40.04 24.78 34.76
CA LEU I 76 40.61 26.11 34.93
C LEU I 76 39.58 27.22 34.91
N GLU I 77 38.47 27.04 34.20
CA GLU I 77 37.42 28.03 34.06
C GLU I 77 36.04 27.49 34.43
N SER I 78 35.75 26.24 34.11
CA SER I 78 34.48 25.64 34.49
C SER I 78 34.54 25.12 35.92
N SER I 84 36.62 44.91 36.08
CA SER I 84 37.55 44.83 34.96
C SER I 84 37.18 45.84 33.86
N LEU I 85 37.25 45.41 32.61
CA LEU I 85 36.97 46.28 31.47
C LEU I 85 35.84 45.78 30.58
N SER I 86 35.01 44.86 31.08
CA SER I 86 33.87 44.38 30.30
C SER I 86 32.64 45.27 30.42
N LEU I 87 32.69 46.28 31.29
CA LEU I 87 31.53 47.13 31.52
C LEU I 87 31.21 48.01 30.32
N GLU I 88 32.20 48.31 29.50
CA GLU I 88 31.96 49.08 28.28
C GLU I 88 31.12 48.29 27.29
N THR I 89 31.48 47.02 27.07
CA THR I 89 30.66 46.18 26.21
C THR I 89 29.32 45.86 26.85
N LEU I 90 29.26 45.82 28.18
CA LEU I 90 27.97 45.67 28.85
C LEU I 90 27.06 46.86 28.58
N ILE I 91 27.65 48.06 28.59
CA ILE I 91 26.90 49.26 28.24
C ILE I 91 26.50 49.25 26.77
N ASP I 92 27.38 48.73 25.91
CA ASP I 92 27.06 48.61 24.49
C ASP I 92 25.91 47.63 24.28
N ALA I 93 25.88 46.56 25.08
CA ALA I 93 24.81 45.57 24.99
C ALA I 93 23.49 46.14 25.45
N LEU I 94 23.51 46.91 26.55
CA LEU I 94 22.29 47.58 26.99
C LEU I 94 21.85 48.65 25.99
N TYR I 95 22.82 49.28 25.33
CA TYR I 95 22.50 50.27 24.31
C TYR I 95 21.82 49.62 23.11
N LYS I 96 22.32 48.46 22.70
CA LYS I 96 21.67 47.74 21.61
C LYS I 96 20.35 47.14 22.06
N ILE I 97 20.21 46.86 23.36
CA ILE I 97 18.94 46.40 23.90
C ILE I 97 17.87 47.46 23.75
N ASN I 98 18.20 48.69 24.13
CA ASN I 98 17.31 49.82 23.91
C ASN I 98 17.10 50.06 22.41
N ASP I 99 18.14 49.84 21.61
CA ASP I 99 18.06 50.11 20.18
C ASP I 99 17.08 49.19 19.49
N LEU I 100 17.12 47.91 19.80
CA LEU I 100 16.22 46.99 19.11
C LEU I 100 14.83 47.00 19.71
N LEU I 101 14.71 47.21 21.03
CA LEU I 101 13.38 47.41 21.60
C LEU I 101 12.73 48.65 21.00
N GLN I 102 13.54 49.67 20.75
CA GLN I 102 13.08 50.82 20.00
C GLN I 102 12.75 50.46 18.57
N GLN I 103 13.48 49.51 17.98
CA GLN I 103 13.18 49.11 16.61
C GLN I 103 11.81 48.45 16.53
N ARG I 104 11.48 47.62 17.51
CA ARG I 104 10.16 47.00 17.57
C ARG I 104 9.07 48.04 17.80
N LEU I 105 9.30 48.96 18.75
CA LEU I 105 8.27 49.95 19.08
C LEU I 105 8.08 50.94 17.95
N GLN I 106 9.18 51.33 17.31
CA GLN I 106 9.12 52.23 16.19
C GLN I 106 8.50 51.55 14.98
N ILE I 107 8.69 50.24 14.84
CA ILE I 107 8.04 49.51 13.76
C ILE I 107 6.53 49.49 13.96
N LEU I 108 6.09 49.27 15.20
CA LEU I 108 4.65 49.28 15.48
C LEU I 108 4.05 50.65 15.25
N ASP I 109 4.72 51.70 15.73
CA ASP I 109 4.23 53.06 15.52
C ASP I 109 4.30 53.47 14.07
N ASP I 110 5.29 52.95 13.34
CA ASP I 110 5.41 53.24 11.93
C ASP I 110 4.29 52.60 11.13
N ALA I 111 3.97 51.35 11.43
CA ALA I 111 2.88 50.71 10.72
C ALA I 111 1.53 51.28 11.12
N ILE I 112 1.38 51.71 12.37
CA ILE I 112 0.12 52.32 12.78
C ILE I 112 -0.06 53.68 12.12
N GLN I 113 1.00 54.48 12.05
CA GLN I 113 0.91 55.77 11.38
C GLN I 113 0.71 55.57 9.89
N GLU I 114 1.31 54.53 9.32
CA GLU I 114 1.08 54.19 7.92
C GLU I 114 -0.36 53.74 7.69
N LYS I 115 -0.95 53.06 8.67
CA LYS I 115 -2.36 52.71 8.58
C LYS I 115 -3.24 53.94 8.62
N THR I 116 -2.86 54.92 9.45
CA THR I 116 -3.56 56.20 9.48
C THR I 116 -3.42 56.92 8.15
N SER I 117 -2.24 56.80 7.53
CA SER I 117 -1.98 57.45 6.25
C SER I 117 -2.80 56.83 5.13
N GLU I 118 -2.79 55.50 5.06
CA GLU I 118 -3.55 54.79 4.04
C GLU I 118 -5.05 54.95 4.25
N LEU I 119 -5.49 55.08 5.50
CA LEU I 119 -6.90 55.31 5.75
C LEU I 119 -7.31 56.71 5.33
N ALA I 120 -6.53 57.71 5.74
CA ALA I 120 -6.92 59.10 5.54
C ALA I 120 -6.77 59.52 4.09
N GLU I 121 -5.55 59.43 3.57
CA GLU I 121 -5.17 60.15 2.35
C GLU I 121 -5.89 59.61 1.13
N PHE I 122 -5.90 58.28 0.97
CA PHE I 122 -6.48 57.68 -0.21
C PHE I 122 -8.00 57.87 -0.24
N GLU I 123 -8.65 57.68 0.90
CA GLU I 123 -10.10 57.80 0.95
C GLU I 123 -10.55 59.23 0.75
N ASN I 124 -9.93 60.17 1.47
CA ASN I 124 -10.30 61.56 1.35
C ASN I 124 -9.89 62.17 0.01
N MET I 125 -8.89 61.60 -0.66
CA MET I 125 -8.53 62.11 -1.98
C MET I 125 -9.45 61.55 -3.05
N VAL I 126 -9.46 60.23 -3.22
CA VAL I 126 -10.20 59.61 -4.31
C VAL I 126 -11.65 59.34 -3.97
N ARG I 127 -12.18 59.94 -2.90
CA ARG I 127 -13.60 59.79 -2.61
C ARG I 127 -14.43 60.87 -3.31
N SER I 128 -14.11 62.14 -3.08
CA SER I 128 -14.83 63.24 -3.70
C SER I 128 -14.19 63.71 -5.00
N PRO I 129 -13.44 62.82 -5.67
CA PRO I 129 -12.74 63.10 -6.93
C PRO I 129 -11.76 64.26 -6.80
N SER I 130 -11.02 64.30 -5.69
CA SER I 130 -9.83 65.12 -5.46
C SER I 130 -10.13 66.62 -5.56
N ALA I 131 -10.92 67.10 -4.61
CA ALA I 131 -11.30 68.51 -4.57
C ALA I 131 -10.65 69.27 -3.42
N GLY I 132 -10.97 68.89 -2.17
CA GLY I 132 -10.55 69.58 -0.94
C GLY I 132 -10.87 71.08 -0.98
N ASP I 133 -12.09 71.40 -1.40
CA ASP I 133 -12.55 72.77 -1.41
C ASP I 133 -13.15 73.12 -0.04
N ASN I 134 -13.82 74.26 0.06
CA ASN I 134 -14.42 74.67 1.33
C ASN I 134 -15.65 73.82 1.60
N ALA I 135 -15.44 72.65 2.20
CA ALA I 135 -16.47 71.63 2.27
C ALA I 135 -17.55 71.98 3.30
N ILE I 136 -17.14 72.40 4.50
CA ILE I 136 -18.09 72.68 5.56
C ILE I 136 -18.92 73.94 5.28
N PRO I 137 -18.43 74.82 4.41
CA PRO I 137 -19.20 76.01 4.05
C PRO I 137 -20.41 75.64 3.20
N GLY I 138 -20.19 74.82 2.16
CA GLY I 138 -21.30 74.33 1.35
C GLY I 138 -22.22 73.43 2.16
N LEU I 139 -21.65 72.67 3.10
CA LEU I 139 -22.43 71.81 3.98
C LEU I 139 -23.38 72.62 4.85
N LEU I 140 -22.85 73.64 5.54
CA LEU I 140 -23.69 74.48 6.36
C LEU I 140 -24.67 75.31 5.54
N GLN I 141 -24.30 75.66 4.29
CA GLN I 141 -25.20 76.45 3.45
C GLN I 141 -26.41 75.63 3.03
N ILE I 142 -26.17 74.43 2.48
CA ILE I 142 -27.28 73.55 2.13
C ILE I 142 -28.03 73.07 3.37
N ILE I 143 -27.35 72.97 4.50
CA ILE I 143 -28.00 72.55 5.74
C ILE I 143 -28.96 73.62 6.24
N GLN I 144 -28.55 74.89 6.18
CA GLN I 144 -29.42 75.98 6.59
C GLN I 144 -30.58 76.14 5.61
N SER I 145 -30.32 75.94 4.32
CA SER I 145 -31.39 76.01 3.33
C SER I 145 -32.41 74.89 3.53
N TYR I 146 -31.94 73.67 3.77
CA TYR I 146 -32.84 72.55 4.02
C TYR I 146 -33.54 72.68 5.37
N ILE I 147 -32.90 73.30 6.35
CA ILE I 147 -33.54 73.54 7.63
C ILE I 147 -34.64 74.58 7.50
N ASN I 148 -34.42 75.61 6.68
CA ASN I 148 -35.47 76.59 6.42
C ASN I 148 -36.64 75.96 5.65
N LEU I 149 -36.34 75.08 4.69
CA LEU I 149 -37.40 74.39 3.95
C LEU I 149 -38.20 73.46 4.85
N LEU I 150 -37.53 72.74 5.74
CA LEU I 150 -38.22 71.86 6.68
C LEU I 150 -39.00 72.65 7.73
N GLU I 151 -38.47 73.81 8.16
CA GLU I 151 -39.19 74.65 9.10
C GLU I 151 -40.43 75.25 8.46
N GLU I 152 -40.38 75.58 7.18
CA GLU I 152 -41.57 76.00 6.47
C GLU I 152 -42.54 74.84 6.28
N ASN I 153 -42.03 73.63 6.17
CA ASN I 153 -42.88 72.44 6.08
C ASN I 153 -43.58 72.18 7.41
N ASP J 316 -33.84 -20.69 -46.12
CA ASP J 316 -32.88 -19.86 -45.39
C ASP J 316 -31.50 -20.44 -45.55
N TYR J 317 -31.42 -21.62 -46.18
CA TYR J 317 -30.16 -22.21 -46.55
C TYR J 317 -29.65 -21.71 -47.88
N MET J 318 -30.28 -20.64 -48.40
CA MET J 318 -29.86 -20.06 -49.66
C MET J 318 -28.48 -19.44 -49.59
N MET J 319 -28.00 -19.07 -48.40
CA MET J 319 -26.63 -18.58 -48.29
C MET J 319 -25.64 -19.72 -48.53
N LYS J 320 -25.95 -20.90 -48.02
CA LYS J 320 -25.19 -22.09 -48.37
C LYS J 320 -25.32 -22.40 -49.84
N PRO J 321 -26.49 -22.13 -50.41
CA PRO J 321 -26.68 -22.37 -51.84
C PRO J 321 -25.83 -21.43 -52.68
N SER J 322 -25.80 -20.15 -52.31
CA SER J 322 -25.02 -19.18 -53.06
C SER J 322 -23.54 -19.42 -52.88
N LEU J 323 -23.14 -19.89 -51.70
CA LEU J 323 -21.76 -20.30 -51.49
C LEU J 323 -21.42 -21.51 -52.36
N ASN J 324 -22.38 -22.43 -52.52
CA ASN J 324 -22.17 -23.58 -53.38
C ASN J 324 -22.06 -23.17 -54.84
N SER J 325 -22.83 -22.17 -55.25
CA SER J 325 -22.73 -21.68 -56.61
C SER J 325 -21.44 -20.90 -56.81
N ASN J 326 -21.00 -20.18 -55.80
CA ASN J 326 -19.73 -19.47 -55.88
C ASN J 326 -18.57 -20.45 -55.95
N VAL J 327 -18.69 -21.58 -55.27
CA VAL J 327 -17.71 -22.65 -55.43
C VAL J 327 -17.83 -23.30 -56.80
N LEU J 328 -19.04 -23.36 -57.34
CA LEU J 328 -19.24 -23.89 -58.68
C LEU J 328 -18.61 -22.98 -59.73
N LEU J 329 -18.51 -21.69 -59.43
CA LEU J 329 -17.77 -20.76 -60.26
C LEU J 329 -16.27 -21.05 -60.17
N ARG J 331 -14.89 -16.22 -66.10
CA ARG J 331 -14.90 -16.48 -67.53
C ARG J 331 -16.11 -15.81 -68.19
N LYS J 332 -16.87 -16.57 -68.99
CA LYS J 332 -18.11 -16.08 -69.58
C LYS J 332 -19.32 -16.53 -68.77
N VAL J 333 -19.57 -17.84 -68.73
CA VAL J 333 -20.62 -18.36 -67.86
C VAL J 333 -20.19 -18.30 -66.40
N MET J 334 -18.89 -18.35 -66.14
CA MET J 334 -18.39 -18.26 -64.77
C MET J 334 -18.60 -16.86 -64.19
N SER J 335 -18.19 -15.82 -64.92
CA SER J 335 -18.47 -14.47 -64.44
C SER J 335 -19.94 -14.13 -64.54
N ARG J 336 -20.67 -14.78 -65.46
CA ARG J 336 -22.11 -14.62 -65.53
C ARG J 336 -22.77 -15.14 -64.28
N ASP J 337 -22.28 -16.25 -63.75
CA ASP J 337 -22.67 -16.69 -62.41
C ASP J 337 -22.20 -15.70 -61.35
N SER J 338 -21.03 -15.08 -61.56
CA SER J 338 -20.50 -14.13 -60.60
C SER J 338 -21.22 -12.78 -60.62
N LEU J 339 -22.22 -12.62 -61.47
CA LEU J 339 -23.12 -11.48 -61.41
C LEU J 339 -24.30 -11.72 -60.46
N LYS J 340 -24.11 -12.46 -59.37
CA LYS J 340 -25.20 -12.83 -58.47
C LYS J 340 -24.89 -12.43 -57.02
N HIS J 341 -25.98 -12.24 -56.26
CA HIS J 341 -25.98 -11.94 -54.82
C HIS J 341 -25.16 -10.70 -54.47
N LEU J 342 -25.53 -9.58 -55.08
CA LEU J 342 -24.76 -8.35 -54.98
C LEU J 342 -25.23 -7.50 -53.79
N TYR J 343 -25.17 -8.13 -52.61
CA TYR J 343 -25.32 -7.51 -51.28
C TYR J 343 -26.71 -6.97 -50.97
N SER J 344 -27.62 -7.00 -51.94
CA SER J 344 -29.02 -6.81 -51.61
C SER J 344 -29.67 -8.10 -51.20
N SER J 345 -29.04 -9.22 -51.59
CA SER J 345 -29.39 -10.53 -51.06
C SER J 345 -29.31 -10.54 -49.56
N ILE J 346 -28.36 -9.80 -48.98
CA ILE J 346 -28.30 -9.61 -47.53
C ILE J 346 -29.51 -8.87 -47.00
N ILE J 347 -29.98 -7.85 -47.71
CA ILE J 347 -31.10 -7.05 -47.22
C ILE J 347 -32.39 -7.87 -47.22
N LEU J 348 -32.69 -8.46 -48.38
CA LEU J 348 -33.81 -9.38 -48.46
C LEU J 348 -33.59 -10.62 -47.62
N ILE J 349 -32.35 -10.93 -47.27
CA ILE J 349 -32.07 -12.10 -46.45
C ILE J 349 -32.38 -11.83 -45.00
N LYS J 350 -32.09 -10.62 -44.54
CA LYS J 350 -32.54 -10.22 -43.21
C LYS J 350 -34.05 -10.24 -43.14
N ASN J 351 -34.68 -9.77 -44.22
CA ASN J 351 -36.14 -9.89 -44.32
C ASN J 351 -36.59 -11.34 -44.31
N SER J 352 -35.87 -12.21 -45.01
CA SER J 352 -36.28 -13.60 -45.13
C SER J 352 -36.05 -14.35 -43.83
N ARG J 353 -35.01 -13.98 -43.10
CA ARG J 353 -34.77 -14.56 -41.80
C ARG J 353 -35.87 -14.17 -40.84
N ASP J 354 -36.32 -12.91 -40.93
CA ASP J 354 -37.47 -12.49 -40.14
C ASP J 354 -38.72 -13.25 -40.54
N GLU J 355 -38.84 -13.54 -41.84
CA GLU J 355 -39.97 -14.30 -42.34
C GLU J 355 -39.95 -15.71 -41.79
N SER J 356 -38.78 -16.34 -41.82
CA SER J 356 -38.64 -17.67 -41.28
C SER J 356 -38.84 -17.66 -39.78
N SER J 357 -38.50 -16.57 -39.14
CA SER J 357 -38.74 -16.44 -37.71
C SER J 357 -40.21 -16.39 -37.43
N SER J 358 -40.94 -15.66 -38.26
CA SER J 358 -42.39 -15.64 -38.12
C SER J 358 -42.98 -17.00 -38.42
N PRO J 359 -42.34 -17.73 -39.34
CA PRO J 359 -42.78 -19.07 -39.65
C PRO J 359 -42.56 -19.99 -38.47
N TYR J 360 -41.41 -19.86 -37.83
CA TYR J 360 -41.07 -20.68 -36.69
C TYR J 360 -42.01 -20.37 -35.53
N GLU J 361 -42.35 -19.09 -35.37
CA GLU J 361 -43.28 -18.69 -34.33
C GLU J 361 -44.67 -19.19 -34.64
N TRP J 362 -45.02 -19.22 -35.91
CA TRP J 362 -46.34 -19.67 -36.31
C TRP J 362 -46.52 -21.15 -36.06
N CYS J 363 -45.55 -21.94 -36.51
CA CYS J 363 -45.58 -23.36 -36.26
C CYS J 363 -45.41 -23.65 -34.78
N ILE J 364 -44.71 -22.77 -34.07
CA ILE J 364 -44.55 -22.90 -32.64
C ILE J 364 -45.88 -22.78 -31.92
N TRP J 365 -46.65 -21.76 -32.29
CA TRP J 365 -47.99 -21.61 -31.72
C TRP J 365 -48.89 -22.76 -32.13
N GLN J 366 -48.69 -23.28 -33.36
CA GLN J 366 -49.48 -24.40 -33.85
C GLN J 366 -49.25 -25.64 -33.01
N LEU J 367 -47.98 -25.97 -32.80
CA LEU J 367 -47.66 -27.13 -31.98
C LEU J 367 -47.98 -26.90 -30.51
N LYS J 368 -47.93 -25.64 -30.05
CA LYS J 368 -48.27 -25.35 -28.66
C LYS J 368 -49.74 -25.61 -28.41
N ARG J 369 -50.59 -25.22 -29.36
CA ARG J 369 -52.00 -25.59 -29.27
C ARG J 369 -52.21 -27.06 -29.52
N CYS J 370 -51.33 -27.70 -30.31
CA CYS J 370 -51.50 -29.11 -30.60
C CYS J 370 -51.21 -29.96 -29.37
N PHE J 371 -50.21 -29.56 -28.59
CA PHE J 371 -49.99 -30.20 -27.31
C PHE J 371 -51.10 -29.88 -26.32
N ALA J 372 -51.76 -28.73 -26.49
CA ALA J 372 -52.94 -28.40 -25.70
C ALA J 372 -54.11 -29.23 -26.18
N ILE J 482 -47.14 -44.13 -21.99
CA ILE J 482 -46.15 -43.20 -21.44
C ILE J 482 -46.22 -41.86 -22.16
N ALA J 483 -46.89 -41.87 -23.32
CA ALA J 483 -47.06 -40.65 -24.09
C ALA J 483 -47.96 -39.67 -23.37
N LEU J 484 -48.87 -40.18 -22.53
CA LEU J 484 -49.62 -39.32 -21.63
C LEU J 484 -48.68 -38.58 -20.69
N GLY J 485 -47.68 -39.28 -20.15
CA GLY J 485 -46.70 -38.64 -19.28
C GLY J 485 -45.83 -37.67 -20.05
N LEU J 486 -45.55 -38.00 -21.32
CA LEU J 486 -44.80 -37.09 -22.19
C LEU J 486 -45.56 -35.80 -22.40
N THR J 487 -46.85 -35.90 -22.71
CA THR J 487 -47.66 -34.71 -22.86
C THR J 487 -47.84 -33.98 -21.55
N LEU J 488 -47.83 -34.70 -20.43
CA LEU J 488 -47.98 -34.07 -19.12
C LEU J 488 -46.77 -33.22 -18.80
N LEU J 489 -45.59 -33.80 -18.91
CA LEU J 489 -44.34 -33.07 -18.73
C LEU J 489 -44.15 -32.01 -19.79
N HIS J 490 -44.73 -32.19 -20.96
CA HIS J 490 -44.65 -31.18 -22.01
C HIS J 490 -45.48 -29.97 -21.64
N ASP J 491 -46.80 -30.14 -21.56
CA ASP J 491 -47.73 -29.05 -21.31
C ASP J 491 -47.60 -28.48 -19.92
N MET J 492 -46.94 -29.16 -18.99
CA MET J 492 -46.59 -28.53 -17.73
C MET J 492 -45.65 -27.36 -17.95
N GLN J 493 -44.74 -27.50 -18.90
CA GLN J 493 -43.94 -26.37 -19.34
C GLN J 493 -44.54 -25.82 -20.61
N ALA J 656 -35.21 -4.14 -53.41
CA ALA J 656 -35.74 -2.90 -52.85
C ALA J 656 -36.96 -3.17 -52.00
N GLU J 657 -37.90 -3.94 -52.56
CA GLU J 657 -39.21 -4.16 -51.96
C GLU J 657 -39.07 -5.09 -50.76
N ASN J 658 -38.56 -4.54 -49.67
CA ASN J 658 -38.36 -5.33 -48.46
C ASN J 658 -39.55 -5.22 -47.52
N THR J 659 -39.88 -4.00 -47.09
CA THR J 659 -40.93 -3.82 -46.09
C THR J 659 -42.31 -4.06 -46.67
N LYS J 660 -42.51 -3.67 -47.93
CA LYS J 660 -43.77 -3.92 -48.62
C LYS J 660 -44.04 -5.41 -48.74
N ILE J 661 -43.04 -6.15 -49.21
CA ILE J 661 -43.16 -7.60 -49.25
C ILE J 661 -43.18 -8.21 -47.86
N LYS J 662 -42.66 -7.53 -46.85
CA LYS J 662 -42.70 -8.05 -45.49
C LYS J 662 -44.12 -8.05 -44.94
N PHE J 663 -44.79 -6.90 -45.00
CA PHE J 663 -46.20 -6.84 -44.64
C PHE J 663 -47.04 -7.73 -45.56
N THR J 664 -46.65 -7.80 -46.82
CA THR J 664 -47.38 -8.60 -47.80
C THR J 664 -47.27 -10.07 -47.50
N SER J 665 -46.07 -10.54 -47.21
CA SER J 665 -45.88 -11.96 -46.97
C SER J 665 -46.44 -12.37 -45.63
N GLY J 666 -46.44 -11.44 -44.66
CA GLY J 666 -47.17 -11.68 -43.43
C GLY J 666 -48.65 -11.90 -43.71
N ILE J 667 -49.22 -11.06 -44.58
CA ILE J 667 -50.59 -11.28 -44.98
C ILE J 667 -50.76 -12.51 -45.87
N ILE J 668 -49.70 -12.94 -46.54
CA ILE J 668 -49.82 -14.02 -47.51
C ILE J 668 -49.76 -15.37 -46.82
N ASN J 669 -48.79 -15.56 -45.95
CA ASN J 669 -48.74 -16.72 -45.10
C ASN J 669 -49.52 -16.50 -43.82
N GLU J 670 -50.35 -15.47 -43.77
CA GLU J 670 -51.23 -15.30 -42.62
C GLU J 670 -52.26 -16.40 -42.56
N GLU J 671 -52.89 -16.73 -43.68
CA GLU J 671 -54.08 -17.56 -43.64
C GLU J 671 -53.74 -19.05 -43.57
N THR J 672 -53.19 -19.59 -44.64
CA THR J 672 -53.08 -21.05 -44.76
C THR J 672 -52.16 -21.42 -45.91
N PHE J 673 -51.84 -22.71 -45.93
CA PHE J 673 -51.07 -23.37 -46.98
C PHE J 673 -52.06 -23.86 -48.05
N ASN J 674 -51.61 -24.80 -48.89
CA ASN J 674 -52.37 -25.40 -49.98
C ASN J 674 -52.81 -24.35 -51.00
N ASN J 675 -51.93 -23.39 -51.24
CA ASN J 675 -52.14 -22.33 -52.21
C ASN J 675 -51.11 -22.47 -53.32
N PHE J 676 -51.16 -21.53 -54.27
CA PHE J 676 -50.12 -21.47 -55.29
C PHE J 676 -48.83 -20.94 -54.73
N PHE J 677 -48.91 -20.11 -53.68
CA PHE J 677 -47.74 -19.76 -52.90
C PHE J 677 -47.16 -20.99 -52.24
N ARG J 678 -48.02 -21.96 -51.91
CA ARG J 678 -47.62 -23.27 -51.44
C ARG J 678 -47.36 -24.25 -52.58
N VAL J 679 -46.88 -23.76 -53.72
CA VAL J 679 -46.36 -24.67 -54.75
C VAL J 679 -44.88 -24.42 -55.04
N HIS J 680 -44.53 -23.23 -55.53
CA HIS J 680 -43.15 -22.97 -55.90
C HIS J 680 -42.71 -21.55 -55.62
N HIS J 681 -43.45 -20.77 -54.84
CA HIS J 681 -43.19 -19.34 -54.69
C HIS J 681 -41.90 -19.04 -53.93
N GLN J 686 -20.26 -31.96 -45.81
CA GLN J 686 -20.48 -30.70 -46.52
C GLN J 686 -21.32 -30.93 -47.77
N HIS J 687 -20.69 -31.55 -48.77
CA HIS J 687 -21.39 -31.88 -50.01
C HIS J 687 -22.44 -32.94 -49.80
N GLY J 688 -22.31 -33.75 -48.74
CA GLY J 688 -23.31 -34.75 -48.43
C GLY J 688 -24.64 -34.14 -48.05
N TRP J 689 -24.62 -32.90 -47.54
CA TRP J 689 -25.87 -32.18 -47.27
C TRP J 689 -26.68 -32.05 -48.54
N ILE J 690 -26.03 -31.55 -49.57
CA ILE J 690 -26.68 -31.47 -50.86
C ILE J 690 -26.86 -32.85 -51.50
N LYS J 691 -26.12 -33.86 -51.06
CA LYS J 691 -26.40 -35.21 -51.52
C LYS J 691 -27.76 -35.66 -51.02
N GLY J 692 -28.04 -35.42 -49.74
CA GLY J 692 -29.35 -35.76 -49.18
C GLY J 692 -30.46 -34.93 -49.80
N VAL J 693 -30.22 -33.63 -49.96
CA VAL J 693 -31.25 -32.75 -50.52
C VAL J 693 -31.52 -33.06 -51.99
N ASN J 694 -30.47 -33.21 -52.79
CA ASN J 694 -30.63 -33.55 -54.20
C ASN J 694 -31.21 -34.93 -54.37
N ASN J 695 -30.98 -35.82 -53.42
CA ASN J 695 -31.62 -37.12 -53.49
C ASN J 695 -33.10 -37.02 -53.20
N ILE J 696 -33.48 -36.12 -52.30
CA ILE J 696 -34.90 -35.90 -52.05
C ILE J 696 -35.55 -35.29 -53.28
N HIS J 697 -34.82 -34.41 -53.96
CA HIS J 697 -35.34 -33.81 -55.18
C HIS J 697 -35.44 -34.84 -56.31
N ASP J 698 -34.49 -35.76 -56.39
CA ASP J 698 -34.49 -36.73 -57.47
C ASP J 698 -35.53 -37.81 -57.23
N LEU J 699 -35.59 -38.35 -56.01
CA LEU J 699 -36.63 -39.30 -55.64
C LEU J 699 -37.97 -38.62 -55.38
N ARG J 700 -38.03 -37.31 -55.56
CA ARG J 700 -39.28 -36.58 -55.65
C ARG J 700 -39.83 -36.53 -57.07
N VAL J 701 -39.30 -37.37 -57.96
CA VAL J 701 -39.84 -37.63 -59.30
C VAL J 701 -39.87 -36.36 -60.16
N LYS J 702 -38.77 -35.64 -60.17
CA LYS J 702 -38.66 -34.42 -60.95
C LYS J 702 -38.28 -34.75 -62.38
N ILE J 703 -37.87 -33.74 -63.13
CA ILE J 703 -37.22 -33.97 -64.40
C ILE J 703 -35.86 -34.59 -64.14
N LEU J 704 -35.81 -35.92 -64.12
CA LEU J 704 -34.64 -36.67 -63.69
C LEU J 704 -33.45 -36.50 -64.63
N UNK J 737 -33.45 -15.84 -59.16
CA UNK J 737 -34.47 -14.92 -58.71
C UNK J 737 -34.30 -13.58 -59.41
N UNK J 738 -34.49 -12.50 -58.64
CA UNK J 738 -34.24 -11.17 -59.18
C UNK J 738 -32.78 -10.95 -59.47
N UNK J 739 -31.89 -11.66 -58.78
CA UNK J 739 -30.48 -11.67 -59.15
C UNK J 739 -30.28 -12.36 -60.50
N UNK J 740 -31.05 -13.42 -60.76
CA UNK J 740 -31.01 -14.01 -62.09
C UNK J 740 -31.62 -13.09 -63.12
N UNK J 741 -32.60 -12.29 -62.72
CA UNK J 741 -33.15 -11.28 -63.62
C UNK J 741 -32.12 -10.19 -63.93
N UNK J 742 -31.31 -9.81 -62.94
CA UNK J 742 -30.29 -8.82 -63.19
C UNK J 742 -29.16 -9.40 -64.04
N UNK J 743 -28.79 -10.65 -63.78
CA UNK J 743 -27.75 -11.29 -64.57
C UNK J 743 -28.23 -11.66 -65.97
N UNK J 744 -29.53 -11.71 -66.19
CA UNK J 744 -30.05 -12.01 -67.51
C UNK J 744 -30.45 -10.78 -68.30
N UNK J 745 -30.80 -9.68 -67.63
CA UNK J 745 -31.30 -8.48 -68.29
C UNK J 745 -30.45 -7.25 -67.98
N UNK J 746 -30.09 -7.04 -66.72
CA UNK J 746 -29.11 -6.01 -66.42
C UNK J 746 -27.74 -6.41 -66.93
N UNK J 747 -27.35 -7.66 -66.71
CA UNK J 747 -26.20 -8.23 -67.40
C UNK J 747 -26.64 -9.00 -68.63
N UNK J 748 -27.49 -8.41 -69.47
CA UNK J 748 -27.86 -9.05 -70.71
C UNK J 748 -26.71 -9.05 -71.69
N UNK J 749 -25.96 -7.96 -71.73
CA UNK J 749 -24.77 -7.91 -72.58
C UNK J 749 -23.63 -8.71 -71.97
N UNK J 750 -23.49 -8.66 -70.64
CA UNK J 750 -22.41 -9.37 -69.98
C UNK J 750 -22.62 -10.88 -70.06
N UNK J 751 -23.86 -11.34 -70.01
CA UNK J 751 -24.13 -12.75 -70.29
C UNK J 751 -24.16 -13.02 -71.79
N UNK J 752 -24.46 -11.99 -72.58
CA UNK J 752 -24.47 -12.12 -74.03
C UNK J 752 -23.08 -12.16 -74.62
N UNK J 753 -22.05 -11.91 -73.81
CA UNK J 753 -20.66 -12.09 -74.20
C UNK J 753 -20.19 -13.52 -73.94
N UNK J 754 -21.10 -14.49 -73.97
CA UNK J 754 -20.80 -15.89 -73.66
C UNK J 754 -19.84 -16.51 -74.67
N UNK J 755 -19.59 -33.14 -54.60
CA UNK J 755 -20.11 -33.78 -55.79
C UNK J 755 -21.51 -33.29 -56.10
N UNK J 756 -22.49 -33.81 -55.37
CA UNK J 756 -23.90 -33.59 -55.67
C UNK J 756 -24.35 -32.15 -55.44
N UNK J 757 -23.52 -31.32 -54.79
CA UNK J 757 -23.80 -29.89 -54.73
C UNK J 757 -23.83 -29.29 -56.12
N UNK J 758 -22.88 -29.68 -56.97
CA UNK J 758 -22.93 -29.28 -58.36
C UNK J 758 -24.15 -29.89 -59.05
N UNK J 759 -24.47 -31.14 -58.72
CA UNK J 759 -25.56 -31.85 -59.38
C UNK J 759 -26.92 -31.26 -59.07
N UNK J 760 -27.05 -30.55 -57.95
CA UNK J 760 -28.28 -29.82 -57.68
C UNK J 760 -28.18 -28.36 -58.08
N UNK J 761 -26.97 -27.78 -58.04
CA UNK J 761 -26.80 -26.40 -58.44
C UNK J 761 -27.05 -26.20 -59.92
N UNK J 762 -26.73 -27.21 -60.74
CA UNK J 762 -26.95 -27.11 -62.18
C UNK J 762 -28.44 -27.04 -62.50
N UNK J 763 -29.24 -27.91 -61.90
CA UNK J 763 -30.67 -27.88 -62.18
C UNK J 763 -31.35 -26.70 -61.53
N UNK J 764 -30.83 -26.23 -60.39
CA UNK J 764 -31.39 -25.01 -59.80
C UNK J 764 -31.08 -23.81 -60.65
N UNK J 765 -29.94 -23.81 -61.33
CA UNK J 765 -29.70 -22.78 -62.33
C UNK J 765 -30.60 -22.97 -63.55
N UNK J 766 -30.92 -24.22 -63.91
CA UNK J 766 -31.74 -24.49 -65.08
C UNK J 766 -33.17 -24.01 -64.89
N UNK J 767 -33.70 -24.16 -63.69
CA UNK J 767 -34.97 -23.51 -63.39
C UNK J 767 -34.79 -22.04 -63.02
N UNK J 768 -33.56 -21.60 -62.78
CA UNK J 768 -33.30 -20.19 -62.50
C UNK J 768 -33.00 -19.40 -63.76
N UNK J 769 -32.21 -19.97 -64.67
CA UNK J 769 -31.88 -19.33 -65.94
C UNK J 769 -31.59 -20.45 -66.94
N UNK J 770 -30.86 -20.12 -68.00
CA UNK J 770 -30.31 -21.17 -68.85
C UNK J 770 -29.11 -21.81 -68.17
N UNK J 771 -29.13 -23.15 -68.05
CA UNK J 771 -28.02 -23.88 -67.46
C UNK J 771 -26.97 -24.14 -68.52
N UNK J 772 -25.80 -23.54 -68.35
CA UNK J 772 -24.70 -23.66 -69.31
C UNK J 772 -23.80 -24.86 -69.04
N UNK J 773 -24.34 -25.94 -68.48
CA UNK J 773 -23.54 -27.10 -68.10
C UNK J 773 -23.21 -27.99 -69.29
N UNK K 1 -15.91 -78.11 -13.08
CA UNK K 1 -16.60 -78.22 -14.36
C UNK K 1 -17.39 -76.96 -14.65
N UNK K 2 -18.33 -76.64 -13.76
CA UNK K 2 -19.17 -75.44 -13.89
C UNK K 2 -18.37 -74.17 -13.81
N UNK K 3 -17.22 -74.22 -13.14
CA UNK K 3 -16.24 -73.14 -13.18
C UNK K 3 -15.82 -72.86 -14.61
N UNK K 4 -15.41 -73.90 -15.33
CA UNK K 4 -15.00 -73.72 -16.72
C UNK K 4 -16.19 -73.36 -17.60
N UNK K 5 -17.39 -73.82 -17.23
CA UNK K 5 -18.60 -73.46 -17.96
C UNK K 5 -18.87 -71.97 -17.88
N UNK K 6 -18.87 -71.44 -16.66
CA UNK K 6 -19.03 -70.01 -16.47
C UNK K 6 -17.86 -69.22 -17.04
N UNK K 7 -16.68 -69.84 -17.07
CA UNK K 7 -15.52 -69.18 -17.65
C UNK K 7 -15.69 -68.97 -19.14
N UNK K 8 -16.11 -70.02 -19.84
CA UNK K 8 -16.43 -69.88 -21.26
C UNK K 8 -17.61 -68.97 -21.48
N UNK K 9 -18.58 -68.98 -20.56
CA UNK K 9 -19.72 -68.10 -20.67
C UNK K 9 -19.31 -66.64 -20.58
N UNK K 10 -18.42 -66.33 -19.64
CA UNK K 10 -17.93 -64.97 -19.50
C UNK K 10 -17.04 -64.59 -20.66
N UNK K 11 -16.32 -65.56 -21.22
CA UNK K 11 -15.52 -65.29 -22.42
C UNK K 11 -16.42 -64.87 -23.57
N UNK K 12 -17.50 -65.62 -23.78
CA UNK K 12 -18.45 -65.30 -24.83
C UNK K 12 -19.14 -63.97 -24.55
N UNK K 13 -19.43 -63.69 -23.28
CA UNK K 13 -20.18 -62.49 -22.92
C UNK K 13 -19.34 -61.25 -23.12
N UNK K 14 -18.10 -61.26 -22.64
CA UNK K 14 -17.22 -60.13 -22.87
C UNK K 14 -16.88 -60.01 -24.34
N UNK K 15 -16.84 -61.13 -25.08
CA UNK K 15 -16.59 -61.07 -26.51
C UNK K 15 -17.73 -60.37 -27.23
N UNK K 16 -18.96 -60.74 -26.90
CA UNK K 16 -20.11 -60.15 -27.55
C UNK K 16 -20.24 -58.68 -27.19
N UNK K 17 -19.95 -58.34 -25.93
CA UNK K 17 -19.99 -56.95 -25.53
C UNK K 17 -18.88 -56.16 -26.21
N UNK K 18 -17.76 -56.80 -26.49
CA UNK K 18 -16.72 -56.15 -27.27
C UNK K 18 -17.17 -55.89 -28.68
N UNK K 19 -17.91 -56.85 -29.26
CA UNK K 19 -18.41 -56.67 -30.61
C UNK K 19 -19.40 -55.51 -30.68
N UNK K 20 -20.33 -55.49 -29.74
CA UNK K 20 -21.34 -54.44 -29.71
C UNK K 20 -20.71 -53.08 -29.44
N UNK K 21 -19.72 -53.06 -28.53
CA UNK K 21 -19.06 -51.80 -28.21
C UNK K 21 -18.26 -51.29 -29.38
N UNK K 22 -17.63 -52.21 -30.12
CA UNK K 22 -16.88 -51.82 -31.31
C UNK K 22 -17.81 -51.23 -32.34
N UNK K 23 -18.98 -51.84 -32.48
CA UNK K 23 -19.94 -51.37 -33.47
C UNK K 23 -20.45 -50.00 -33.12
N UNK K 24 -20.90 -49.82 -31.89
CA UNK K 24 -21.48 -48.53 -31.50
C UNK K 24 -20.41 -47.46 -31.43
N UNK K 25 -19.17 -47.85 -31.15
CA UNK K 25 -18.08 -46.90 -31.22
C UNK K 25 -17.83 -46.47 -32.66
N UNK K 26 -17.91 -47.43 -33.59
CA UNK K 26 -17.75 -47.11 -34.99
C UNK K 26 -18.85 -46.17 -35.46
N UNK K 27 -20.07 -46.42 -35.02
CA UNK K 27 -21.18 -45.58 -35.45
C UNK K 27 -21.12 -44.22 -34.81
N UNK K 28 -20.62 -44.15 -33.58
CA UNK K 28 -20.44 -42.85 -32.94
C UNK K 28 -19.38 -42.05 -33.67
N UNK K 29 -18.33 -42.73 -34.12
CA UNK K 29 -17.34 -42.09 -34.98
C UNK K 29 -17.98 -41.65 -36.28
N UNK K 30 -18.91 -42.43 -36.79
CA UNK K 30 -19.55 -42.12 -38.06
C UNK K 30 -20.40 -40.86 -37.95
N UNK K 31 -21.23 -40.78 -36.92
CA UNK K 31 -22.09 -39.63 -36.74
C UNK K 31 -21.29 -38.38 -36.41
N UNK K 32 -20.24 -38.51 -35.60
CA UNK K 32 -19.40 -37.36 -35.31
C UNK K 32 -18.61 -36.94 -36.52
N UNK K 33 -18.26 -37.90 -37.39
CA UNK K 33 -17.51 -37.56 -38.58
C UNK K 33 -18.37 -36.84 -39.59
N UNK K 34 -19.64 -37.24 -39.69
CA UNK K 34 -20.57 -36.48 -40.49
C UNK K 34 -20.77 -35.09 -39.91
N UNK K 35 -20.84 -35.02 -38.58
CA UNK K 35 -21.03 -33.75 -37.90
C UNK K 35 -19.84 -32.82 -38.10
N UNK K 36 -18.64 -33.37 -38.20
CA UNK K 36 -17.47 -32.53 -38.41
C UNK K 36 -17.27 -32.19 -39.87
N UNK K 37 -17.49 -33.14 -40.76
CA UNK K 37 -17.33 -32.89 -42.18
C UNK K 37 -18.39 -31.94 -42.70
N UNK K 38 -19.52 -31.84 -42.03
CA UNK K 38 -20.45 -30.77 -42.30
C UNK K 38 -20.35 -29.62 -41.30
N UNK K 39 -19.65 -29.81 -40.19
CA UNK K 39 -19.47 -28.70 -39.27
C UNK K 39 -18.41 -27.77 -39.76
N UNK K 40 -17.54 -28.25 -40.65
CA UNK K 40 -16.75 -27.36 -41.47
C UNK K 40 -17.65 -26.41 -42.23
N UNK K 41 -18.71 -26.94 -42.85
CA UNK K 41 -19.60 -26.11 -43.65
C UNK K 41 -20.46 -25.22 -42.78
N UNK K 42 -20.89 -25.71 -41.62
CA UNK K 42 -21.72 -24.92 -40.74
C UNK K 42 -20.91 -23.88 -39.96
N UNK K 43 -19.65 -24.17 -39.67
CA UNK K 43 -18.79 -23.19 -39.03
C UNK K 43 -18.37 -22.13 -40.03
N UNK K 44 -18.10 -22.52 -41.28
CA UNK K 44 -17.90 -21.54 -42.33
C UNK K 44 -19.19 -20.82 -42.69
N UNK K 45 -20.33 -21.44 -42.42
CA UNK K 45 -21.61 -20.79 -42.62
C UNK K 45 -21.85 -19.73 -41.56
N UNK K 46 -21.57 -20.07 -40.30
CA UNK K 46 -21.59 -19.08 -39.23
C UNK K 46 -20.57 -17.99 -39.50
N UNK K 47 -19.42 -18.35 -40.06
CA UNK K 47 -18.40 -17.37 -40.40
C UNK K 47 -18.85 -16.47 -41.54
N UNK K 48 -19.47 -17.05 -42.57
CA UNK K 48 -19.94 -16.26 -43.70
C UNK K 48 -21.08 -15.36 -43.29
N UNK K 49 -21.98 -15.89 -42.46
CA UNK K 49 -23.06 -15.11 -41.89
C UNK K 49 -22.53 -13.95 -41.07
N UNK K 50 -21.64 -14.21 -40.11
CA UNK K 50 -21.16 -13.17 -39.22
C UNK K 50 -20.24 -12.18 -39.93
N UNK K 51 -19.35 -12.70 -40.79
CA UNK K 51 -18.43 -11.88 -41.54
C UNK K 51 -19.16 -10.98 -42.53
N UNK K 52 -19.97 -11.57 -43.42
CA UNK K 52 -20.73 -10.76 -44.37
C UNK K 52 -21.82 -9.95 -43.69
N UNK K 53 -22.29 -10.36 -42.51
CA UNK K 53 -23.32 -9.59 -41.83
C UNK K 53 -22.76 -8.35 -41.19
N UNK K 54 -21.59 -8.47 -40.55
CA UNK K 54 -20.90 -7.27 -40.10
C UNK K 54 -20.44 -6.43 -41.29
N UNK K 55 -20.05 -7.08 -42.38
CA UNK K 55 -19.58 -6.39 -43.57
C UNK K 55 -20.70 -5.65 -44.29
N UNK K 56 -21.93 -6.13 -44.19
CA UNK K 56 -23.06 -5.43 -44.77
C UNK K 56 -23.68 -4.43 -43.80
N UNK K 57 -23.54 -4.67 -42.49
CA UNK K 57 -23.99 -3.67 -41.53
C UNK K 57 -23.06 -2.47 -41.52
N UNK K 58 -21.80 -2.66 -41.89
CA UNK K 58 -20.85 -1.57 -41.99
C UNK K 58 -20.42 -1.28 -43.42
N UNK K 59 -21.04 -1.92 -44.41
CA UNK K 59 -20.68 -1.72 -45.81
C UNK K 59 -21.84 -2.05 -46.73
N UNK K 60 -22.03 4.86 -33.48
CA UNK K 60 -22.33 4.91 -34.90
C UNK K 60 -23.54 4.06 -35.19
N UNK K 61 -23.37 3.11 -36.12
CA UNK K 61 -24.39 2.11 -36.37
C UNK K 61 -24.69 1.30 -35.11
N UNK K 62 -23.65 1.06 -34.29
CA UNK K 62 -23.81 0.34 -33.04
C UNK K 62 -24.75 1.07 -32.09
N UNK K 63 -24.45 2.33 -31.78
CA UNK K 63 -25.27 3.08 -30.83
C UNK K 63 -26.63 3.41 -31.42
N UNK K 64 -26.72 3.64 -32.73
CA UNK K 64 -28.00 3.99 -33.34
C UNK K 64 -28.94 2.80 -33.37
N UNK K 65 -28.46 1.65 -33.82
CA UNK K 65 -29.27 0.44 -33.79
C UNK K 65 -29.54 0.00 -32.38
N UNK K 66 -28.63 0.32 -31.45
CA UNK K 66 -28.87 0.06 -30.05
C UNK K 66 -30.01 0.91 -29.52
N UNK K 67 -30.09 2.15 -29.99
CA UNK K 67 -31.19 3.01 -29.62
C UNK K 67 -32.48 2.48 -30.20
N UNK K 68 -32.43 2.02 -31.44
CA UNK K 68 -33.60 1.44 -32.09
C UNK K 68 -34.07 0.20 -31.35
N UNK K 69 -33.13 -0.66 -30.98
CA UNK K 69 -33.49 -1.91 -30.33
C UNK K 69 -33.92 -1.70 -28.90
N UNK K 70 -33.28 -0.77 -28.19
CA UNK K 70 -33.66 -0.51 -26.81
C UNK K 70 -35.01 0.15 -26.75
N UNK K 71 -35.30 1.08 -27.67
CA UNK K 71 -36.61 1.68 -27.72
C UNK K 71 -37.67 0.67 -28.16
N UNK K 72 -37.28 -0.23 -29.07
CA UNK K 72 -38.19 -1.27 -29.48
C UNK K 72 -38.44 -2.25 -28.34
N UNK K 73 -37.41 -2.48 -27.51
CA UNK K 73 -37.57 -3.32 -26.34
C UNK K 73 -38.47 -2.66 -25.33
N UNK K 74 -38.35 -1.34 -25.21
CA UNK K 74 -39.24 -0.58 -24.34
C UNK K 74 -40.68 -0.69 -24.81
N UNK K 75 -40.89 -0.53 -26.11
CA UNK K 75 -42.24 -0.62 -26.67
C UNK K 75 -42.77 -2.03 -26.55
N UNK K 76 -41.90 -3.02 -26.69
CA UNK K 76 -42.31 -4.40 -26.60
C UNK K 76 -42.67 -4.75 -25.18
N UNK K 77 -41.91 -4.25 -24.22
CA UNK K 77 -42.23 -4.49 -22.83
C UNK K 77 -43.47 -3.73 -22.42
N UNK K 78 -43.71 -2.57 -23.04
CA UNK K 78 -44.95 -1.84 -22.78
C UNK K 78 -46.15 -2.62 -23.30
N UNK K 79 -46.01 -3.19 -24.50
CA UNK K 79 -47.06 -4.02 -25.07
C UNK K 79 -47.27 -5.27 -24.24
N UNK K 80 -46.18 -5.85 -23.76
CA UNK K 80 -46.26 -7.04 -22.92
C UNK K 80 -46.90 -6.72 -21.59
N UNK K 81 -46.63 -5.54 -21.05
CA UNK K 81 -47.22 -5.14 -19.78
C UNK K 81 -48.71 -4.92 -19.91
N UNK K 82 -49.12 -4.20 -20.97
CA UNK K 82 -50.53 -3.94 -21.20
C UNK K 82 -51.27 -5.23 -21.51
N UNK K 83 -50.65 -6.12 -22.27
CA UNK K 83 -51.28 -7.38 -22.61
C UNK K 83 -51.35 -8.31 -21.41
N UNK K 84 -50.33 -8.27 -20.56
CA UNK K 84 -50.34 -9.10 -19.38
C UNK K 84 -51.40 -8.66 -18.40
N UNK K 85 -51.51 -7.35 -18.19
CA UNK K 85 -52.55 -6.83 -17.31
C UNK K 85 -53.94 -7.11 -17.88
N UNK K 86 -54.08 -7.02 -19.21
CA UNK K 86 -55.37 -7.26 -19.84
C UNK K 86 -55.80 -8.72 -19.73
N UNK K 87 -54.87 -9.64 -19.96
CA UNK K 87 -55.19 -11.06 -19.85
C UNK K 87 -55.45 -11.46 -18.40
N UNK K 88 -54.71 -10.86 -17.46
CA UNK K 88 -54.96 -11.12 -16.06
C UNK K 88 -56.32 -10.60 -15.64
N UNK K 89 -56.76 -9.48 -16.21
CA UNK K 89 -58.07 -8.94 -15.88
C UNK K 89 -59.18 -9.79 -16.48
N UNK K 90 -58.99 -10.28 -17.72
CA UNK K 90 -60.02 -11.08 -18.36
C UNK K 90 -60.16 -12.45 -17.69
N UNK K 91 -59.05 -13.05 -17.28
CA UNK K 91 -59.10 -14.29 -16.52
C UNK K 91 -59.10 -14.06 -15.02
N UNK K 92 -59.34 -12.83 -14.58
CA UNK K 92 -59.38 -12.54 -13.16
C UNK K 92 -60.79 -12.74 -12.62
N UNK K 93 -62.84 -13.70 -22.08
CA UNK K 93 -62.57 -15.05 -21.62
C UNK K 93 -62.34 -15.96 -22.82
N UNK K 94 -63.41 -16.16 -23.60
CA UNK K 94 -63.43 -17.19 -24.62
C UNK K 94 -62.56 -16.85 -25.83
N UNK K 95 -62.85 -15.73 -26.49
CA UNK K 95 -62.22 -15.42 -27.77
C UNK K 95 -61.19 -14.30 -27.68
N UNK K 96 -61.56 -13.16 -27.09
CA UNK K 96 -60.64 -12.03 -27.02
C UNK K 96 -59.49 -12.29 -26.06
N UNK K 97 -59.77 -12.94 -24.93
CA UNK K 97 -58.72 -13.26 -23.98
C UNK K 97 -57.78 -14.33 -24.53
N UNK K 98 -58.32 -15.30 -25.26
CA UNK K 98 -57.47 -16.33 -25.87
C UNK K 98 -56.60 -15.75 -26.96
N UNK K 99 -57.16 -14.85 -27.78
CA UNK K 99 -56.35 -14.17 -28.79
C UNK K 99 -55.31 -13.26 -28.15
N UNK K 100 -55.64 -12.67 -27.01
CA UNK K 100 -54.67 -11.87 -26.28
C UNK K 100 -53.54 -12.73 -25.73
N UNK K 101 -53.88 -13.93 -25.23
CA UNK K 101 -52.86 -14.81 -24.69
C UNK K 101 -51.95 -15.34 -25.79
N UNK K 102 -52.53 -15.59 -26.97
CA UNK K 102 -51.73 -16.02 -28.11
C UNK K 102 -50.79 -14.92 -28.58
N UNK K 103 -51.31 -13.69 -28.66
CA UNK K 103 -50.47 -12.56 -29.02
C UNK K 103 -49.39 -12.34 -27.99
N UNK K 104 -49.70 -12.61 -26.73
CA UNK K 104 -48.71 -12.49 -25.66
C UNK K 104 -47.65 -13.57 -25.79
N UNK K 105 -48.04 -14.77 -26.22
CA UNK K 105 -47.09 -15.86 -26.39
C UNK K 105 -46.09 -15.53 -27.49
N UNK K 106 -46.60 -15.06 -28.62
CA UNK K 106 -45.72 -14.67 -29.71
C UNK K 106 -44.89 -13.46 -29.32
N UNK K 107 -45.49 -12.58 -28.53
CA UNK K 107 -44.80 -11.38 -28.08
C UNK K 107 -43.67 -11.74 -27.13
N UNK K 108 -43.89 -12.74 -26.28
CA UNK K 108 -42.85 -13.18 -25.36
C UNK K 108 -41.71 -13.84 -26.11
N UNK K 109 -42.05 -14.63 -27.13
CA UNK K 109 -41.04 -15.29 -27.94
C UNK K 109 -40.15 -14.27 -28.64
N UNK K 110 -40.77 -13.36 -29.41
CA UNK K 110 -40.01 -12.30 -30.05
C UNK K 110 -39.38 -11.36 -29.05
N UNK K 111 -39.94 -11.29 -27.85
CA UNK K 111 -39.44 -10.38 -26.83
C UNK K 111 -38.12 -10.86 -26.29
N UNK K 112 -38.07 -12.12 -25.89
CA UNK K 112 -36.83 -12.69 -25.41
C UNK K 112 -35.80 -12.78 -26.53
N UNK K 113 -36.27 -12.99 -27.76
CA UNK K 113 -35.38 -12.94 -28.92
C UNK K 113 -34.72 -11.57 -29.01
N UNK K 114 -35.52 -10.52 -28.90
CA UNK K 114 -34.99 -9.17 -28.92
C UNK K 114 -34.09 -8.90 -27.73
N UNK K 115 -34.40 -9.51 -26.59
CA UNK K 115 -33.62 -9.26 -25.38
C UNK K 115 -32.21 -9.81 -25.52
N UNK K 116 -32.11 -11.08 -25.90
CA UNK K 116 -30.80 -11.69 -26.09
C UNK K 116 -30.08 -11.08 -27.28
N UNK K 117 -30.84 -10.62 -28.28
CA UNK K 117 -30.26 -9.90 -29.41
C UNK K 117 -29.56 -8.63 -28.94
N UNK K 118 -30.26 -7.85 -28.12
CA UNK K 118 -29.72 -6.59 -27.62
C UNK K 118 -28.52 -6.85 -26.74
N UNK K 119 -28.60 -7.90 -25.92
CA UNK K 119 -27.52 -8.24 -25.01
C UNK K 119 -26.26 -8.60 -25.77
N UNK K 120 -26.39 -9.51 -26.75
CA UNK K 120 -25.23 -10.00 -27.46
C UNK K 120 -24.63 -8.94 -28.36
N UNK K 121 -25.46 -8.08 -28.95
CA UNK K 121 -24.91 -7.01 -29.76
C UNK K 121 -24.25 -5.95 -28.91
N UNK K 122 -24.83 -5.65 -27.74
CA UNK K 122 -24.25 -4.65 -26.85
C UNK K 122 -22.93 -5.11 -26.29
N UNK K 123 -22.78 -6.41 -26.08
CA UNK K 123 -21.50 -6.94 -25.67
C UNK K 123 -20.53 -7.03 -26.86
N UNK K 124 -21.04 -7.32 -28.05
CA UNK K 124 -20.20 -7.43 -29.24
C UNK K 124 -19.93 -6.09 -29.88
N UNK K 125 -20.33 -5.00 -29.25
CA UNK K 125 -19.98 -3.68 -29.72
C UNK K 125 -18.49 -3.43 -29.49
N UNK K 126 -17.67 -3.79 -30.47
CA UNK K 126 -16.22 -3.66 -30.38
C UNK K 126 -15.76 -2.21 -30.29
N UNK L 1 -11.52 -80.03 -17.42
CA UNK L 1 -10.66 -80.71 -16.47
C UNK L 1 -9.28 -80.97 -17.07
N UNK L 2 -8.86 -82.23 -17.10
CA UNK L 2 -7.55 -82.57 -17.68
C UNK L 2 -7.54 -82.37 -19.18
N UNK L 3 -8.69 -82.52 -19.83
CA UNK L 3 -8.82 -82.12 -21.22
C UNK L 3 -8.77 -80.61 -21.39
N UNK L 4 -9.12 -79.85 -20.35
CA UNK L 4 -9.05 -78.40 -20.42
C UNK L 4 -7.63 -77.87 -20.26
N UNK L 5 -6.64 -78.75 -20.06
CA UNK L 5 -5.26 -78.32 -19.86
C UNK L 5 -4.69 -77.63 -21.09
N UNK L 6 -5.14 -78.01 -22.27
CA UNK L 6 -4.90 -77.20 -23.45
C UNK L 6 -6.05 -76.25 -23.75
N UNK L 7 -7.27 -76.62 -23.38
CA UNK L 7 -8.41 -75.74 -23.62
C UNK L 7 -8.37 -74.53 -22.72
N UNK L 8 -7.63 -74.58 -21.62
CA UNK L 8 -7.24 -73.34 -20.97
C UNK L 8 -6.38 -72.50 -21.90
N UNK L 9 -5.37 -73.14 -22.52
CA UNK L 9 -4.46 -72.43 -23.41
C UNK L 9 -5.11 -72.02 -24.73
N UNK L 10 -6.37 -72.40 -24.96
CA UNK L 10 -7.17 -71.76 -25.99
C UNK L 10 -8.09 -70.70 -25.39
N UNK L 11 -8.94 -71.09 -24.43
CA UNK L 11 -10.03 -70.24 -23.99
C UNK L 11 -9.53 -69.05 -23.19
N UNK L 12 -8.69 -69.28 -22.18
CA UNK L 12 -8.22 -68.18 -21.35
C UNK L 12 -7.29 -67.27 -22.12
N UNK L 13 -6.55 -67.82 -23.08
CA UNK L 13 -5.77 -66.97 -23.96
C UNK L 13 -6.67 -66.09 -24.82
N UNK L 14 -7.79 -66.65 -25.28
CA UNK L 14 -8.74 -65.84 -26.04
C UNK L 14 -9.39 -64.79 -25.15
N UNK L 15 -9.57 -65.11 -23.88
CA UNK L 15 -10.11 -64.13 -22.95
C UNK L 15 -9.11 -63.00 -22.72
N UNK L 16 -7.82 -63.33 -22.69
CA UNK L 16 -6.80 -62.30 -22.59
C UNK L 16 -6.75 -61.46 -23.84
N UNK L 17 -7.01 -62.07 -24.99
CA UNK L 17 -7.16 -61.30 -26.22
C UNK L 17 -8.35 -60.36 -26.12
N UNK L 18 -9.45 -60.84 -25.55
CA UNK L 18 -10.64 -60.02 -25.38
C UNK L 18 -10.38 -58.88 -24.41
N UNK L 19 -9.53 -59.13 -23.42
CA UNK L 19 -9.23 -58.08 -22.46
C UNK L 19 -8.28 -57.06 -23.07
N UNK L 20 -7.34 -57.51 -23.89
CA UNK L 20 -6.45 -56.58 -24.57
C UNK L 20 -7.23 -55.72 -25.54
N UNK L 21 -8.13 -56.34 -26.29
CA UNK L 21 -9.02 -55.59 -27.17
C UNK L 21 -9.94 -54.69 -26.37
N UNK L 22 -10.36 -55.15 -25.19
CA UNK L 22 -11.27 -54.37 -24.36
C UNK L 22 -10.60 -53.10 -23.89
N UNK L 23 -9.38 -53.22 -23.38
CA UNK L 23 -8.63 -52.06 -22.94
C UNK L 23 -8.30 -51.15 -24.12
N UNK L 24 -7.96 -51.72 -25.27
CA UNK L 24 -7.58 -50.92 -26.41
C UNK L 24 -8.76 -50.15 -26.97
N UNK L 25 -9.88 -50.83 -27.12
CA UNK L 25 -11.08 -50.19 -27.64
C UNK L 25 -11.65 -49.21 -26.65
N UNK L 26 -11.50 -49.46 -25.35
CA UNK L 26 -11.95 -48.48 -24.39
C UNK L 26 -11.04 -47.26 -24.40
N UNK L 27 -9.76 -47.45 -24.69
CA UNK L 27 -8.87 -46.31 -24.87
C UNK L 27 -9.27 -45.49 -26.08
N UNK L 28 -9.62 -46.18 -27.17
CA UNK L 28 -10.12 -45.50 -28.35
C UNK L 28 -11.42 -44.79 -28.07
N UNK L 29 -12.26 -45.39 -27.22
CA UNK L 29 -13.53 -44.80 -26.86
C UNK L 29 -13.33 -43.53 -26.07
N UNK L 30 -12.35 -43.53 -25.16
CA UNK L 30 -12.08 -42.32 -24.39
C UNK L 30 -11.47 -41.24 -25.26
N UNK L 31 -10.76 -41.62 -26.32
CA UNK L 31 -10.36 -40.64 -27.31
C UNK L 31 -11.58 -40.10 -28.04
N UNK L 32 -12.47 -41.00 -28.43
CA UNK L 32 -13.57 -40.64 -29.31
C UNK L 32 -14.60 -39.78 -28.59
N UNK L 33 -14.84 -40.05 -27.31
CA UNK L 33 -15.85 -39.30 -26.58
C UNK L 33 -15.38 -37.88 -26.34
N UNK L 34 -14.08 -37.70 -26.09
CA UNK L 34 -13.52 -36.36 -26.00
C UNK L 34 -13.65 -35.64 -27.33
N UNK L 35 -13.35 -36.34 -28.43
CA UNK L 35 -13.52 -35.75 -29.75
C UNK L 35 -14.97 -35.36 -30.00
N UNK L 36 -15.90 -36.20 -29.57
CA UNK L 36 -17.31 -35.98 -29.85
C UNK L 36 -17.82 -34.77 -29.09
N UNK L 37 -17.59 -34.73 -27.78
CA UNK L 37 -18.08 -33.60 -27.00
C UNK L 37 -17.36 -32.32 -27.36
N UNK L 38 -16.07 -32.41 -27.73
CA UNK L 38 -15.35 -31.21 -28.11
C UNK L 38 -15.85 -30.64 -29.42
N UNK L 39 -16.05 -31.50 -30.42
CA UNK L 39 -16.50 -31.02 -31.71
C UNK L 39 -17.92 -30.51 -31.63
N UNK L 40 -18.75 -31.17 -30.84
CA UNK L 40 -20.10 -30.66 -30.61
C UNK L 40 -20.06 -29.33 -29.89
N UNK L 41 -19.07 -29.11 -29.02
CA UNK L 41 -18.94 -27.82 -28.35
C UNK L 41 -18.58 -26.72 -29.34
N UNK L 42 -17.64 -27.02 -30.25
CA UNK L 42 -17.19 -26.02 -31.20
C UNK L 42 -18.30 -25.63 -32.17
N UNK L 43 -18.93 -26.64 -32.78
CA UNK L 43 -20.04 -26.37 -33.69
C UNK L 43 -21.24 -25.78 -32.97
N UNK L 44 -21.38 -26.10 -31.68
CA UNK L 44 -22.47 -25.56 -30.89
C UNK L 44 -22.32 -24.07 -30.70
N UNK L 45 -21.14 -23.62 -30.27
CA UNK L 45 -20.88 -22.20 -30.13
C UNK L 45 -21.00 -21.49 -31.46
N UNK L 46 -20.56 -22.17 -32.55
CA UNK L 46 -20.61 -21.57 -33.87
C UNK L 46 -22.04 -21.31 -34.36
N UNK L 47 -22.85 -22.37 -34.42
CA UNK L 47 -24.21 -22.19 -34.93
C UNK L 47 -25.07 -21.41 -33.96
N UNK L 48 -24.74 -21.43 -32.67
CA UNK L 48 -25.43 -20.59 -31.71
C UNK L 48 -25.19 -19.14 -32.01
N UNK L 49 -23.93 -18.79 -32.31
CA UNK L 49 -23.63 -17.44 -32.73
C UNK L 49 -24.28 -17.10 -34.06
N UNK L 50 -24.43 -18.10 -34.94
CA UNK L 50 -25.02 -17.85 -36.26
C UNK L 50 -26.49 -17.47 -36.14
N UNK L 51 -27.26 -18.30 -35.43
CA UNK L 51 -28.67 -17.99 -35.22
C UNK L 51 -28.84 -16.74 -34.40
N UNK L 52 -27.93 -16.51 -33.44
CA UNK L 52 -28.01 -15.31 -32.61
C UNK L 52 -27.80 -14.05 -33.42
N UNK L 53 -26.80 -14.06 -34.30
CA UNK L 53 -26.51 -12.89 -35.11
C UNK L 53 -27.63 -12.63 -36.12
N UNK L 54 -28.15 -13.69 -36.73
CA UNK L 54 -29.18 -13.50 -37.75
C UNK L 54 -30.48 -13.01 -37.14
N UNK L 55 -30.93 -13.65 -36.05
CA UNK L 55 -32.13 -13.19 -35.39
C UNK L 55 -31.93 -11.87 -34.68
N UNK L 56 -30.68 -11.48 -34.41
CA UNK L 56 -30.44 -10.16 -33.85
C UNK L 56 -30.61 -9.09 -34.91
N UNK L 57 -30.02 -9.32 -36.09
CA UNK L 57 -30.13 -8.31 -37.14
C UNK L 57 -31.55 -8.21 -37.66
N UNK L 58 -32.26 -9.34 -37.71
CA UNK L 58 -33.61 -9.33 -38.24
C UNK L 58 -34.67 -9.02 -37.20
N UNK L 59 -34.28 -8.38 -36.10
CA UNK L 59 -35.16 -7.92 -35.01
C UNK L 59 -36.00 -9.03 -34.40
N UNK L 60 -46.45 -6.86 -34.86
CA UNK L 60 -47.26 -7.58 -35.84
C UNK L 60 -47.70 -8.93 -35.29
N UNK L 61 -48.91 -9.37 -35.63
CA UNK L 61 -49.39 -10.68 -35.20
C UNK L 61 -50.31 -11.37 -36.21
N UNK L 62 -50.60 -10.76 -37.34
CA UNK L 62 -51.64 -11.29 -38.24
C UNK L 62 -51.19 -12.51 -38.99
N UNK L 63 -49.88 -12.65 -39.20
CA UNK L 63 -49.30 -13.71 -40.01
C UNK L 63 -49.51 -15.10 -39.42
N UNK L 64 -49.87 -15.19 -38.15
CA UNK L 64 -50.38 -16.41 -37.57
C UNK L 64 -51.73 -16.22 -36.88
N UNK L 65 -52.19 -14.98 -36.69
CA UNK L 65 -53.55 -14.79 -36.22
C UNK L 65 -54.55 -15.31 -37.23
N UNK L 66 -54.26 -15.13 -38.52
CA UNK L 66 -55.19 -15.61 -39.52
C UNK L 66 -55.13 -17.12 -39.70
N UNK L 67 -54.15 -17.79 -39.10
CA UNK L 67 -54.20 -19.23 -39.02
C UNK L 67 -54.91 -19.68 -37.75
N UNK L 68 -54.51 -19.14 -36.61
CA UNK L 68 -55.06 -19.53 -35.32
C UNK L 68 -56.47 -19.04 -35.08
N UNK L 69 -57.04 -18.28 -36.02
CA UNK L 69 -58.47 -18.08 -36.03
C UNK L 69 -59.23 -19.39 -36.09
N UNK L 70 -58.71 -20.36 -36.85
CA UNK L 70 -59.33 -21.68 -36.89
C UNK L 70 -59.22 -22.38 -35.54
N UNK L 71 -58.12 -22.17 -34.83
CA UNK L 71 -57.94 -22.79 -33.52
C UNK L 71 -58.84 -22.16 -32.48
N UNK L 72 -58.95 -20.82 -32.50
CA UNK L 72 -59.86 -20.11 -31.62
C UNK L 72 -61.31 -20.45 -31.92
N UNK L 73 -61.60 -20.80 -33.18
CA UNK L 73 -62.92 -21.32 -33.52
C UNK L 73 -63.15 -22.69 -32.90
N UNK L 74 -62.25 -23.62 -33.19
CA UNK L 74 -62.48 -25.01 -32.84
C UNK L 74 -62.28 -25.31 -31.37
N UNK L 75 -61.67 -24.40 -30.60
CA UNK L 75 -61.37 -24.69 -29.20
C UNK L 75 -62.60 -24.66 -28.30
N UNK M 1 83.10 -27.91 10.37
CA UNK M 1 84.32 -27.20 10.00
C UNK M 1 84.74 -26.26 11.11
N UNK M 2 84.36 -26.61 12.34
CA UNK M 2 84.50 -25.70 13.47
C UNK M 2 85.96 -25.48 13.85
N UNK M 3 86.69 -26.57 14.10
CA UNK M 3 88.08 -26.45 14.52
C UNK M 3 88.97 -26.01 13.36
N UNK M 4 88.60 -26.39 12.12
CA UNK M 4 89.32 -25.93 10.96
C UNK M 4 89.21 -24.41 10.81
N UNK M 5 88.00 -23.87 10.99
CA UNK M 5 87.82 -22.43 11.00
C UNK M 5 88.53 -21.79 12.18
N UNK M 6 88.60 -22.48 13.32
CA UNK M 6 89.28 -21.95 14.50
C UNK M 6 90.77 -21.76 14.26
N UNK M 7 91.44 -22.80 13.77
CA UNK M 7 92.87 -22.71 13.53
C UNK M 7 93.19 -21.77 12.37
N UNK M 8 92.39 -21.80 11.30
CA UNK M 8 92.64 -20.92 10.16
C UNK M 8 92.41 -19.46 10.54
N UNK M 9 91.39 -19.18 11.34
CA UNK M 9 91.16 -17.82 11.79
C UNK M 9 92.22 -17.36 12.77
N UNK M 10 92.78 -18.29 13.55
CA UNK M 10 93.89 -17.94 14.44
C UNK M 10 95.13 -17.56 13.62
N UNK M 11 95.42 -18.32 12.57
CA UNK M 11 96.56 -18.01 11.72
C UNK M 11 96.36 -16.70 10.97
N UNK M 12 95.14 -16.46 10.49
CA UNK M 12 94.86 -15.21 9.78
C UNK M 12 94.85 -14.00 10.71
N UNK M 13 94.43 -14.19 11.96
CA UNK M 13 94.45 -13.09 12.92
C UNK M 13 95.86 -12.73 13.32
N UNK M 14 96.71 -13.75 13.52
CA UNK M 14 98.13 -13.49 13.78
C UNK M 14 98.80 -12.83 12.57
N UNK M 15 98.38 -13.21 11.36
CA UNK M 15 98.94 -12.62 10.16
C UNK M 15 98.52 -11.16 10.00
N UNK M 16 97.25 -10.85 10.28
CA UNK M 16 96.78 -9.47 10.18
C UNK M 16 97.42 -8.60 11.23
N UNK M 17 97.61 -9.13 12.45
CA UNK M 17 98.31 -8.38 13.49
C UNK M 17 99.76 -8.17 13.14
N UNK M 18 100.40 -9.15 12.49
CA UNK M 18 101.77 -8.98 12.03
C UNK M 18 101.88 -7.94 10.93
N UNK M 19 100.91 -7.91 10.01
CA UNK M 19 100.94 -6.96 8.91
C UNK M 19 100.69 -5.54 9.40
N UNK M 20 99.78 -5.36 10.36
CA UNK M 20 99.55 -4.03 10.90
C UNK M 20 100.68 -3.57 11.82
N UNK M 21 101.33 -4.50 12.53
CA UNK M 21 102.45 -4.12 13.38
C UNK M 21 103.69 -3.79 12.56
N UNK M 22 103.86 -4.45 11.41
CA UNK M 22 104.95 -4.08 10.51
C UNK M 22 104.61 -2.84 9.70
N UNK M 23 103.32 -2.56 9.50
CA UNK M 23 102.90 -1.37 8.77
C UNK M 23 102.97 -0.14 9.65
#